data_8I5A
#
_entry.id   8I5A
#
_cell.length_a   112.860
_cell.length_b   112.860
_cell.length_c   343.319
_cell.angle_alpha   90.000
_cell.angle_beta   90.000
_cell.angle_gamma   90.000
#
_symmetry.space_group_name_H-M   'P 41 21 2'
#
_entity_poly.entity_id   1
_entity_poly.type   'polypeptide(L)'
_entity_poly.pdbx_seq_one_letter_code
;MNHKVHHHHHHIEGRHMITITGYSDVLSAGPGETVEFKVSSKSPHPFTAELVRVIHADPNPAGPGMRFEPLGQVFSGTFA
SFDKPLLPGSFARVSGVPAAGSAAGLVAGARIRPTALARGDQCVMSQWNTARHAGFALLVSERGLELRLGAGTGEPPVCV
LCAARLEVRWYDVWFAIDTASNRIEVGVTEVDGSVAAPVRHRTLQMLDARWRAPHSDDAADLLIGALEDGAGRRAHFNGQ
IEAPFVADALPSPATPAATVEYAAPRASDFSTDALYAAWDFARGIDTLKIADTTPHARHGTLQNLPTRAVRSSAWNGRER
CWRTAPAHYAAIHFHDDDLHDAGWSTDFAFTVPATLKSGAYAMRLSVDGATDYLPFYVRPELGRPGAPLVFVAATYTYQA
YANYARGNFDAALRDKVGRWGAYPHNPDDHPEVGLATYNLHSDGSGVMFSSRLRPMLTMRPGFLTFDDSRGSGCRHYIAD
SHLLDWLEHEGFSFDVVTDDDLERFGAALLEPYAAVLTGTHPEYHTAATLDALAGYKRSGGNLAYLGGNGFYWRVGRSER
VPGALEVRRTEGGVRAWAAEAGEYFHALDGEYGGLWRSSARTPQQLVGVGFSSQGPFEGSHYRVLDAARSQPGGSLLKDI
AGPLFGGYGLSGGGAAGFELDSTEAADGTPANVIILARSESHSAAFGPALDALLSHTATRARKTPDTLIRSEIVYYETGY
GGAVFSVGSITFCGALSHNDYRNDVSTLLRNVLIRFSRDRGAQAHAVPAVAHTEVD
;
_entity_poly.pdbx_strand_id   A,B
#
# COMPACT_ATOMS: atom_id res chain seq x y z
N ILE A 18 -13.26 35.97 16.56
CA ILE A 18 -11.96 36.07 17.28
C ILE A 18 -11.40 37.46 17.22
N THR A 19 -11.18 38.07 18.38
CA THR A 19 -10.81 39.48 18.43
C THR A 19 -9.43 39.73 17.81
N ILE A 20 -8.42 38.97 18.26
CA ILE A 20 -7.06 39.17 17.76
C ILE A 20 -6.38 37.81 17.57
N THR A 21 -5.70 37.65 16.44
CA THR A 21 -4.92 36.44 16.13
C THR A 21 -3.91 36.79 15.04
N GLY A 22 -3.06 35.82 14.69
CA GLY A 22 -2.08 36.06 13.65
C GLY A 22 -1.14 34.88 13.48
N TYR A 23 -0.05 35.13 12.75
CA TYR A 23 0.93 34.09 12.44
C TYR A 23 2.24 34.74 12.02
N SER A 24 3.29 33.92 11.91
CA SER A 24 4.60 34.40 11.51
C SER A 24 5.04 33.74 10.21
N ASP A 25 5.89 34.46 9.46
CA ASP A 25 6.39 33.93 8.21
C ASP A 25 7.26 32.71 8.41
N VAL A 26 7.99 32.66 9.53
CA VAL A 26 8.83 31.52 9.88
C VAL A 26 8.55 31.20 11.34
N LEU A 27 8.97 30.02 11.75
CA LEU A 27 8.70 29.57 13.11
C LEU A 27 9.96 29.50 13.95
N SER A 28 11.13 29.71 13.35
CA SER A 28 12.39 29.70 14.06
C SER A 28 13.33 30.70 13.40
N ALA A 29 14.17 31.34 14.22
CA ALA A 29 15.18 32.26 13.71
C ALA A 29 16.40 32.20 14.61
N GLY A 30 17.57 32.17 13.99
CA GLY A 30 18.81 32.22 14.73
C GLY A 30 19.28 33.64 14.98
N PRO A 31 20.48 33.78 15.55
CA PRO A 31 21.01 35.12 15.82
C PRO A 31 21.12 35.93 14.55
N GLY A 32 20.52 37.12 14.56
CA GLY A 32 20.55 37.99 13.42
C GLY A 32 19.46 37.77 12.40
N GLU A 33 18.62 36.74 12.58
CA GLU A 33 17.51 36.48 11.69
C GLU A 33 16.24 37.17 12.20
N THR A 34 15.31 37.40 11.28
CA THR A 34 14.13 38.21 11.56
C THR A 34 12.87 37.38 11.39
N VAL A 35 11.95 37.53 12.33
CA VAL A 35 10.62 36.94 12.25
C VAL A 35 9.63 38.06 11.96
N GLU A 36 8.83 37.90 10.91
CA GLU A 36 7.79 38.85 10.54
C GLU A 36 6.47 38.34 11.09
N PHE A 37 5.75 39.18 11.83
CA PHE A 37 4.51 38.79 12.47
C PHE A 37 3.34 39.45 11.75
N LYS A 38 2.29 38.69 11.49
CA LYS A 38 1.13 39.18 10.76
C LYS A 38 -0.08 38.99 11.65
N VAL A 39 -0.64 40.10 12.13
CA VAL A 39 -1.68 40.12 13.15
C VAL A 39 -2.94 40.66 12.52
N SER A 40 -4.09 40.08 12.86
CA SER A 40 -5.36 40.62 12.41
C SER A 40 -6.19 40.95 13.64
N SER A 41 -6.47 42.24 13.81
CA SER A 41 -7.19 42.76 14.97
C SER A 41 -8.45 43.44 14.49
N LYS A 42 -9.59 43.02 15.04
CA LYS A 42 -10.87 43.56 14.63
C LYS A 42 -11.41 44.61 15.61
N SER A 43 -10.53 45.14 16.54
CA SER A 43 -10.79 46.25 17.44
C SER A 43 -10.43 47.58 16.76
N PRO A 44 -11.05 48.69 17.16
CA PRO A 44 -10.69 49.98 16.56
C PRO A 44 -9.43 50.62 17.13
N HIS A 45 -8.97 50.20 18.38
CA HIS A 45 -7.81 50.62 19.14
C HIS A 45 -6.58 49.80 18.77
N PRO A 46 -5.39 50.39 18.88
CA PRO A 46 -4.15 49.62 18.66
C PRO A 46 -3.98 48.48 19.67
N PHE A 47 -3.18 47.49 19.29
CA PHE A 47 -2.85 46.34 20.12
C PHE A 47 -1.40 46.44 20.60
N THR A 48 -1.09 45.66 21.64
CA THR A 48 0.26 45.60 22.20
C THR A 48 0.92 44.24 21.95
N ALA A 49 2.22 44.26 21.67
CA ALA A 49 3.01 43.05 21.50
C ALA A 49 4.12 43.03 22.53
N GLU A 50 4.24 41.92 23.27
CA GLU A 50 5.28 41.78 24.28
C GLU A 50 5.92 40.41 24.19
N LEU A 51 7.25 40.37 24.06
CA LEU A 51 7.98 39.11 24.00
C LEU A 51 7.90 38.39 25.34
N VAL A 52 7.61 37.09 25.32
CA VAL A 52 7.67 36.25 26.51
C VAL A 52 8.42 34.97 26.16
N ARG A 53 8.98 34.34 27.18
CA ARG A 53 9.49 32.98 27.05
C ARG A 53 8.45 32.05 27.68
N VAL A 54 7.98 31.07 26.90
CA VAL A 54 7.02 30.10 27.40
C VAL A 54 7.77 29.06 28.22
N ILE A 55 7.31 28.85 29.46
CA ILE A 55 7.91 27.88 30.37
C ILE A 55 7.00 26.68 30.57
N HIS A 56 5.72 26.92 30.82
CA HIS A 56 4.71 25.87 30.92
C HIS A 56 3.44 26.41 30.30
N ALA A 57 2.84 25.65 29.37
CA ALA A 57 1.68 26.12 28.64
C ALA A 57 0.41 25.36 28.99
N ASP A 58 0.45 24.47 29.99
CA ASP A 58 -0.73 23.70 30.37
C ASP A 58 -1.44 24.40 31.53
N PRO A 59 -2.66 24.89 31.33
CA PRO A 59 -3.36 25.62 32.40
C PRO A 59 -4.09 24.75 33.42
N ASN A 60 -3.84 23.44 33.47
CA ASN A 60 -4.54 22.57 34.42
C ASN A 60 -4.17 23.02 35.84
N PRO A 61 -5.14 23.42 36.66
CA PRO A 61 -4.81 23.80 38.04
C PRO A 61 -4.07 22.71 38.82
N ALA A 62 -4.27 21.44 38.51
CA ALA A 62 -3.63 20.39 39.29
C ALA A 62 -2.15 20.21 38.97
N GLY A 63 -1.59 21.04 38.09
CA GLY A 63 -0.20 20.98 37.72
C GLY A 63 0.45 22.34 37.68
N PRO A 64 1.72 22.40 37.28
CA PRO A 64 2.52 23.64 37.38
C PRO A 64 1.84 24.94 36.92
N GLY A 65 0.76 24.84 36.16
CA GLY A 65 0.04 26.02 35.73
C GLY A 65 0.80 26.78 34.66
N MET A 66 0.15 27.82 34.16
CA MET A 66 0.75 28.67 33.12
C MET A 66 1.93 29.45 33.68
N ARG A 67 3.01 29.54 32.89
CA ARG A 67 4.26 30.17 33.35
C ARG A 67 4.98 30.81 32.19
N PHE A 68 5.20 32.13 32.28
CA PHE A 68 5.99 32.87 31.30
C PHE A 68 7.07 33.67 32.03
N GLU A 69 8.07 34.11 31.28
CA GLU A 69 9.06 35.07 31.77
C GLU A 69 8.94 36.31 30.90
N PRO A 70 8.36 37.40 31.39
CA PRO A 70 8.13 38.57 30.53
C PRO A 70 9.44 39.24 30.13
N LEU A 71 9.56 39.53 28.84
CA LEU A 71 10.74 40.19 28.27
C LEU A 71 10.31 41.40 27.44
N GLY A 72 9.39 42.22 27.97
CA GLY A 72 9.01 43.41 27.25
C GLY A 72 10.17 44.37 27.03
N GLN A 73 11.20 44.31 27.88
CA GLN A 73 12.41 45.10 27.74
C GLN A 73 13.33 44.60 26.63
N VAL A 74 13.08 43.41 26.09
CA VAL A 74 13.81 42.92 24.91
C VAL A 74 13.11 43.34 23.64
N PHE A 75 11.79 43.15 23.58
CA PHE A 75 10.97 43.69 22.51
C PHE A 75 9.60 44.02 23.07
N SER A 76 9.16 45.26 22.90
CA SER A 76 7.82 45.69 23.22
C SER A 76 7.40 46.72 22.19
N GLY A 77 6.10 46.80 21.94
CA GLY A 77 5.59 47.77 20.99
C GLY A 77 4.08 47.85 21.01
N THR A 78 3.57 48.97 20.50
CA THR A 78 2.14 49.21 20.33
C THR A 78 1.89 49.52 18.86
N PHE A 79 0.94 48.79 18.24
CA PHE A 79 0.74 48.86 16.80
C PHE A 79 -0.74 48.98 16.43
N ALA A 80 -0.98 49.63 15.28
CA ALA A 80 -2.33 49.88 14.78
C ALA A 80 -3.05 48.60 14.35
N SER A 81 -4.34 48.52 14.71
CA SER A 81 -5.16 47.35 14.42
C SER A 81 -5.78 47.43 13.03
N PHE A 82 -5.51 46.44 12.19
CA PHE A 82 -6.21 46.23 10.93
C PHE A 82 -6.85 44.86 10.98
N ASP A 83 -8.13 44.79 10.64
CA ASP A 83 -8.87 43.54 10.58
C ASP A 83 -8.66 42.93 9.19
N LYS A 84 -7.94 41.77 9.13
CA LYS A 84 -7.64 41.10 7.86
C LYS A 84 -8.40 39.78 7.73
N PRO A 85 -8.92 39.48 6.54
CA PRO A 85 -9.87 38.36 6.35
C PRO A 85 -9.24 36.99 6.05
N LEU A 86 -10.08 35.96 6.17
CA LEU A 86 -9.77 34.59 5.81
C LEU A 86 -10.77 34.12 4.77
N LEU A 87 -10.30 33.78 3.57
CA LEU A 87 -11.20 33.36 2.49
C LEU A 87 -10.83 31.95 2.03
N PRO A 88 -11.43 30.92 2.60
CA PRO A 88 -11.19 29.55 2.12
C PRO A 88 -11.80 29.34 0.74
N GLY A 89 -11.30 28.32 0.05
CA GLY A 89 -11.77 27.89 -1.29
C GLY A 89 -10.67 28.06 -2.31
N SER A 90 -10.38 26.99 -3.05
CA SER A 90 -9.29 26.99 -4.02
C SER A 90 -9.82 27.28 -5.42
N PHE A 91 -8.96 27.87 -6.24
CA PHE A 91 -9.34 28.25 -7.60
C PHE A 91 -8.08 28.74 -8.31
N ALA A 92 -8.21 28.97 -9.61
CA ALA A 92 -7.13 29.51 -10.40
C ALA A 92 -7.54 30.85 -10.99
N ARG A 93 -6.60 31.80 -11.05
CA ARG A 93 -6.85 33.11 -11.65
C ARG A 93 -5.95 33.31 -12.86
N VAL A 94 -6.54 33.54 -14.03
CA VAL A 94 -5.83 33.98 -15.21
C VAL A 94 -6.03 35.50 -15.34
N SER A 95 -4.98 36.27 -15.11
CA SER A 95 -5.11 37.73 -15.08
C SER A 95 -4.45 38.39 -16.28
N GLY A 96 -4.84 39.65 -16.52
CA GLY A 96 -4.29 40.38 -17.64
C GLY A 96 -4.71 39.85 -18.99
N VAL A 97 -5.97 39.44 -19.14
CA VAL A 97 -6.46 38.92 -20.42
C VAL A 97 -7.70 39.71 -20.84
N PRO A 98 -7.97 39.84 -22.14
CA PRO A 98 -9.17 40.56 -22.58
C PRO A 98 -10.43 39.75 -22.30
N ALA A 99 -11.57 40.38 -22.54
CA ALA A 99 -12.82 39.65 -22.44
C ALA A 99 -12.92 38.68 -23.60
N ALA A 100 -13.38 37.46 -23.31
CA ALA A 100 -13.44 36.43 -24.34
C ALA A 100 -14.68 36.61 -25.21
N GLY A 101 -14.56 36.22 -26.47
CA GLY A 101 -15.67 36.32 -27.40
C GLY A 101 -15.34 37.08 -28.67
N SER A 102 -16.14 36.86 -29.71
CA SER A 102 -16.01 37.55 -30.99
C SER A 102 -17.39 37.78 -31.56
N ALA A 103 -17.43 38.36 -32.76
CA ALA A 103 -18.72 38.54 -33.42
C ALA A 103 -19.32 37.21 -33.82
N ALA A 104 -18.51 36.15 -33.87
CA ALA A 104 -19.05 34.83 -34.18
C ALA A 104 -19.62 34.16 -32.94
N GLY A 105 -19.10 34.51 -31.75
CA GLY A 105 -19.61 33.98 -30.50
C GLY A 105 -18.58 33.64 -29.45
N LEU A 106 -18.89 32.63 -28.63
CA LEU A 106 -18.05 32.24 -27.50
C LEU A 106 -18.30 30.76 -27.19
N VAL A 107 -17.22 30.00 -26.97
CA VAL A 107 -17.32 28.61 -26.55
C VAL A 107 -16.38 28.39 -25.37
N ALA A 108 -16.88 27.72 -24.34
CA ALA A 108 -16.02 27.35 -23.22
C ALA A 108 -16.48 26.01 -22.66
N GLY A 109 -15.54 25.27 -22.08
CA GLY A 109 -15.88 23.97 -21.54
C GLY A 109 -14.72 23.36 -20.77
N ALA A 110 -14.95 22.16 -20.27
CA ALA A 110 -14.00 21.47 -19.42
C ALA A 110 -14.49 20.04 -19.24
N ARG A 111 -13.59 19.20 -18.75
CA ARG A 111 -13.92 17.87 -18.26
C ARG A 111 -13.92 17.96 -16.75
N ILE A 112 -15.02 17.55 -16.11
CA ILE A 112 -15.21 17.78 -14.69
C ILE A 112 -15.65 16.51 -14.00
N ARG A 113 -15.34 16.44 -12.70
CA ARG A 113 -15.82 15.38 -11.82
C ARG A 113 -16.24 16.04 -10.52
N PRO A 114 -17.53 16.40 -10.39
CA PRO A 114 -18.00 17.10 -9.18
C PRO A 114 -18.14 16.14 -8.00
N THR A 115 -17.58 16.51 -6.86
CA THR A 115 -17.56 15.60 -5.72
C THR A 115 -18.50 16.01 -4.60
N ALA A 116 -19.28 17.08 -4.77
CA ALA A 116 -20.21 17.47 -3.72
C ALA A 116 -21.27 18.43 -4.25
N LEU A 117 -22.15 17.95 -5.13
CA LEU A 117 -23.06 18.86 -5.82
C LEU A 117 -24.16 19.36 -4.90
N ALA A 118 -24.37 18.69 -3.76
CA ALA A 118 -25.42 19.13 -2.86
C ALA A 118 -25.06 20.41 -2.14
N ARG A 119 -23.84 20.94 -2.34
CA ARG A 119 -23.38 22.14 -1.66
C ARG A 119 -23.75 23.46 -2.36
N GLY A 120 -24.39 23.42 -3.51
CA GLY A 120 -24.89 24.64 -4.11
C GLY A 120 -24.25 24.92 -5.46
N ASP A 121 -24.46 26.14 -5.91
CA ASP A 121 -23.89 26.55 -7.20
C ASP A 121 -22.38 26.56 -7.09
N GLN A 122 -21.71 25.79 -7.96
CA GLN A 122 -20.25 25.66 -7.96
C GLN A 122 -19.74 25.90 -9.36
N CYS A 123 -18.87 26.90 -9.51
CA CYS A 123 -18.50 27.42 -10.82
C CYS A 123 -17.34 26.65 -11.43
N VAL A 124 -17.53 26.18 -12.67
CA VAL A 124 -16.43 25.56 -13.40
C VAL A 124 -15.48 26.62 -13.92
N MET A 125 -16.00 27.57 -14.69
CA MET A 125 -15.20 28.63 -15.28
C MET A 125 -16.04 29.90 -15.37
N SER A 126 -15.42 31.04 -15.13
CA SER A 126 -16.14 32.30 -15.21
C SER A 126 -15.19 33.44 -15.58
N GLN A 127 -15.75 34.48 -16.18
CA GLN A 127 -15.08 35.76 -16.42
C GLN A 127 -16.14 36.84 -16.25
N TRP A 128 -15.98 37.72 -15.25
CA TRP A 128 -17.04 38.66 -14.86
C TRP A 128 -16.46 40.01 -14.43
N ASN A 129 -16.72 41.04 -15.24
CA ASN A 129 -16.53 42.44 -14.86
C ASN A 129 -17.73 42.87 -14.00
N THR A 130 -17.50 43.08 -12.70
CA THR A 130 -18.62 43.28 -11.81
C THR A 130 -19.32 44.60 -12.08
N ALA A 131 -18.55 45.65 -12.44
CA ALA A 131 -19.16 46.96 -12.63
C ALA A 131 -20.02 47.00 -13.89
N ARG A 132 -19.46 46.57 -15.02
CA ARG A 132 -20.18 46.68 -16.29
C ARG A 132 -21.19 45.56 -16.51
N HIS A 133 -21.36 44.67 -15.54
CA HIS A 133 -22.27 43.53 -15.63
C HIS A 133 -22.13 42.80 -16.97
N ALA A 134 -20.89 42.42 -17.28
CA ALA A 134 -20.51 41.84 -18.56
C ALA A 134 -19.65 40.61 -18.32
N GLY A 135 -20.00 39.50 -18.97
CA GLY A 135 -19.16 38.32 -18.88
C GLY A 135 -19.99 37.04 -18.95
N PHE A 136 -19.39 35.97 -18.43
CA PHE A 136 -20.02 34.66 -18.47
C PHE A 136 -19.62 33.88 -17.22
N ALA A 137 -20.42 32.86 -16.91
CA ALA A 137 -20.11 31.92 -15.84
C ALA A 137 -20.85 30.61 -16.11
N LEU A 138 -20.12 29.50 -16.07
CA LEU A 138 -20.67 28.16 -16.28
C LEU A 138 -20.63 27.40 -14.96
N LEU A 139 -21.79 27.02 -14.43
CA LEU A 139 -21.88 26.49 -13.08
C LEU A 139 -22.61 25.15 -13.08
N VAL A 140 -22.36 24.35 -12.05
CA VAL A 140 -23.07 23.10 -11.84
C VAL A 140 -23.68 23.11 -10.44
N SER A 141 -24.70 22.29 -10.27
CA SER A 141 -25.36 22.06 -8.99
C SER A 141 -26.28 20.86 -9.20
N GLU A 142 -27.12 20.56 -8.19
CA GLU A 142 -28.08 19.48 -8.34
C GLU A 142 -29.15 19.79 -9.39
N ARG A 143 -29.17 20.99 -9.94
CA ARG A 143 -30.12 21.30 -10.97
C ARG A 143 -29.58 20.97 -12.37
N GLY A 144 -28.27 20.79 -12.50
CA GLY A 144 -27.70 20.58 -13.82
C GLY A 144 -26.59 21.57 -14.12
N LEU A 145 -26.46 21.92 -15.40
CA LEU A 145 -25.42 22.81 -15.87
C LEU A 145 -26.06 24.12 -16.31
N GLU A 146 -25.52 25.24 -15.83
CA GLU A 146 -26.17 26.54 -15.97
C GLU A 146 -25.18 27.56 -16.52
N LEU A 147 -25.60 28.29 -17.54
CA LEU A 147 -24.85 29.41 -18.10
C LEU A 147 -25.47 30.74 -17.64
N ARG A 148 -24.64 31.63 -17.09
CA ARG A 148 -25.03 33.00 -16.77
C ARG A 148 -24.25 33.94 -17.67
N LEU A 149 -24.95 34.83 -18.38
CA LEU A 149 -24.34 35.83 -19.24
C LEU A 149 -24.70 37.22 -18.73
N GLY A 150 -23.72 38.10 -18.62
CA GLY A 150 -24.02 39.47 -18.32
C GLY A 150 -24.92 40.08 -19.39
N ALA A 151 -25.72 41.05 -18.99
CA ALA A 151 -26.66 41.70 -19.90
C ALA A 151 -26.50 43.21 -19.89
N GLY A 152 -25.51 43.74 -19.18
CA GLY A 152 -25.26 45.15 -19.12
C GLY A 152 -25.70 45.72 -17.78
N THR A 153 -25.43 47.00 -17.60
CA THR A 153 -25.75 47.69 -16.35
C THR A 153 -27.25 47.73 -16.09
N GLY A 154 -28.07 47.69 -17.14
CA GLY A 154 -29.50 47.83 -16.91
C GLY A 154 -30.43 46.68 -17.31
N GLU A 155 -29.99 45.44 -17.14
CA GLU A 155 -30.79 44.25 -17.39
C GLU A 155 -30.30 43.18 -16.42
N PRO A 156 -31.18 42.29 -15.95
CA PRO A 156 -30.72 41.11 -15.22
C PRO A 156 -30.03 40.13 -16.16
N PRO A 157 -29.23 39.22 -15.61
CA PRO A 157 -28.46 38.31 -16.47
C PRO A 157 -29.34 37.29 -17.18
N VAL A 158 -28.82 36.81 -18.32
CA VAL A 158 -29.39 35.66 -19.00
C VAL A 158 -28.97 34.40 -18.26
N CYS A 159 -29.88 33.43 -18.11
CA CYS A 159 -29.57 32.13 -17.54
C CYS A 159 -30.16 31.05 -18.44
N VAL A 160 -29.31 30.11 -18.87
CA VAL A 160 -29.75 28.95 -19.63
C VAL A 160 -29.38 27.71 -18.84
N LEU A 161 -30.35 26.84 -18.57
CA LEU A 161 -30.13 25.66 -17.74
C LEU A 161 -30.23 24.39 -18.57
N CYS A 162 -29.24 23.52 -18.39
CA CYS A 162 -29.20 22.16 -18.94
C CYS A 162 -29.48 21.22 -17.77
N ALA A 163 -30.75 20.86 -17.59
CA ALA A 163 -31.14 20.03 -16.46
C ALA A 163 -30.56 18.62 -16.59
N ALA A 164 -29.76 18.20 -15.61
CA ALA A 164 -29.24 16.85 -15.58
C ALA A 164 -28.95 16.44 -14.14
N ARG A 165 -29.05 15.13 -13.87
CA ARG A 165 -28.66 14.57 -12.58
C ARG A 165 -27.21 14.11 -12.70
N LEU A 166 -26.28 14.96 -12.28
CA LEU A 166 -24.87 14.62 -12.34
C LEU A 166 -24.44 13.96 -11.04
N GLU A 167 -23.67 12.86 -11.16
CA GLU A 167 -23.09 12.12 -10.05
C GLU A 167 -21.59 12.38 -10.01
N VAL A 168 -20.90 11.64 -9.15
CA VAL A 168 -19.44 11.81 -9.06
C VAL A 168 -18.79 10.95 -10.14
N ARG A 169 -18.81 11.45 -11.38
CA ARG A 169 -18.17 10.79 -12.51
C ARG A 169 -17.57 11.86 -13.39
N TRP A 170 -16.85 11.42 -14.43
CA TRP A 170 -16.29 12.33 -15.42
C TRP A 170 -17.37 12.73 -16.43
N TYR A 171 -17.62 14.04 -16.56
CA TYR A 171 -18.52 14.60 -17.58
C TYR A 171 -17.77 15.63 -18.41
N ASP A 172 -18.18 15.78 -19.67
CA ASP A 172 -17.77 16.93 -20.46
C ASP A 172 -18.88 17.99 -20.41
N VAL A 173 -18.53 19.22 -20.00
CA VAL A 173 -19.52 20.30 -19.95
C VAL A 173 -19.05 21.43 -20.86
N TRP A 174 -20.00 22.10 -21.51
CA TRP A 174 -19.67 23.21 -22.39
C TRP A 174 -20.86 24.15 -22.54
N PHE A 175 -20.55 25.37 -22.98
CA PHE A 175 -21.55 26.24 -23.56
C PHE A 175 -20.96 26.80 -24.85
N ALA A 176 -21.86 27.15 -25.78
CA ALA A 176 -21.48 27.72 -27.08
C ALA A 176 -22.50 28.79 -27.45
N ILE A 177 -22.02 29.99 -27.80
CA ILE A 177 -22.85 31.07 -28.31
C ILE A 177 -22.54 31.23 -29.79
N ASP A 178 -23.46 30.83 -30.66
CA ASP A 178 -23.29 30.92 -32.11
C ASP A 178 -24.18 32.04 -32.65
N THR A 179 -23.57 33.18 -33.02
CA THR A 179 -24.38 34.30 -33.51
C THR A 179 -24.96 34.00 -34.89
N ALA A 180 -24.18 33.33 -35.73
CA ALA A 180 -24.63 33.04 -37.09
C ALA A 180 -25.89 32.17 -37.10
N SER A 181 -25.96 31.20 -36.20
CA SER A 181 -27.16 30.37 -36.07
C SER A 181 -28.15 30.95 -35.07
N ASN A 182 -27.78 32.00 -34.37
CA ASN A 182 -28.65 32.63 -33.40
C ASN A 182 -29.08 31.63 -32.33
N ARG A 183 -28.10 30.91 -31.77
CA ARG A 183 -28.39 29.88 -30.78
C ARG A 183 -27.40 29.97 -29.64
N ILE A 184 -27.90 29.66 -28.44
CA ILE A 184 -27.08 29.29 -27.29
C ILE A 184 -27.25 27.79 -27.05
N GLU A 185 -26.15 27.11 -26.72
CA GLU A 185 -26.20 25.70 -26.38
C GLU A 185 -25.48 25.51 -25.07
N VAL A 186 -26.08 24.72 -24.17
CA VAL A 186 -25.45 24.29 -22.93
C VAL A 186 -25.67 22.79 -22.84
N GLY A 187 -24.59 22.02 -22.74
CA GLY A 187 -24.70 20.56 -22.77
C GLY A 187 -23.74 19.89 -21.81
N VAL A 188 -24.06 18.63 -21.49
CA VAL A 188 -23.22 17.78 -20.65
C VAL A 188 -23.34 16.35 -21.16
N THR A 189 -22.20 15.70 -21.42
CA THR A 189 -22.18 14.31 -21.82
C THR A 189 -21.23 13.54 -20.91
N GLU A 190 -21.67 12.36 -20.45
CA GLU A 190 -20.85 11.46 -19.64
C GLU A 190 -19.67 10.94 -20.47
N VAL A 191 -18.46 11.00 -19.90
CA VAL A 191 -17.27 10.63 -20.66
C VAL A 191 -17.24 9.13 -20.97
N ASP A 192 -17.58 8.29 -20.01
CA ASP A 192 -17.58 6.85 -20.22
C ASP A 192 -18.91 6.46 -20.87
N GLY A 193 -18.89 6.16 -22.17
CA GLY A 193 -20.11 5.76 -22.85
C GLY A 193 -20.54 4.31 -22.63
N SER A 194 -19.69 3.51 -21.99
CA SER A 194 -19.98 2.09 -21.77
C SER A 194 -20.88 1.82 -20.56
N VAL A 195 -21.16 2.82 -19.71
CA VAL A 195 -22.05 2.63 -18.56
C VAL A 195 -23.46 2.42 -19.10
N ALA A 196 -24.35 1.93 -18.24
CA ALA A 196 -25.64 1.45 -18.74
C ALA A 196 -26.44 2.58 -19.37
N ALA A 197 -26.60 3.71 -18.66
CA ALA A 197 -27.36 4.86 -19.15
C ALA A 197 -26.50 6.13 -19.07
N PRO A 198 -25.63 6.32 -20.05
CA PRO A 198 -24.78 7.52 -20.04
C PRO A 198 -25.62 8.77 -20.22
N VAL A 199 -25.30 9.79 -19.42
CA VAL A 199 -25.97 11.09 -19.49
C VAL A 199 -25.56 11.81 -20.77
N ARG A 200 -26.53 12.26 -21.54
CA ARG A 200 -26.30 13.18 -22.66
C ARG A 200 -27.50 14.12 -22.71
N HIS A 201 -27.31 15.35 -22.24
CA HIS A 201 -28.37 16.36 -22.23
C HIS A 201 -27.83 17.62 -22.85
N ARG A 202 -28.73 18.41 -23.42
CA ARG A 202 -28.37 19.71 -23.94
C ARG A 202 -29.60 20.59 -23.97
N THR A 203 -29.36 21.90 -23.97
CA THR A 203 -30.42 22.89 -24.00
C THR A 203 -30.13 23.89 -25.12
N LEU A 204 -31.13 24.14 -25.94
CA LEU A 204 -31.00 25.03 -27.08
C LEU A 204 -31.93 26.21 -26.88
N GLN A 205 -31.38 27.40 -26.87
CA GLN A 205 -32.14 28.63 -26.76
C GLN A 205 -31.81 29.51 -27.97
N MET A 206 -32.76 30.35 -28.36
CA MET A 206 -32.46 31.32 -29.42
C MET A 206 -31.76 32.52 -28.80
N LEU A 207 -30.72 32.99 -29.51
CA LEU A 207 -29.86 34.04 -28.97
C LEU A 207 -30.59 35.38 -28.90
N ASP A 208 -31.28 35.76 -30.00
CA ASP A 208 -32.13 36.96 -30.12
C ASP A 208 -31.43 38.24 -29.64
N ALA A 209 -30.18 38.42 -30.09
CA ALA A 209 -29.36 39.60 -29.76
C ALA A 209 -29.38 39.89 -28.26
N ARG A 210 -29.51 38.83 -27.44
CA ARG A 210 -29.29 38.89 -26.00
C ARG A 210 -27.82 38.73 -25.66
N TRP A 211 -26.96 38.78 -26.67
CA TRP A 211 -25.52 38.75 -26.51
C TRP A 211 -24.88 39.46 -27.69
N ARG A 212 -23.84 40.24 -27.41
CA ARG A 212 -23.06 40.92 -28.43
C ARG A 212 -21.59 40.80 -28.07
N ALA A 213 -20.74 40.86 -29.10
CA ALA A 213 -19.31 40.68 -28.90
C ALA A 213 -18.82 41.62 -27.81
N PRO A 214 -17.94 41.17 -26.93
CA PRO A 214 -17.50 42.03 -25.82
C PRO A 214 -16.71 43.21 -26.36
N HIS A 215 -16.51 44.18 -25.48
CA HIS A 215 -15.79 45.40 -25.82
C HIS A 215 -14.55 45.47 -24.93
N SER A 216 -13.53 46.21 -25.39
CA SER A 216 -12.25 46.33 -24.67
C SER A 216 -12.40 46.56 -23.17
N ASP A 217 -13.31 47.45 -22.76
CA ASP A 217 -13.50 47.74 -21.34
C ASP A 217 -14.26 46.64 -20.60
N ASP A 218 -14.79 45.64 -21.30
CA ASP A 218 -15.47 44.53 -20.64
C ASP A 218 -14.49 43.56 -19.99
N ALA A 219 -13.18 43.81 -20.10
CA ALA A 219 -12.15 42.88 -19.65
C ALA A 219 -12.25 42.62 -18.15
N ALA A 220 -11.84 41.41 -17.76
CA ALA A 220 -11.77 40.95 -16.38
C ALA A 220 -10.99 39.65 -16.35
N ASP A 221 -10.54 39.27 -15.16
CA ASP A 221 -9.81 38.02 -15.01
C ASP A 221 -10.69 36.83 -15.35
N LEU A 222 -10.06 35.80 -15.91
CA LEU A 222 -10.71 34.52 -16.10
C LEU A 222 -10.41 33.62 -14.90
N LEU A 223 -11.45 33.08 -14.29
CA LEU A 223 -11.30 32.19 -13.14
C LEU A 223 -11.69 30.77 -13.52
N ILE A 224 -11.03 29.80 -12.89
CA ILE A 224 -11.42 28.40 -12.95
C ILE A 224 -11.61 27.94 -11.52
N GLY A 225 -12.81 27.42 -11.22
CA GLY A 225 -13.14 26.95 -9.89
C GLY A 225 -13.91 27.90 -8.99
N ALA A 226 -14.14 29.15 -9.40
CA ALA A 226 -14.81 30.16 -8.58
C ALA A 226 -15.39 31.26 -9.46
N LEU A 227 -16.15 32.17 -8.83
CA LEU A 227 -16.84 33.27 -9.51
C LEU A 227 -16.62 34.56 -8.72
N GLU A 228 -16.31 35.66 -9.43
CA GLU A 228 -16.03 36.94 -8.76
C GLU A 228 -16.97 38.05 -9.24
N ASP A 229 -18.06 38.29 -8.51
CA ASP A 229 -18.80 39.56 -8.63
C ASP A 229 -18.89 40.30 -7.27
N ARG A 233 -16.16 36.85 -4.22
CA ARG A 233 -15.61 35.52 -4.62
C ARG A 233 -16.37 34.35 -4.01
N ARG A 234 -17.11 33.60 -4.84
CA ARG A 234 -18.08 32.63 -4.33
C ARG A 234 -18.16 31.46 -5.28
N ALA A 235 -19.02 30.48 -4.94
CA ALA A 235 -19.33 29.30 -5.76
C ALA A 235 -18.06 28.50 -6.08
N HIS A 236 -17.30 28.19 -5.03
CA HIS A 236 -16.08 27.43 -5.17
C HIS A 236 -16.39 25.98 -5.56
N PHE A 237 -15.69 25.48 -6.57
CA PHE A 237 -15.94 24.14 -7.09
C PHE A 237 -15.33 23.07 -6.18
N ASN A 238 -16.04 21.95 -6.03
CA ASN A 238 -15.55 20.80 -5.28
C ASN A 238 -15.45 19.65 -6.27
N GLY A 239 -14.21 19.19 -6.50
CA GLY A 239 -13.97 18.09 -7.39
C GLY A 239 -12.86 18.43 -8.35
N GLN A 240 -12.83 17.71 -9.45
CA GLN A 240 -11.73 17.79 -10.39
C GLN A 240 -12.16 18.54 -11.65
N ILE A 241 -11.29 19.44 -12.08
CA ILE A 241 -11.38 20.06 -13.38
C ILE A 241 -10.19 19.57 -14.17
N GLU A 242 -10.40 19.36 -15.47
CA GLU A 242 -9.38 18.86 -16.37
C GLU A 242 -9.57 19.56 -17.71
N ALA A 243 -8.47 20.06 -18.27
CA ALA A 243 -8.44 20.63 -19.61
C ALA A 243 -9.56 21.62 -19.94
N PRO A 244 -9.69 22.71 -19.17
CA PRO A 244 -10.62 23.76 -19.57
C PRO A 244 -10.05 24.49 -20.79
N PHE A 245 -10.95 25.11 -21.55
CA PHE A 245 -10.58 25.83 -22.75
C PHE A 245 -11.64 26.90 -23.04
N VAL A 246 -11.20 27.96 -23.75
CA VAL A 246 -12.07 29.00 -24.29
C VAL A 246 -11.71 29.19 -25.76
N ALA A 247 -12.72 29.31 -26.61
CA ALA A 247 -12.54 29.69 -28.01
C ALA A 247 -13.54 30.77 -28.38
N ASP A 248 -13.16 31.69 -29.29
CA ASP A 248 -14.10 32.71 -29.77
C ASP A 248 -14.51 32.51 -31.23
N ALA A 249 -14.70 31.27 -31.64
CA ALA A 249 -15.23 30.95 -32.96
C ALA A 249 -15.78 29.54 -32.87
N LEU A 250 -16.43 29.13 -33.91
CA LEU A 250 -17.02 27.81 -33.79
C LEU A 250 -16.08 26.76 -34.36
N PRO A 251 -16.21 25.49 -33.91
CA PRO A 251 -15.19 24.49 -34.25
C PRO A 251 -15.18 24.16 -35.73
N SER A 252 -13.97 23.93 -36.25
CA SER A 252 -13.76 23.60 -37.66
C SER A 252 -14.59 22.36 -38.01
N PRO A 253 -15.48 22.43 -39.00
CA PRO A 253 -16.39 21.30 -39.27
C PRO A 253 -15.63 20.06 -39.71
N ALA A 254 -15.83 18.97 -38.97
CA ALA A 254 -15.35 17.63 -39.31
C ALA A 254 -16.56 16.73 -39.55
N THR A 255 -16.30 15.54 -40.09
CA THR A 255 -17.38 14.69 -40.59
C THR A 255 -18.27 14.07 -39.47
N VAL A 260 -23.95 9.23 -33.34
CA VAL A 260 -24.12 10.15 -32.21
C VAL A 260 -24.66 11.53 -32.64
N GLU A 261 -25.74 11.97 -31.99
CA GLU A 261 -26.47 13.15 -32.45
C GLU A 261 -25.70 14.44 -32.18
N TYR A 262 -25.10 14.58 -31.00
CA TYR A 262 -24.22 15.71 -30.70
C TYR A 262 -23.17 15.23 -29.71
N ALA A 263 -22.01 15.86 -29.75
CA ALA A 263 -20.91 15.58 -28.85
C ALA A 263 -20.38 16.88 -28.26
N ALA A 264 -19.64 16.74 -27.18
CA ALA A 264 -19.08 17.89 -26.48
C ALA A 264 -17.90 18.45 -27.27
N PRO A 265 -17.86 19.76 -27.54
CA PRO A 265 -16.64 20.36 -28.12
C PRO A 265 -15.50 20.41 -27.12
N ARG A 266 -14.32 20.02 -27.57
CA ARG A 266 -13.09 20.08 -26.79
C ARG A 266 -12.08 20.94 -27.52
N ALA A 267 -10.94 21.24 -26.90
CA ALA A 267 -9.98 22.15 -27.53
C ALA A 267 -9.40 21.58 -28.82
N SER A 268 -9.29 20.25 -28.95
CA SER A 268 -8.80 19.67 -30.20
C SER A 268 -9.69 19.98 -31.40
N ASP A 269 -10.94 20.38 -31.18
CA ASP A 269 -11.86 20.59 -32.30
C ASP A 269 -11.74 21.97 -32.94
N PHE A 270 -10.86 22.83 -32.44
CA PHE A 270 -10.76 24.22 -32.87
C PHE A 270 -9.42 24.48 -33.55
N SER A 271 -9.44 25.30 -34.60
CA SER A 271 -8.19 25.80 -35.15
C SER A 271 -7.39 26.50 -34.05
N THR A 272 -6.06 26.50 -34.21
CA THR A 272 -5.20 27.28 -33.32
C THR A 272 -5.62 28.74 -33.27
N ASP A 273 -6.09 29.31 -34.39
CA ASP A 273 -6.59 30.68 -34.35
C ASP A 273 -7.72 30.81 -33.33
N ALA A 274 -8.76 29.98 -33.46
CA ALA A 274 -9.97 30.19 -32.69
C ALA A 274 -9.78 29.96 -31.19
N LEU A 275 -8.67 29.37 -30.76
CA LEU A 275 -8.50 29.07 -29.35
C LEU A 275 -8.07 30.33 -28.60
N TYR A 276 -8.88 30.71 -27.62
CA TYR A 276 -8.51 31.78 -26.70
C TYR A 276 -7.51 31.30 -25.63
N ALA A 277 -7.63 30.05 -25.19
CA ALA A 277 -6.79 29.44 -24.17
C ALA A 277 -7.16 27.95 -24.08
N ALA A 278 -6.19 27.15 -23.67
CA ALA A 278 -6.44 25.73 -23.45
C ALA A 278 -5.45 25.29 -22.38
N TRP A 279 -5.92 25.06 -21.16
CA TRP A 279 -5.00 24.78 -20.07
C TRP A 279 -4.76 23.28 -19.94
N ASP A 280 -3.50 22.93 -19.71
CA ASP A 280 -3.09 21.54 -19.50
C ASP A 280 -2.55 21.42 -18.08
N PHE A 281 -3.36 20.82 -17.21
CA PHE A 281 -2.98 20.74 -15.81
C PHE A 281 -1.87 19.72 -15.59
N ALA A 282 -1.51 18.95 -16.62
CA ALA A 282 -0.42 17.99 -16.47
C ALA A 282 0.93 18.66 -16.38
N ARG A 283 1.07 19.89 -16.90
CA ARG A 283 2.32 20.63 -16.89
C ARG A 283 2.50 21.37 -15.55
N GLY A 284 3.55 21.01 -14.83
CA GLY A 284 3.92 21.77 -13.65
C GLY A 284 3.21 21.29 -12.40
N ILE A 285 3.05 19.97 -12.27
CA ILE A 285 2.26 19.39 -11.19
C ILE A 285 2.80 19.78 -9.81
N ASP A 286 4.11 20.03 -9.68
CA ASP A 286 4.73 20.43 -8.41
C ASP A 286 4.82 21.94 -8.23
N THR A 287 4.00 22.71 -8.96
CA THR A 287 3.98 24.17 -8.94
C THR A 287 2.54 24.63 -8.78
N LEU A 288 2.38 25.95 -8.65
CA LEU A 288 1.05 26.57 -8.60
C LEU A 288 0.63 27.20 -9.92
N LYS A 289 1.33 26.94 -11.01
CA LYS A 289 1.00 27.53 -12.29
C LYS A 289 0.19 26.56 -13.13
N ILE A 290 -0.84 27.09 -13.80
CA ILE A 290 -1.60 26.35 -14.79
C ILE A 290 -1.23 26.92 -16.16
N ALA A 291 -0.84 26.04 -17.07
CA ALA A 291 -0.19 26.45 -18.32
C ALA A 291 -1.19 26.46 -19.46
N ASP A 292 -1.20 27.56 -20.22
CA ASP A 292 -1.96 27.63 -21.46
C ASP A 292 -1.07 27.20 -22.62
N THR A 293 -1.53 26.22 -23.40
CA THR A 293 -0.78 25.63 -24.51
C THR A 293 -0.95 26.34 -25.84
N THR A 294 -1.89 27.30 -25.95
CA THR A 294 -2.03 28.09 -27.16
C THR A 294 -0.89 29.10 -27.22
N PRO A 295 -0.64 29.67 -28.41
CA PRO A 295 0.38 30.75 -28.50
C PRO A 295 0.05 32.00 -27.69
N HIS A 296 -1.14 32.14 -27.09
CA HIS A 296 -1.39 33.31 -26.26
C HIS A 296 -0.65 33.23 -24.93
N ALA A 297 -0.32 32.02 -24.48
CA ALA A 297 0.38 31.81 -23.21
C ALA A 297 -0.31 32.54 -22.05
N ARG A 298 -1.65 32.45 -22.00
CA ARG A 298 -2.45 33.09 -20.96
C ARG A 298 -2.52 32.16 -19.73
N HIS A 299 -1.38 32.06 -19.03
CA HIS A 299 -1.25 31.19 -17.85
C HIS A 299 -2.03 31.76 -16.66
N GLY A 300 -2.17 30.93 -15.63
CA GLY A 300 -2.91 31.31 -14.44
C GLY A 300 -2.20 30.82 -13.19
N THR A 301 -2.71 31.26 -12.04
CA THR A 301 -2.08 30.96 -10.76
C THR A 301 -3.09 30.39 -9.76
N LEU A 302 -2.75 29.25 -9.18
CA LEU A 302 -3.65 28.59 -8.25
C LEU A 302 -3.56 29.28 -6.91
N GLN A 303 -4.70 29.38 -6.23
CA GLN A 303 -4.81 30.03 -4.95
C GLN A 303 -5.38 29.04 -3.94
N ASN A 304 -4.91 29.16 -2.70
CA ASN A 304 -5.32 28.34 -1.57
C ASN A 304 -4.92 26.87 -1.69
N LEU A 305 -3.91 26.56 -2.49
CA LEU A 305 -3.31 25.22 -2.58
C LEU A 305 -4.34 24.12 -2.87
N PRO A 306 -4.93 24.10 -4.05
CA PRO A 306 -5.72 22.93 -4.44
C PRO A 306 -4.82 21.72 -4.56
N THR A 307 -5.40 20.53 -4.65
CA THR A 307 -4.62 19.30 -4.65
C THR A 307 -4.33 18.90 -6.10
N ARG A 308 -3.04 18.82 -6.43
CA ARG A 308 -2.59 18.36 -7.73
C ARG A 308 -2.05 16.93 -7.59
N ALA A 309 -1.59 16.37 -8.72
CA ALA A 309 -1.12 14.97 -8.74
C ALA A 309 -2.23 14.03 -8.30
N VAL A 310 -3.38 14.15 -8.97
CA VAL A 310 -4.53 13.28 -8.77
C VAL A 310 -4.91 12.71 -10.12
N ARG A 311 -5.65 11.60 -10.13
CA ARG A 311 -5.96 10.94 -11.38
C ARG A 311 -6.84 11.83 -12.26
N SER A 312 -6.57 11.81 -13.57
CA SER A 312 -7.43 12.47 -14.54
C SER A 312 -8.12 11.39 -15.38
N SER A 313 -8.85 11.81 -16.41
CA SER A 313 -9.75 10.86 -17.08
C SER A 313 -9.01 9.74 -17.82
N ALA A 314 -7.78 9.98 -18.29
CA ALA A 314 -7.10 8.94 -19.05
C ALA A 314 -6.40 7.91 -18.16
N TRP A 315 -6.28 8.19 -16.86
CA TRP A 315 -5.69 7.23 -15.94
C TRP A 315 -6.39 5.88 -16.08
N ASN A 316 -5.60 4.82 -16.31
CA ASN A 316 -6.15 3.49 -16.54
C ASN A 316 -5.53 2.41 -15.67
N GLY A 317 -4.56 2.73 -14.81
CA GLY A 317 -4.01 1.77 -13.90
C GLY A 317 -2.61 1.31 -14.27
N ARG A 318 -2.20 1.50 -15.53
CA ARG A 318 -0.86 1.12 -15.92
C ARG A 318 0.19 2.11 -15.42
N GLU A 319 -0.20 3.34 -15.09
CA GLU A 319 0.71 4.35 -14.56
C GLU A 319 0.30 4.70 -13.14
N ARG A 320 1.29 4.81 -12.26
CA ARG A 320 1.05 5.08 -10.85
C ARG A 320 1.87 6.25 -10.31
N CYS A 321 2.72 6.85 -11.14
CA CYS A 321 3.62 7.92 -10.71
C CYS A 321 3.54 9.09 -11.69
N TRP A 322 3.08 10.23 -11.21
CA TRP A 322 2.87 11.38 -12.09
C TRP A 322 4.17 11.90 -12.70
N ARG A 323 5.33 11.61 -12.10
CA ARG A 323 6.59 12.12 -12.62
C ARG A 323 6.96 11.48 -13.95
N THR A 324 6.56 10.24 -14.22
CA THR A 324 6.86 9.61 -15.49
C THR A 324 5.64 9.47 -16.36
N ALA A 325 4.46 9.88 -15.89
CA ALA A 325 3.28 9.71 -16.71
C ALA A 325 2.28 10.84 -16.50
N PRO A 326 2.68 12.09 -16.78
CA PRO A 326 1.81 13.23 -16.40
C PRO A 326 0.45 13.24 -17.12
N ALA A 327 0.29 12.58 -18.27
CA ALA A 327 -0.99 12.64 -18.97
C ALA A 327 -2.09 11.90 -18.22
N HIS A 328 -1.73 10.99 -17.32
CA HIS A 328 -2.69 10.30 -16.46
C HIS A 328 -2.98 11.09 -15.19
N TYR A 329 -2.33 12.26 -15.02
CA TYR A 329 -2.47 13.12 -13.85
C TYR A 329 -2.80 14.54 -14.27
N ALA A 330 -3.64 14.66 -15.31
CA ALA A 330 -3.91 15.93 -15.97
C ALA A 330 -5.11 16.70 -15.36
N ALA A 331 -5.34 16.56 -14.06
CA ALA A 331 -6.48 17.17 -13.39
C ALA A 331 -6.05 17.77 -12.06
N ILE A 332 -6.85 18.72 -11.56
CA ILE A 332 -6.60 19.39 -10.29
C ILE A 332 -7.85 19.28 -9.44
N HIS A 333 -7.68 18.98 -8.16
CA HIS A 333 -8.81 18.77 -7.26
C HIS A 333 -9.02 20.03 -6.40
N PHE A 334 -10.13 20.71 -6.62
CA PHE A 334 -10.47 21.91 -5.86
C PHE A 334 -11.44 21.59 -4.73
N HIS A 335 -11.28 22.30 -3.61
CA HIS A 335 -12.13 22.14 -2.42
C HIS A 335 -12.55 23.52 -1.91
N ASP A 336 -13.84 23.68 -1.57
CA ASP A 336 -14.28 24.98 -1.08
C ASP A 336 -13.78 25.32 0.32
N ASP A 337 -13.02 24.46 0.99
CA ASP A 337 -12.41 24.81 2.28
C ASP A 337 -10.89 24.77 2.26
N ASP A 338 -10.26 24.68 1.09
CA ASP A 338 -8.81 24.78 1.01
C ASP A 338 -8.36 26.14 1.58
N LEU A 339 -7.33 26.13 2.42
CA LEU A 339 -6.80 27.35 3.03
C LEU A 339 -5.28 27.32 3.06
N HIS A 340 -4.64 28.18 2.26
CA HIS A 340 -3.19 28.32 2.33
C HIS A 340 -2.80 29.76 2.06
N ASP A 341 -1.98 30.32 2.98
CA ASP A 341 -1.43 31.68 2.90
C ASP A 341 -2.53 32.73 2.97
N ALA A 342 -2.79 33.28 4.16
CA ALA A 342 -3.81 34.35 4.28
C ALA A 342 -3.35 35.66 3.65
N GLY A 343 -2.04 35.83 3.42
CA GLY A 343 -1.53 37.02 2.79
C GLY A 343 -1.59 38.29 3.62
N TRP A 344 -1.65 38.15 4.94
CA TRP A 344 -1.71 39.30 5.83
C TRP A 344 -0.42 40.11 5.77
N SER A 345 -0.58 41.43 5.87
CA SER A 345 0.53 42.38 5.94
C SER A 345 1.26 42.25 7.27
N THR A 346 2.59 42.47 7.23
CA THR A 346 3.41 42.38 8.44
C THR A 346 3.18 43.57 9.37
N ASP A 347 2.73 43.28 10.60
CA ASP A 347 2.49 44.34 11.58
C ASP A 347 3.78 44.77 12.30
N PHE A 348 4.64 43.83 12.65
CA PHE A 348 5.94 44.16 13.23
C PHE A 348 6.91 43.03 12.97
N ALA A 349 8.17 43.34 13.16
CA ALA A 349 9.23 42.35 12.96
C ALA A 349 10.08 42.30 14.22
N PHE A 350 10.81 41.21 14.36
CA PHE A 350 11.72 41.00 15.47
C PHE A 350 12.97 40.37 14.92
N THR A 351 14.12 40.98 15.20
CA THR A 351 15.39 40.40 14.83
C THR A 351 16.05 39.86 16.09
N VAL A 352 16.53 38.61 16.00
CA VAL A 352 17.03 37.89 17.16
C VAL A 352 18.36 38.52 17.55
N PRO A 353 18.45 39.14 18.73
CA PRO A 353 19.75 39.68 19.17
C PRO A 353 20.68 38.55 19.57
N ALA A 354 21.97 38.75 19.32
CA ALA A 354 22.98 37.72 19.59
C ALA A 354 23.04 37.32 21.07
N THR A 355 22.32 38.02 21.95
CA THR A 355 22.32 37.74 23.37
C THR A 355 21.11 36.96 23.83
N LEU A 356 20.07 36.84 23.01
CA LEU A 356 18.88 36.11 23.43
C LEU A 356 19.16 34.62 23.34
N LYS A 357 19.09 33.93 24.48
CA LYS A 357 19.46 32.53 24.52
C LYS A 357 18.40 31.68 23.82
N SER A 358 18.88 30.61 23.20
CA SER A 358 18.02 29.72 22.44
C SER A 358 16.94 29.11 23.32
N GLY A 359 15.69 29.22 22.87
CA GLY A 359 14.57 28.76 23.70
C GLY A 359 13.25 28.88 22.95
N ALA A 360 12.18 28.57 23.69
CA ALA A 360 10.82 28.61 23.17
C ALA A 360 10.16 29.92 23.59
N TYR A 361 9.73 30.72 22.61
CA TYR A 361 9.23 32.09 22.86
C TYR A 361 7.83 32.26 22.26
N ALA A 362 7.24 33.44 22.50
CA ALA A 362 5.99 33.85 21.90
C ALA A 362 5.90 35.37 21.98
N MET A 363 5.06 35.94 21.11
CA MET A 363 4.65 37.34 21.21
C MET A 363 3.24 37.36 21.81
N ARG A 364 3.13 37.79 23.06
CA ARG A 364 1.83 38.01 23.66
C ARG A 364 1.19 39.23 23.02
N LEU A 365 0.07 39.03 22.36
CA LEU A 365 -0.72 40.12 21.79
C LEU A 365 -1.85 40.46 22.75
N SER A 366 -2.18 41.75 22.82
CA SER A 366 -3.21 42.19 23.75
C SER A 366 -3.95 43.41 23.21
N VAL A 367 -5.28 43.35 23.31
CA VAL A 367 -6.17 44.45 22.93
C VAL A 367 -7.56 44.16 23.52
N ASP A 368 -8.13 45.17 24.19
CA ASP A 368 -9.51 45.16 24.69
C ASP A 368 -9.81 43.98 25.59
N GLY A 369 -8.81 43.52 26.36
CA GLY A 369 -8.94 42.36 27.22
C GLY A 369 -8.74 41.01 26.54
N ALA A 370 -8.58 40.99 25.21
CA ALA A 370 -8.35 39.77 24.46
C ALA A 370 -6.85 39.56 24.24
N THR A 371 -6.41 38.31 24.27
CA THR A 371 -5.00 37.97 24.12
C THR A 371 -4.81 36.83 23.13
N ASP A 372 -3.73 36.93 22.35
CA ASP A 372 -3.23 35.82 21.56
C ASP A 372 -1.75 35.62 21.89
N TYR A 373 -1.21 34.50 21.40
CA TYR A 373 0.22 34.23 21.49
C TYR A 373 0.70 33.83 20.10
N LEU A 374 1.80 34.42 19.65
CA LEU A 374 2.40 34.05 18.37
C LEU A 374 3.67 33.29 18.67
N PRO A 375 3.64 31.96 18.69
CA PRO A 375 4.82 31.21 19.14
C PRO A 375 5.87 31.15 18.06
N PHE A 376 7.13 31.16 18.51
CA PHE A 376 8.27 31.01 17.61
C PHE A 376 9.47 30.57 18.44
N TYR A 377 10.54 30.16 17.76
CA TYR A 377 11.71 29.60 18.42
C TYR A 377 12.97 30.38 18.07
N VAL A 378 13.82 30.60 19.08
CA VAL A 378 15.14 31.18 18.91
C VAL A 378 16.14 30.02 18.96
N ARG A 379 16.76 29.73 17.82
CA ARG A 379 17.67 28.70 17.34
C ARG A 379 19.12 29.10 17.60
N PRO A 380 19.96 28.17 18.05
CA PRO A 380 21.37 28.50 18.26
C PRO A 380 22.12 28.65 16.94
N GLU A 381 23.30 29.25 17.03
CA GLU A 381 24.18 29.35 15.87
C GLU A 381 24.72 27.98 15.52
N LEU A 382 24.79 27.69 14.22
CA LEU A 382 25.32 26.41 13.78
C LEU A 382 26.74 26.20 14.30
N GLY A 383 26.95 25.11 15.00
CA GLY A 383 28.25 24.74 15.45
C GLY A 383 28.70 25.35 16.76
N ARG A 384 28.05 26.41 17.25
CA ARG A 384 28.44 26.95 18.56
C ARG A 384 27.23 26.89 19.50
N PRO A 385 27.11 25.83 20.29
CA PRO A 385 25.94 25.63 21.13
C PRO A 385 25.99 26.47 22.39
N GLY A 386 24.81 26.62 23.01
CA GLY A 386 24.66 27.33 24.27
C GLY A 386 24.29 26.47 25.46
N ALA A 387 24.22 25.16 25.28
CA ALA A 387 23.90 24.23 26.37
C ALA A 387 24.41 22.85 25.97
N PRO A 388 24.46 21.90 26.91
CA PRO A 388 24.83 20.52 26.53
C PRO A 388 23.72 19.74 25.85
N LEU A 389 22.46 20.12 26.05
CA LEU A 389 21.31 19.44 25.47
C LEU A 389 20.68 20.29 24.40
N VAL A 390 20.06 19.63 23.42
CA VAL A 390 19.19 20.29 22.44
C VAL A 390 17.88 19.50 22.36
N PHE A 391 16.77 20.24 22.31
CA PHE A 391 15.43 19.70 22.16
C PHE A 391 14.93 19.98 20.75
N VAL A 392 14.28 18.99 20.12
CA VAL A 392 13.75 19.14 18.77
C VAL A 392 12.25 19.40 18.90
N ALA A 393 11.83 20.62 18.55
CA ALA A 393 10.40 20.96 18.52
C ALA A 393 9.80 20.37 17.26
N ALA A 394 8.80 19.50 17.43
CA ALA A 394 8.22 18.71 16.33
C ALA A 394 7.24 19.53 15.48
N THR A 395 7.77 20.57 14.80
CA THR A 395 6.89 21.52 14.11
C THR A 395 6.20 20.91 12.88
N TYR A 396 6.82 19.90 12.23
CA TYR A 396 6.11 19.19 11.17
C TYR A 396 4.86 18.50 11.72
N THR A 397 4.94 17.90 12.92
CA THR A 397 3.78 17.23 13.50
C THR A 397 2.76 18.24 13.98
N TYR A 398 3.22 19.33 14.63
CA TYR A 398 2.31 20.41 15.02
C TYR A 398 1.51 20.88 13.81
N GLN A 399 2.21 21.15 12.71
CA GLN A 399 1.57 21.69 11.52
C GLN A 399 0.60 20.69 10.89
N ALA A 400 0.93 19.40 10.92
CA ALA A 400 0.04 18.39 10.36
C ALA A 400 -1.25 18.28 11.17
N TYR A 401 -1.20 18.49 12.48
CA TYR A 401 -2.38 18.47 13.33
C TYR A 401 -3.05 19.84 13.43
N ALA A 402 -2.45 20.87 12.80
CA ALA A 402 -2.88 22.25 12.98
C ALA A 402 -4.35 22.44 12.66
N ASN A 403 -5.11 22.96 13.65
CA ASN A 403 -6.53 23.30 13.50
C ASN A 403 -7.40 22.08 13.23
N TYR A 404 -7.02 20.94 13.79
CA TYR A 404 -7.85 19.74 13.73
C TYR A 404 -9.18 20.02 14.42
N ALA A 405 -10.26 20.18 13.65
CA ALA A 405 -11.61 20.30 14.21
C ALA A 405 -12.07 18.90 14.59
N ARG A 406 -11.95 18.53 15.86
CA ARG A 406 -12.21 17.17 16.31
C ARG A 406 -13.67 16.90 16.64
N GLY A 407 -14.55 17.89 16.50
CA GLY A 407 -15.96 17.69 16.84
C GLY A 407 -16.20 17.34 18.29
N ASN A 408 -15.30 17.78 19.19
CA ASN A 408 -15.37 17.43 20.61
C ASN A 408 -15.54 18.64 21.52
N PHE A 409 -15.73 19.85 20.97
CA PHE A 409 -15.82 21.08 21.76
C PHE A 409 -17.26 21.31 22.23
N ASP A 410 -17.67 20.46 23.17
CA ASP A 410 -19.04 20.46 23.65
C ASP A 410 -19.18 21.43 24.84
N ALA A 411 -20.34 21.43 25.49
CA ALA A 411 -20.53 22.30 26.64
C ALA A 411 -19.54 21.96 27.75
N ALA A 412 -19.35 20.67 28.03
CA ALA A 412 -18.52 20.28 29.18
C ALA A 412 -17.07 20.72 28.98
N LEU A 413 -16.57 20.59 27.75
CA LEU A 413 -15.21 21.06 27.48
C LEU A 413 -15.16 22.58 27.46
N ARG A 414 -16.14 23.23 26.82
CA ARG A 414 -16.15 24.70 26.78
C ARG A 414 -16.18 25.29 28.18
N ASP A 415 -16.94 24.67 29.08
CA ASP A 415 -16.94 25.06 30.49
C ASP A 415 -15.54 24.92 31.10
N LYS A 416 -14.89 23.76 30.93
CA LYS A 416 -13.56 23.55 31.50
C LYS A 416 -12.56 24.58 30.96
N VAL A 417 -12.67 24.96 29.69
CA VAL A 417 -11.77 25.97 29.15
C VAL A 417 -11.92 27.28 29.92
N GLY A 418 -13.16 27.65 30.26
CA GLY A 418 -13.37 28.84 31.07
C GLY A 418 -12.80 28.70 32.47
N ARG A 419 -13.20 27.65 33.19
CA ARG A 419 -12.79 27.48 34.58
C ARG A 419 -11.28 27.52 34.72
N TRP A 420 -10.56 26.91 33.76
CA TRP A 420 -9.12 26.76 33.84
C TRP A 420 -8.37 27.97 33.31
N GLY A 421 -9.05 28.89 32.64
CA GLY A 421 -8.38 30.01 32.04
C GLY A 421 -7.51 29.59 30.88
N ALA A 422 -8.06 28.75 30.00
CA ALA A 422 -7.36 28.18 28.86
C ALA A 422 -7.68 28.98 27.61
N TYR A 423 -6.89 28.76 26.56
CA TYR A 423 -7.06 29.55 25.34
C TYR A 423 -8.51 29.46 24.88
N PRO A 424 -9.18 30.61 24.63
CA PRO A 424 -10.65 30.62 24.53
C PRO A 424 -11.25 30.11 23.23
N HIS A 425 -10.52 30.03 22.12
CA HIS A 425 -11.17 29.59 20.90
C HIS A 425 -10.53 28.34 20.30
N ASN A 426 -11.42 27.47 19.80
CA ASN A 426 -11.28 26.13 19.30
C ASN A 426 -11.66 26.02 17.82
N PRO A 427 -10.95 25.19 17.04
CA PRO A 427 -11.31 25.06 15.62
C PRO A 427 -12.75 24.66 15.37
N ASP A 428 -13.40 23.97 16.32
CA ASP A 428 -14.79 23.53 16.11
C ASP A 428 -15.73 24.70 15.88
N ASP A 429 -15.45 25.86 16.48
CA ASP A 429 -16.24 27.07 16.36
C ASP A 429 -15.72 28.01 15.28
N HIS A 430 -14.58 27.72 14.67
CA HIS A 430 -13.90 28.68 13.80
C HIS A 430 -13.41 28.04 12.52
N PRO A 431 -14.34 27.70 11.61
CA PRO A 431 -13.93 27.09 10.33
C PRO A 431 -13.24 28.07 9.41
N GLU A 432 -13.22 29.34 9.74
CA GLU A 432 -12.51 30.28 8.90
C GLU A 432 -11.01 30.03 8.92
N VAL A 433 -10.49 29.36 9.97
CA VAL A 433 -9.06 29.05 10.06
C VAL A 433 -8.66 27.78 9.32
N GLY A 434 -9.60 27.08 8.69
CA GLY A 434 -9.26 25.92 7.87
C GLY A 434 -9.05 24.65 8.68
N LEU A 435 -8.59 23.62 7.98
CA LEU A 435 -8.59 22.26 8.52
C LEU A 435 -7.18 21.69 8.72
N ALA A 436 -7.14 20.56 9.40
CA ALA A 436 -5.93 19.76 9.57
C ALA A 436 -5.97 18.55 8.63
N THR A 437 -4.80 17.92 8.49
CA THR A 437 -4.66 16.72 7.67
C THR A 437 -5.33 15.50 8.31
N TYR A 438 -5.87 15.65 9.51
CA TYR A 438 -6.67 14.61 10.14
C TYR A 438 -8.16 14.75 9.83
N ASN A 439 -8.57 15.82 9.16
CA ASN A 439 -9.93 16.14 8.75
C ASN A 439 -10.19 15.66 7.32
N LEU A 440 -11.47 15.58 6.97
CA LEU A 440 -11.92 15.48 5.58
C LEU A 440 -12.41 16.85 5.09
N HIS A 441 -12.23 17.11 3.79
CA HIS A 441 -12.84 18.26 3.14
C HIS A 441 -14.37 18.10 3.09
N SER A 442 -15.03 19.17 2.63
CA SER A 442 -16.48 19.18 2.52
C SER A 442 -17.02 18.11 1.58
N ASP A 443 -16.25 17.70 0.56
CA ASP A 443 -16.71 16.62 -0.31
C ASP A 443 -16.35 15.25 0.22
N GLY A 444 -15.72 15.16 1.38
CA GLY A 444 -15.40 13.87 1.95
C GLY A 444 -14.00 13.34 1.68
N SER A 445 -13.21 14.00 0.82
CA SER A 445 -11.83 13.60 0.56
C SER A 445 -10.91 14.06 1.68
N GLY A 446 -9.79 13.35 1.84
CA GLY A 446 -8.86 13.68 2.91
C GLY A 446 -8.16 15.00 2.64
N VAL A 447 -7.90 15.74 3.71
CA VAL A 447 -7.13 16.98 3.66
C VAL A 447 -5.66 16.60 3.53
N MET A 448 -5.08 16.81 2.34
CA MET A 448 -3.68 16.45 2.12
C MET A 448 -2.69 17.57 2.42
N PHE A 449 -3.14 18.83 2.59
CA PHE A 449 -2.23 19.95 2.79
C PHE A 449 -2.55 20.72 4.07
N SER A 450 -1.51 21.17 4.76
CA SER A 450 -1.69 22.04 5.91
C SER A 450 -0.71 23.21 5.84
N SER A 451 -1.26 24.42 5.93
CA SER A 451 -0.49 25.65 5.86
C SER A 451 -0.10 26.12 7.26
N ARG A 452 1.08 26.71 7.37
CA ARG A 452 1.46 27.42 8.59
C ARG A 452 1.34 28.93 8.46
N LEU A 453 0.94 29.41 7.27
CA LEU A 453 0.68 30.84 7.00
C LEU A 453 -0.79 31.17 7.21
N ARG A 454 -1.24 30.91 8.44
CA ARG A 454 -2.59 31.15 8.91
C ARG A 454 -2.54 31.06 10.43
N PRO A 455 -3.53 31.60 11.13
CA PRO A 455 -3.54 31.40 12.60
C PRO A 455 -3.73 29.92 12.93
N MET A 456 -2.86 29.41 13.82
CA MET A 456 -2.92 28.01 14.21
C MET A 456 -3.34 27.92 15.67
N LEU A 457 -4.66 27.93 15.90
CA LEU A 457 -5.18 27.96 17.27
C LEU A 457 -4.66 26.81 18.11
N THR A 458 -4.30 25.68 17.50
CA THR A 458 -3.87 24.50 18.24
C THR A 458 -2.42 24.56 18.68
N MET A 459 -1.67 25.60 18.27
CA MET A 459 -0.30 25.79 18.71
C MET A 459 -0.17 26.98 19.68
N ARG A 460 -1.28 27.40 20.32
CA ARG A 460 -1.27 28.48 21.31
C ARG A 460 -1.03 27.92 22.71
N PRO A 461 -0.17 28.58 23.49
CA PRO A 461 -0.11 28.30 24.93
C PRO A 461 -1.51 28.34 25.54
N GLY A 462 -1.82 27.33 26.37
CA GLY A 462 -3.09 27.22 27.04
C GLY A 462 -4.14 26.40 26.30
N PHE A 463 -3.89 26.02 25.05
CA PHE A 463 -4.91 25.32 24.26
C PHE A 463 -5.12 23.89 24.76
N LEU A 464 -6.38 23.52 25.01
CA LEU A 464 -6.72 22.17 25.42
C LEU A 464 -7.30 21.39 24.25
N THR A 465 -6.87 20.13 24.11
CA THR A 465 -7.37 19.29 23.02
C THR A 465 -8.52 18.40 23.46
N PHE A 466 -8.38 17.73 24.60
CA PHE A 466 -9.35 16.74 25.03
C PHE A 466 -9.95 17.12 26.37
N ASP A 467 -11.24 16.81 26.55
CA ASP A 467 -11.80 16.80 27.89
C ASP A 467 -11.23 15.57 28.59
N ASP A 468 -10.08 15.73 29.23
CA ASP A 468 -9.37 14.61 29.83
C ASP A 468 -9.85 14.42 31.26
N SER A 469 -10.51 13.29 31.52
CA SER A 469 -11.03 13.00 32.84
C SER A 469 -9.93 12.78 33.88
N ARG A 470 -8.72 12.41 33.48
CA ARG A 470 -7.66 12.09 34.44
C ARG A 470 -6.43 12.99 34.30
N GLY A 471 -6.58 14.16 33.65
CA GLY A 471 -5.49 15.10 33.45
C GLY A 471 -5.88 16.29 32.61
N SER A 472 -4.91 16.90 31.94
CA SER A 472 -5.20 18.16 31.26
C SER A 472 -5.82 17.98 29.89
N GLY A 473 -5.45 16.93 29.15
CA GLY A 473 -5.89 16.79 27.77
C GLY A 473 -5.11 17.64 26.79
N CYS A 474 -3.80 17.76 27.00
CA CYS A 474 -2.96 18.65 26.23
C CYS A 474 -2.08 17.83 25.31
N ARG A 475 -1.80 18.37 24.13
CA ARG A 475 -1.05 17.65 23.10
C ARG A 475 0.00 18.54 22.47
N HIS A 476 0.94 17.90 21.78
CA HIS A 476 1.90 18.55 20.89
C HIS A 476 2.58 19.77 21.51
N TYR A 477 2.38 20.98 20.98
CA TYR A 477 3.12 22.12 21.55
C TYR A 477 2.89 22.22 23.05
N ILE A 478 1.64 22.15 23.48
CA ILE A 478 1.33 22.39 24.87
C ILE A 478 1.86 21.27 25.75
N ALA A 479 1.61 20.01 25.35
CA ALA A 479 2.10 18.86 26.10
C ALA A 479 3.62 18.80 26.12
N ASP A 480 4.28 19.19 25.01
CA ASP A 480 5.74 19.26 24.99
C ASP A 480 6.30 20.23 26.05
N SER A 481 5.50 21.20 26.52
CA SER A 481 6.00 22.12 27.53
C SER A 481 6.14 21.49 28.91
N HIS A 482 5.41 20.39 29.19
CA HIS A 482 5.71 19.60 30.38
C HIS A 482 7.20 19.30 30.47
N LEU A 483 7.79 18.85 29.35
CA LEU A 483 9.21 18.50 29.36
C LEU A 483 10.09 19.74 29.49
N LEU A 484 9.76 20.81 28.76
CA LEU A 484 10.60 22.02 28.83
C LEU A 484 10.57 22.61 30.23
N ASP A 485 9.39 22.58 30.87
CA ASP A 485 9.25 23.06 32.24
C ASP A 485 10.02 22.16 33.21
N TRP A 486 9.99 20.84 32.98
CA TRP A 486 10.79 19.95 33.82
C TRP A 486 12.27 20.19 33.60
N LEU A 487 12.70 20.34 32.35
CA LEU A 487 14.11 20.57 32.07
C LEU A 487 14.62 21.78 32.85
N GLU A 488 13.82 22.84 32.88
CA GLU A 488 14.21 24.07 33.58
C GLU A 488 14.28 23.86 35.08
N HIS A 489 13.25 23.24 35.65
CA HIS A 489 13.19 23.08 37.10
C HIS A 489 14.33 22.21 37.63
N GLU A 490 14.84 21.28 36.82
CA GLU A 490 15.94 20.40 37.22
C GLU A 490 17.32 20.95 36.90
N GLY A 491 17.43 22.20 36.43
CA GLY A 491 18.71 22.80 36.18
C GLY A 491 19.40 22.39 34.90
N PHE A 492 18.68 21.80 33.97
CA PHE A 492 19.23 21.41 32.67
C PHE A 492 19.06 22.55 31.66
N SER A 493 20.18 23.07 31.18
CA SER A 493 20.15 24.02 30.09
C SER A 493 19.96 23.30 28.77
N PHE A 494 19.15 23.88 27.89
CA PHE A 494 18.91 23.29 26.59
C PHE A 494 18.78 24.38 25.55
N ASP A 495 19.20 24.05 24.34
CA ASP A 495 18.87 24.83 23.15
C ASP A 495 17.68 24.17 22.47
N VAL A 496 16.99 24.92 21.61
CA VAL A 496 15.83 24.40 20.89
C VAL A 496 16.06 24.58 19.39
N VAL A 497 15.75 23.52 18.63
CA VAL A 497 15.71 23.54 17.18
C VAL A 497 14.38 22.93 16.73
N THR A 498 13.96 23.31 15.52
CA THR A 498 12.72 22.79 14.95
C THR A 498 13.00 21.78 13.85
N ASP A 499 11.93 21.13 13.40
CA ASP A 499 12.03 20.24 12.23
C ASP A 499 12.54 21.00 11.00
N ASP A 500 12.06 22.24 10.80
CA ASP A 500 12.57 23.02 9.67
C ASP A 500 14.07 23.27 9.80
N ASP A 501 14.54 23.52 11.03
CA ASP A 501 15.97 23.72 11.23
C ASP A 501 16.76 22.47 10.85
N LEU A 502 16.25 21.30 11.24
CA LEU A 502 16.88 20.05 10.82
C LEU A 502 16.82 19.89 9.32
N GLU A 503 15.69 20.29 8.71
CA GLU A 503 15.58 20.23 7.26
C GLU A 503 16.62 21.12 6.59
N ARG A 504 16.91 22.26 7.19
CA ARG A 504 17.81 23.23 6.57
C ARG A 504 19.28 22.88 6.80
N PHE A 505 19.63 22.36 7.98
CA PHE A 505 21.01 22.30 8.48
C PHE A 505 21.60 20.91 8.59
N GLY A 506 20.76 19.88 8.75
CA GLY A 506 21.21 18.50 8.77
C GLY A 506 21.79 18.07 10.10
N ALA A 507 22.42 16.89 10.07
CA ALA A 507 23.03 16.36 11.28
C ALA A 507 24.03 17.33 11.88
N ALA A 508 24.68 18.15 11.04
CA ALA A 508 25.70 19.09 11.54
C ALA A 508 25.14 20.05 12.59
N LEU A 509 23.87 20.41 12.51
CA LEU A 509 23.26 21.26 13.54
C LEU A 509 23.20 20.55 14.90
N LEU A 510 23.03 19.23 14.91
CA LEU A 510 22.86 18.47 16.14
C LEU A 510 24.20 18.02 16.75
N GLU A 511 25.21 17.76 15.92
CA GLU A 511 26.53 17.22 16.26
C GLU A 511 27.15 17.83 17.53
N PRO A 512 27.05 19.16 17.75
CA PRO A 512 27.67 19.73 18.97
C PRO A 512 27.07 19.25 20.28
N TYR A 513 25.89 18.65 20.27
CA TYR A 513 25.21 18.42 21.54
C TYR A 513 25.52 17.04 22.10
N ALA A 514 25.49 16.95 23.43
CA ALA A 514 25.73 15.69 24.12
C ALA A 514 24.51 14.78 24.09
N ALA A 515 23.31 15.33 23.94
CA ALA A 515 22.10 14.53 23.76
C ALA A 515 21.09 15.37 23.01
N VAL A 516 20.35 14.73 22.12
CA VAL A 516 19.20 15.33 21.44
C VAL A 516 17.96 14.72 22.07
N LEU A 517 16.99 15.57 22.44
CA LEU A 517 15.73 15.15 23.03
C LEU A 517 14.56 15.46 22.08
N THR A 518 13.66 14.49 21.90
CA THR A 518 12.46 14.70 21.11
C THR A 518 11.32 15.26 21.98
N GLY A 519 10.20 15.59 21.31
CA GLY A 519 8.97 15.96 21.99
C GLY A 519 8.19 14.73 22.39
N THR A 520 6.88 14.92 22.59
CA THR A 520 6.03 13.81 22.99
C THR A 520 5.47 13.03 21.80
N HIS A 521 5.54 13.59 20.58
CA HIS A 521 4.90 12.98 19.41
C HIS A 521 5.61 13.40 18.14
N PRO A 522 6.85 12.94 17.93
CA PRO A 522 7.57 13.30 16.68
C PRO A 522 7.15 12.45 15.48
N GLU A 523 5.89 12.60 15.07
CA GLU A 523 5.27 11.65 14.14
C GLU A 523 5.64 11.92 12.68
N TYR A 524 5.77 13.17 12.28
CA TYR A 524 5.88 13.52 10.87
C TYR A 524 7.31 13.96 10.53
N HIS A 525 7.88 13.37 9.46
CA HIS A 525 9.28 13.59 9.09
C HIS A 525 9.48 13.51 7.58
N THR A 526 10.54 14.18 7.13
CA THR A 526 11.08 14.02 5.79
C THR A 526 12.32 13.13 5.84
N ALA A 527 12.83 12.78 4.66
CA ALA A 527 14.09 12.04 4.65
C ALA A 527 15.20 12.87 5.26
N ALA A 528 15.11 14.20 5.17
CA ALA A 528 16.18 15.06 5.68
C ALA A 528 16.20 15.07 7.20
N THR A 529 15.02 15.11 7.85
CA THR A 529 15.01 15.13 9.30
C THR A 529 15.37 13.76 9.88
N LEU A 530 14.87 12.68 9.27
CA LEU A 530 15.32 11.34 9.67
C LEU A 530 16.83 11.20 9.50
N ASP A 531 17.37 11.69 8.38
CA ASP A 531 18.81 11.65 8.16
C ASP A 531 19.58 12.51 9.16
N ALA A 532 19.01 13.63 9.61
CA ALA A 532 19.69 14.43 10.61
C ALA A 532 19.87 13.64 11.91
N LEU A 533 18.83 12.91 12.33
CA LEU A 533 18.90 12.15 13.58
C LEU A 533 19.80 10.93 13.45
N ALA A 534 19.73 10.21 12.31
CA ALA A 534 20.63 9.06 12.13
C ALA A 534 22.08 9.49 12.04
N GLY A 535 22.35 10.58 11.30
CA GLY A 535 23.72 11.09 11.24
C GLY A 535 24.23 11.54 12.59
N TYR A 536 23.36 12.14 13.40
CA TYR A 536 23.76 12.49 14.75
C TYR A 536 24.12 11.24 15.55
N LYS A 537 23.30 10.17 15.43
CA LYS A 537 23.65 8.88 16.03
C LYS A 537 25.01 8.40 15.55
N ARG A 538 25.24 8.44 14.22
CA ARG A 538 26.50 7.99 13.65
C ARG A 538 27.67 8.85 14.11
N SER A 539 27.42 10.13 14.41
CA SER A 539 28.50 10.96 14.93
C SER A 539 28.87 10.62 16.37
N GLY A 540 28.17 9.71 17.02
CA GLY A 540 28.47 9.37 18.39
C GLY A 540 27.52 9.94 19.41
N GLY A 541 26.49 10.67 19.00
CA GLY A 541 25.62 11.34 19.94
C GLY A 541 24.69 10.37 20.67
N ASN A 542 23.95 10.95 21.64
CA ASN A 542 22.93 10.23 22.40
C ASN A 542 21.54 10.77 22.05
N LEU A 543 20.57 9.87 22.00
CA LEU A 543 19.23 10.21 21.52
C LEU A 543 18.22 9.84 22.60
N ALA A 544 17.47 10.83 23.05
CA ALA A 544 16.41 10.64 24.05
C ALA A 544 15.07 10.74 23.35
N TYR A 545 14.49 9.58 22.99
CA TYR A 545 13.16 9.54 22.38
C TYR A 545 12.13 9.54 23.50
N LEU A 546 11.56 10.71 23.78
CA LEU A 546 10.72 10.89 24.96
C LEU A 546 9.23 10.86 24.65
N GLY A 547 8.84 10.30 23.50
CA GLY A 547 7.43 10.21 23.15
C GLY A 547 6.98 8.84 22.67
N GLY A 548 5.85 8.85 21.95
CA GLY A 548 5.33 7.63 21.34
C GLY A 548 4.86 7.91 19.92
N ASN A 549 4.81 6.84 19.14
CA ASN A 549 4.30 6.94 17.76
C ASN A 549 5.18 7.83 16.89
N GLY A 550 6.48 7.92 17.15
CA GLY A 550 7.33 8.76 16.34
C GLY A 550 7.69 8.12 15.00
N PHE A 551 8.11 8.99 14.05
CA PHE A 551 8.77 8.56 12.82
C PHE A 551 7.89 7.60 12.02
N TYR A 552 6.61 7.95 11.88
CA TYR A 552 5.55 7.10 11.34
C TYR A 552 5.09 7.54 9.97
N TRP A 553 4.88 8.83 9.76
CA TRP A 553 4.39 9.38 8.50
C TRP A 553 5.46 10.24 7.85
N ARG A 554 5.46 10.24 6.52
CA ARG A 554 6.27 11.13 5.72
C ARG A 554 5.52 12.43 5.41
N VAL A 555 6.26 13.54 5.31
CA VAL A 555 5.68 14.79 4.83
C VAL A 555 6.43 15.21 3.58
N GLY A 556 5.70 15.93 2.73
CA GLY A 556 6.27 16.53 1.55
C GLY A 556 6.38 18.03 1.74
N ARG A 557 7.32 18.60 1.01
CA ARG A 557 7.62 20.00 1.20
C ARG A 557 8.33 20.46 -0.04
N SER A 558 8.30 21.78 -0.22
CA SER A 558 8.92 22.39 -1.36
C SER A 558 9.32 23.79 -0.92
N GLU A 559 10.46 24.21 -1.46
CA GLU A 559 11.06 25.51 -1.56
C GLU A 559 10.20 26.39 -2.44
N ARG A 560 9.51 25.77 -3.41
CA ARG A 560 8.63 26.47 -4.34
C ARG A 560 7.29 26.85 -3.71
N VAL A 561 6.83 26.11 -2.70
CA VAL A 561 5.60 26.45 -1.98
C VAL A 561 5.89 26.52 -0.49
N PRO A 562 6.60 27.55 -0.04
CA PRO A 562 6.94 27.62 1.39
C PRO A 562 5.71 27.72 2.27
N GLY A 563 5.82 27.14 3.46
CA GLY A 563 4.77 27.22 4.44
C GLY A 563 3.68 26.16 4.33
N ALA A 564 3.83 25.19 3.44
CA ALA A 564 2.87 24.10 3.33
C ALA A 564 3.56 22.76 3.55
N LEU A 565 2.85 21.86 4.23
CA LEU A 565 3.23 20.46 4.37
C LEU A 565 2.17 19.61 3.69
N GLU A 566 2.61 18.51 3.06
CA GLU A 566 1.76 17.58 2.33
C GLU A 566 1.77 16.22 3.03
N VAL A 567 0.60 15.60 3.16
CA VAL A 567 0.47 14.27 3.77
C VAL A 567 -0.42 13.42 2.88
N ARG A 568 0.07 12.24 2.48
CA ARG A 568 -0.73 11.32 1.70
C ARG A 568 -0.79 9.98 2.42
N ARG A 569 -1.96 9.65 2.94
CA ARG A 569 -2.10 8.51 3.84
C ARG A 569 -2.31 7.25 3.01
N THR A 570 -1.19 6.69 2.55
CA THR A 570 -1.20 5.59 1.60
C THR A 570 -1.18 4.24 2.30
N GLU A 571 -1.65 3.22 1.58
CA GLU A 571 -1.45 1.80 1.88
C GLU A 571 -2.22 1.31 3.09
N GLY A 572 -1.90 1.82 4.28
CA GLY A 572 -2.53 1.27 5.47
C GLY A 572 -2.10 1.97 6.74
N GLY A 573 -2.01 1.21 7.83
CA GLY A 573 -1.79 1.81 9.13
C GLY A 573 -3.05 2.43 9.73
N VAL A 574 -2.85 3.06 10.88
CA VAL A 574 -3.91 3.82 11.55
C VAL A 574 -4.02 5.17 10.85
N ARG A 575 -5.11 5.39 10.12
CA ARG A 575 -5.20 6.62 9.35
C ARG A 575 -6.61 7.21 9.38
N ALA A 576 -6.67 8.55 9.39
CA ALA A 576 -7.93 9.28 9.39
C ALA A 576 -8.66 9.19 8.06
N TRP A 577 -7.94 8.95 6.96
CA TRP A 577 -8.52 8.73 5.64
C TRP A 577 -7.49 7.94 4.81
N ALA A 578 -7.93 7.48 3.63
CA ALA A 578 -7.09 6.64 2.77
C ALA A 578 -6.96 7.28 1.41
N ALA A 579 -5.71 7.47 0.95
CA ALA A 579 -5.44 7.94 -0.41
C ALA A 579 -6.00 6.98 -1.46
N GLU A 580 -6.35 7.52 -2.62
CA GLU A 580 -6.84 6.68 -3.71
C GLU A 580 -5.69 6.03 -4.46
N ALA A 581 -5.99 4.89 -5.08
CA ALA A 581 -5.00 4.20 -5.91
C ALA A 581 -4.42 5.15 -6.95
N GLY A 582 -3.10 5.06 -7.12
CA GLY A 582 -2.37 5.84 -8.10
C GLY A 582 -1.94 7.23 -7.65
N GLU A 583 -2.39 7.70 -6.48
CA GLU A 583 -2.10 9.04 -6.02
C GLU A 583 -1.22 9.02 -4.78
N TYR A 584 -0.23 8.14 -4.78
CA TYR A 584 0.63 7.91 -3.62
C TYR A 584 1.85 8.85 -3.58
N PHE A 585 2.21 9.45 -4.71
CA PHE A 585 3.34 10.36 -4.77
C PHE A 585 2.89 11.78 -4.47
N HIS A 586 3.70 12.48 -3.65
CA HIS A 586 3.43 13.87 -3.33
C HIS A 586 3.46 14.72 -4.60
N ALA A 587 2.61 15.75 -4.61
CA ALA A 587 2.74 16.77 -5.62
C ALA A 587 3.84 17.77 -5.29
N LEU A 588 4.11 18.04 -4.01
CA LEU A 588 5.06 19.11 -3.68
C LEU A 588 6.49 18.74 -4.04
N ASP A 589 6.91 17.49 -3.77
CA ASP A 589 8.29 17.06 -3.99
C ASP A 589 8.45 15.76 -4.75
N GLY A 590 7.35 15.13 -5.20
CA GLY A 590 7.38 13.94 -6.01
C GLY A 590 7.77 12.65 -5.30
N GLU A 591 7.89 12.66 -3.98
CA GLU A 591 8.30 11.46 -3.25
C GLU A 591 7.10 10.57 -2.94
N TYR A 592 7.38 9.28 -2.76
CA TYR A 592 6.38 8.32 -2.29
C TYR A 592 5.99 8.64 -0.85
N GLY A 593 4.70 8.96 -0.63
CA GLY A 593 4.22 9.33 0.69
C GLY A 593 3.65 8.16 1.48
N GLY A 594 3.26 8.47 2.71
CA GLY A 594 2.62 7.46 3.54
C GLY A 594 3.47 7.04 4.71
N LEU A 595 3.29 5.79 5.16
CA LEU A 595 4.07 5.27 6.28
C LEU A 595 5.55 5.26 5.94
N TRP A 596 6.40 5.57 6.93
CA TRP A 596 7.83 5.45 6.69
C TRP A 596 8.23 3.99 6.49
N ARG A 597 7.53 3.08 7.17
CA ARG A 597 7.57 1.67 6.82
C ARG A 597 7.49 1.48 5.31
N SER A 598 6.57 2.21 4.65
CA SER A 598 6.34 2.04 3.22
C SER A 598 7.47 2.59 2.36
N SER A 599 8.45 3.28 2.96
CA SER A 599 9.66 3.69 2.27
C SER A 599 10.90 3.09 2.93
N ALA A 600 10.74 1.90 3.52
CA ALA A 600 11.83 1.07 4.01
C ALA A 600 12.56 1.66 5.22
N ARG A 601 11.89 2.49 6.04
CA ARG A 601 12.49 3.05 7.25
C ARG A 601 11.54 2.88 8.44
N THR A 602 11.75 1.83 9.23
CA THR A 602 10.81 1.64 10.32
C THR A 602 11.28 2.39 11.57
N PRO A 603 10.34 2.84 12.41
CA PRO A 603 10.75 3.49 13.67
C PRO A 603 11.77 2.69 14.47
N GLN A 604 11.67 1.35 14.45
CA GLN A 604 12.58 0.52 15.24
C GLN A 604 14.02 0.71 14.82
N GLN A 605 14.26 1.02 13.55
CA GLN A 605 15.64 1.21 13.11
C GLN A 605 16.21 2.51 13.63
N LEU A 606 15.36 3.48 13.99
CA LEU A 606 15.91 4.72 14.52
C LEU A 606 16.02 4.67 16.03
N VAL A 607 15.01 4.13 16.73
CA VAL A 607 14.91 4.26 18.18
C VAL A 607 14.58 2.95 18.88
N GLY A 608 14.61 1.83 18.16
CA GLY A 608 14.48 0.53 18.79
C GLY A 608 13.07 0.09 19.11
N VAL A 609 12.09 0.98 19.06
CA VAL A 609 10.69 0.62 19.30
C VAL A 609 9.86 1.24 18.19
N GLY A 610 8.67 0.71 17.98
CA GLY A 610 7.79 1.22 16.95
C GLY A 610 6.35 1.10 17.36
N PHE A 611 5.54 2.06 16.92
CA PHE A 611 4.10 2.13 17.15
C PHE A 611 3.48 0.75 17.12
N SER A 612 2.84 0.37 18.21
CA SER A 612 2.27 -0.96 18.26
C SER A 612 0.83 -0.94 18.73
N SER A 613 0.44 0.05 19.53
CA SER A 613 -0.93 0.12 20.03
C SER A 613 -1.40 1.56 20.14
N GLN A 614 -2.71 1.75 19.98
CA GLN A 614 -3.35 3.05 20.12
C GLN A 614 -4.65 2.84 20.85
N GLY A 615 -4.96 3.76 21.76
CA GLY A 615 -6.21 3.74 22.46
C GLY A 615 -6.70 5.16 22.63
N PRO A 616 -7.64 5.34 23.54
CA PRO A 616 -8.08 6.70 23.90
C PRO A 616 -7.00 7.46 24.67
N PHE A 617 -7.25 8.72 25.03
CA PHE A 617 -6.29 9.51 25.80
C PHE A 617 -6.38 9.10 27.29
N GLU A 618 -5.76 7.95 27.60
CA GLU A 618 -5.71 7.43 28.96
C GLU A 618 -4.38 6.72 29.16
N GLY A 619 -3.81 6.84 30.35
CA GLY A 619 -2.51 6.26 30.63
C GLY A 619 -2.53 5.20 31.71
N SER A 620 -1.46 4.42 31.79
CA SER A 620 -1.33 3.35 32.76
C SER A 620 0.12 3.33 33.26
N HIS A 621 0.46 2.30 34.04
CA HIS A 621 1.75 2.23 34.72
C HIS A 621 2.71 1.28 33.99
N TYR A 622 4.00 1.47 34.26
CA TYR A 622 5.05 0.57 33.82
C TYR A 622 5.37 -0.44 34.92
N ARG A 623 5.93 -1.57 34.52
CA ARG A 623 6.47 -2.56 35.44
C ARG A 623 7.93 -2.80 35.10
N VAL A 624 8.80 -2.68 36.10
CA VAL A 624 10.23 -2.90 35.90
C VAL A 624 10.47 -4.36 35.57
N LEU A 625 11.25 -4.60 34.53
CA LEU A 625 11.82 -5.93 34.30
C LEU A 625 13.11 -5.96 35.08
N ASP A 626 13.08 -6.57 36.27
CA ASP A 626 14.23 -6.43 37.18
C ASP A 626 15.46 -7.15 36.65
N ALA A 627 15.29 -8.09 35.71
CA ALA A 627 16.44 -8.63 34.99
C ALA A 627 17.29 -7.52 34.37
N ALA A 628 16.72 -6.33 34.19
CA ALA A 628 17.42 -5.23 33.53
C ALA A 628 18.46 -4.59 34.44
N ARG A 629 18.19 -4.49 35.76
CA ARG A 629 19.07 -3.77 36.67
C ARG A 629 20.52 -4.25 36.57
N SER A 630 20.73 -5.53 36.20
CA SER A 630 22.07 -6.10 36.08
C SER A 630 22.69 -5.95 34.70
N GLN A 631 21.89 -5.65 33.68
CA GLN A 631 22.39 -5.51 32.31
C GLN A 631 22.95 -4.12 32.09
N PRO A 632 23.66 -3.92 30.97
CA PRO A 632 24.13 -2.57 30.61
C PRO A 632 22.97 -1.58 30.55
N GLY A 633 23.13 -0.47 31.26
CA GLY A 633 22.11 0.56 31.34
C GLY A 633 21.01 0.30 32.35
N GLY A 634 21.10 -0.77 33.14
CA GLY A 634 20.14 -1.00 34.20
C GLY A 634 20.35 -0.14 35.43
N SER A 635 21.53 0.46 35.56
CA SER A 635 21.71 1.46 36.60
C SER A 635 20.79 2.65 36.40
N LEU A 636 20.24 2.82 35.18
CA LEU A 636 19.24 3.86 34.95
C LEU A 636 18.00 3.67 35.81
N LEU A 637 17.76 2.46 36.31
CA LEU A 637 16.62 2.18 37.17
C LEU A 637 16.94 2.42 38.65
N LYS A 638 18.15 2.84 38.99
CA LYS A 638 18.50 3.12 40.37
C LYS A 638 17.61 4.23 40.93
N ASP A 639 17.19 4.06 42.19
CA ASP A 639 16.25 4.93 42.90
C ASP A 639 14.81 4.85 42.37
N ILE A 640 14.45 3.77 41.68
CA ILE A 640 13.05 3.45 41.41
C ILE A 640 12.79 2.12 42.11
N ALA A 641 11.99 2.16 43.18
CA ALA A 641 11.75 0.96 43.97
C ALA A 641 11.08 -0.12 43.14
N GLY A 642 9.94 0.20 42.55
CA GLY A 642 9.21 -0.77 41.78
C GLY A 642 8.32 -1.64 42.65
N PRO A 643 7.79 -2.72 42.07
CA PRO A 643 8.03 -3.16 40.68
C PRO A 643 7.23 -2.32 39.68
N LEU A 644 6.15 -1.66 40.10
CA LEU A 644 5.44 -0.72 39.26
C LEU A 644 5.95 0.70 39.49
N PHE A 645 5.63 1.58 38.52
CA PHE A 645 5.86 3.01 38.66
C PHE A 645 5.13 3.74 37.53
N GLY A 646 4.94 5.04 37.71
CA GLY A 646 4.39 5.86 36.65
C GLY A 646 2.88 5.90 36.55
N GLY A 647 2.15 5.38 37.55
CA GLY A 647 0.68 5.42 37.50
C GLY A 647 0.08 6.77 37.85
N TYR A 648 0.55 7.83 37.19
CA TYR A 648 0.16 9.23 37.43
C TYR A 648 0.49 10.02 36.17
N GLY A 649 -0.12 11.18 36.04
CA GLY A 649 0.36 12.10 35.02
C GLY A 649 -0.70 13.07 34.58
N LEU A 650 -0.23 14.22 34.08
CA LEU A 650 -1.15 15.21 33.56
C LEU A 650 -1.72 14.82 32.20
N SER A 651 -1.11 13.88 31.49
CA SER A 651 -1.65 13.38 30.22
C SER A 651 -2.32 12.04 30.51
N GLY A 652 -3.62 12.08 30.76
CA GLY A 652 -4.42 10.88 30.94
C GLY A 652 -4.08 10.02 32.16
N GLY A 653 -3.41 10.57 33.16
CA GLY A 653 -3.26 9.87 34.43
C GLY A 653 -2.30 8.71 34.47
N GLY A 654 -1.40 8.58 33.50
CA GLY A 654 -0.44 7.49 33.48
C GLY A 654 0.70 7.74 32.53
N ALA A 655 1.89 7.24 32.90
CA ALA A 655 3.08 7.53 32.10
C ALA A 655 3.19 6.69 30.83
N ALA A 656 2.39 5.63 30.67
CA ALA A 656 2.33 4.84 29.44
C ALA A 656 0.91 4.89 28.92
N GLY A 657 0.67 5.64 27.84
CA GLY A 657 -0.71 5.82 27.40
C GLY A 657 -0.82 6.50 26.05
N PHE A 658 -2.06 6.43 25.50
CA PHE A 658 -2.53 7.02 24.25
C PHE A 658 -2.05 6.24 23.02
N GLU A 659 -0.76 6.35 22.70
CA GLU A 659 -0.18 5.61 21.60
C GLU A 659 1.14 5.04 22.10
N LEU A 660 1.32 3.72 21.97
CA LEU A 660 2.42 3.02 22.60
C LEU A 660 3.34 2.39 21.54
N ASP A 661 4.64 2.32 21.86
CA ASP A 661 5.66 1.67 21.04
C ASP A 661 6.25 0.48 21.79
N SER A 662 6.54 -0.62 21.09
CA SER A 662 7.17 -1.80 21.69
C SER A 662 8.29 -2.30 20.77
N THR A 663 9.01 -3.33 21.22
CA THR A 663 10.15 -3.83 20.47
C THR A 663 9.71 -4.86 19.44
N GLU A 664 10.40 -4.86 18.30
CA GLU A 664 10.21 -5.84 17.22
C GLU A 664 11.57 -6.07 16.55
N ALA A 665 12.22 -7.23 16.82
CA ALA A 665 13.52 -7.49 16.19
C ALA A 665 13.37 -7.58 14.67
N ALA A 666 12.25 -8.16 14.21
CA ALA A 666 11.97 -8.28 12.78
C ALA A 666 11.82 -6.91 12.12
N ASP A 667 11.19 -5.96 12.80
CA ASP A 667 11.07 -4.59 12.27
C ASP A 667 12.33 -3.76 12.52
N GLY A 668 13.43 -4.35 13.00
CA GLY A 668 14.72 -3.66 13.06
C GLY A 668 15.32 -3.39 14.44
N THR A 669 14.71 -3.82 15.53
CA THR A 669 15.30 -3.55 16.83
C THR A 669 16.68 -4.21 16.93
N PRO A 670 17.71 -3.48 17.38
CA PRO A 670 19.03 -4.09 17.56
C PRO A 670 19.01 -5.24 18.58
N ALA A 671 19.90 -6.22 18.34
CA ALA A 671 19.95 -7.41 19.19
C ALA A 671 20.47 -7.11 20.59
N ASN A 672 21.14 -5.97 20.79
CA ASN A 672 21.62 -5.57 22.10
C ASN A 672 20.62 -4.68 22.85
N VAL A 673 19.36 -4.61 22.39
CA VAL A 673 18.37 -3.79 23.07
C VAL A 673 18.14 -4.31 24.48
N ILE A 674 18.02 -3.39 25.43
CA ILE A 674 17.77 -3.72 26.82
C ILE A 674 16.39 -3.16 27.15
N ILE A 675 15.42 -4.04 27.42
CA ILE A 675 14.09 -3.60 27.82
C ILE A 675 14.12 -3.32 29.32
N LEU A 676 13.98 -2.04 29.71
CA LEU A 676 14.02 -1.70 31.13
C LEU A 676 12.67 -1.85 31.82
N ALA A 677 11.57 -1.60 31.12
CA ALA A 677 10.25 -1.68 31.73
C ALA A 677 9.22 -1.90 30.65
N ARG A 678 8.04 -2.39 31.07
CA ARG A 678 6.99 -2.74 30.13
C ARG A 678 5.62 -2.48 30.75
N SER A 679 4.79 -1.69 30.07
CA SER A 679 3.51 -1.27 30.62
C SER A 679 2.50 -2.42 30.60
N GLU A 680 1.37 -2.19 31.29
CA GLU A 680 0.31 -3.18 31.46
C GLU A 680 -0.94 -2.49 31.99
N SER A 681 -2.06 -3.23 31.92
CA SER A 681 -3.35 -2.82 32.47
C SER A 681 -3.99 -1.67 31.69
N HIS A 682 -3.76 -1.61 30.39
CA HIS A 682 -4.45 -0.62 29.56
C HIS A 682 -5.91 -1.01 29.38
N SER A 683 -6.77 0.00 29.15
CA SER A 683 -8.18 -0.33 29.04
C SER A 683 -8.44 -1.19 27.79
N ALA A 684 -9.61 -1.84 27.78
CA ALA A 684 -9.95 -2.72 26.66
C ALA A 684 -10.04 -1.97 25.35
N ALA A 685 -10.19 -0.64 25.41
CA ALA A 685 -10.27 0.18 24.21
C ALA A 685 -8.95 0.25 23.42
N PHE A 686 -7.83 -0.20 24.00
CA PHE A 686 -6.56 -0.18 23.28
C PHE A 686 -6.50 -1.33 22.30
N GLY A 687 -6.20 -1.02 21.03
CA GLY A 687 -6.14 -1.99 19.96
C GLY A 687 -4.82 -1.94 19.21
N PRO A 688 -4.66 -2.84 18.23
CA PRO A 688 -3.37 -2.93 17.54
C PRO A 688 -3.22 -1.98 16.36
N ALA A 689 -1.97 -1.56 16.14
CA ALA A 689 -1.67 -0.70 15.00
C ALA A 689 -1.80 -1.55 13.73
N LEU A 690 -2.66 -1.12 12.81
CA LEU A 690 -3.05 -2.00 11.71
C LEU A 690 -1.85 -2.40 10.85
N ASP A 691 -0.92 -1.47 10.62
CA ASP A 691 0.20 -1.78 9.73
C ASP A 691 1.15 -2.82 10.32
N ALA A 692 1.01 -3.16 11.61
CA ALA A 692 1.77 -4.22 12.23
C ALA A 692 1.10 -5.59 12.08
N LEU A 693 0.07 -5.70 11.24
CA LEU A 693 -0.76 -6.91 11.16
C LEU A 693 -0.79 -7.50 9.76
N LEU A 694 -0.67 -8.83 9.70
CA LEU A 694 -0.98 -9.61 8.50
C LEU A 694 -2.45 -10.04 8.44
N SER A 695 -3.04 -10.38 9.58
CA SER A 695 -4.47 -10.61 9.70
C SER A 695 -4.92 -10.11 11.05
N HIS A 696 -6.22 -10.24 11.31
CA HIS A 696 -6.75 -9.84 12.60
C HIS A 696 -6.34 -10.79 13.72
N THR A 697 -5.60 -11.87 13.42
CA THR A 697 -5.13 -12.78 14.45
C THR A 697 -3.61 -12.98 14.41
N ALA A 698 -2.88 -12.23 13.59
CA ALA A 698 -1.45 -12.48 13.51
C ALA A 698 -0.70 -11.21 13.14
N THR A 699 0.34 -10.91 13.91
CA THR A 699 1.23 -9.79 13.64
C THR A 699 2.25 -10.15 12.54
N ARG A 700 3.02 -9.15 12.12
CA ARG A 700 4.05 -9.37 11.11
C ARG A 700 5.10 -10.35 11.62
N ALA A 701 5.29 -10.42 12.94
CA ALA A 701 6.17 -11.38 13.58
C ALA A 701 5.47 -12.70 13.86
N ARG A 702 4.24 -12.87 13.38
CA ARG A 702 3.45 -14.07 13.60
C ARG A 702 3.22 -14.36 15.09
N LYS A 703 3.14 -13.32 15.92
CA LYS A 703 2.65 -13.42 17.28
C LYS A 703 1.19 -12.98 17.31
N THR A 704 0.50 -13.22 18.43
CA THR A 704 -0.89 -12.75 18.43
C THR A 704 -0.94 -11.25 18.66
N PRO A 705 -1.99 -10.57 18.19
CA PRO A 705 -2.02 -9.10 18.27
C PRO A 705 -2.02 -8.53 19.69
N ASP A 706 -2.51 -9.25 20.70
CA ASP A 706 -2.47 -8.72 22.06
C ASP A 706 -1.05 -8.48 22.55
N THR A 707 -0.05 -9.15 21.99
CA THR A 707 1.34 -8.84 22.33
C THR A 707 1.75 -7.44 21.92
N LEU A 708 0.90 -6.73 21.17
CA LEU A 708 1.17 -5.36 20.75
C LEU A 708 0.68 -4.33 21.76
N ILE A 709 -0.28 -4.66 22.62
CA ILE A 709 -0.84 -3.66 23.53
C ILE A 709 0.11 -3.48 24.71
N ARG A 710 1.18 -2.70 24.51
CA ARG A 710 2.17 -2.49 25.55
C ARG A 710 3.13 -1.38 25.13
N SER A 711 3.58 -0.56 26.10
CA SER A 711 4.70 0.34 25.89
C SER A 711 5.93 -0.22 26.59
N GLU A 712 7.07 -0.16 25.91
CA GLU A 712 8.33 -0.71 26.40
C GLU A 712 9.39 0.38 26.42
N ILE A 713 10.04 0.58 27.59
CA ILE A 713 11.15 1.52 27.71
C ILE A 713 12.45 0.76 27.51
N VAL A 714 13.28 1.22 26.57
CA VAL A 714 14.48 0.49 26.16
C VAL A 714 15.70 1.40 26.18
N TYR A 715 16.87 0.78 26.31
CA TYR A 715 18.14 1.47 26.21
C TYR A 715 19.07 0.57 25.42
N TYR A 716 19.91 1.17 24.58
CA TYR A 716 20.92 0.38 23.88
C TYR A 716 22.01 1.30 23.39
N GLU A 717 23.16 0.70 23.08
CA GLU A 717 24.28 1.45 22.54
C GLU A 717 24.23 1.39 21.02
N THR A 718 24.57 2.51 20.38
CA THR A 718 24.49 2.58 18.94
C THR A 718 25.64 1.84 18.27
N GLY A 719 26.75 1.64 18.99
CA GLY A 719 27.97 1.14 18.39
C GLY A 719 28.87 2.22 17.83
N TYR A 720 28.43 3.48 17.85
CA TYR A 720 29.25 4.61 17.41
C TYR A 720 29.79 5.41 18.57
N GLY A 721 29.53 5.02 19.81
CA GLY A 721 29.99 5.74 20.98
C GLY A 721 28.89 6.28 21.87
N GLY A 722 27.70 6.52 21.31
CA GLY A 722 26.57 7.01 22.07
C GLY A 722 25.54 5.92 22.34
N ALA A 723 24.39 6.35 22.88
CA ALA A 723 23.32 5.42 23.22
C ALA A 723 21.98 6.03 22.85
N VAL A 724 20.93 5.19 22.94
CA VAL A 724 19.54 5.57 22.68
C VAL A 724 18.69 5.22 23.90
N PHE A 725 17.84 6.15 24.32
CA PHE A 725 16.86 5.93 25.38
C PHE A 725 15.47 6.25 24.83
N SER A 726 14.56 5.27 24.90
CA SER A 726 13.24 5.37 24.29
C SER A 726 12.15 4.98 25.28
N VAL A 727 11.08 5.75 25.33
CA VAL A 727 10.01 5.50 26.28
C VAL A 727 8.80 4.89 25.58
N GLY A 728 8.64 5.18 24.30
CA GLY A 728 7.52 4.67 23.51
C GLY A 728 6.14 4.98 24.06
N SER A 729 5.88 6.22 24.45
CA SER A 729 4.56 6.59 24.96
C SER A 729 4.37 8.09 24.83
N ILE A 730 3.22 8.52 24.33
CA ILE A 730 3.00 9.96 24.16
C ILE A 730 2.84 10.65 25.52
N THR A 731 2.25 9.96 26.50
CA THR A 731 1.95 10.57 27.77
C THR A 731 3.11 10.54 28.74
N PHE A 732 4.28 10.02 28.32
CA PHE A 732 5.38 9.78 29.26
C PHE A 732 5.75 11.06 29.99
N CYS A 733 6.01 12.16 29.26
CA CYS A 733 6.41 13.41 29.89
C CYS A 733 5.32 14.07 30.71
N GLY A 734 4.06 13.70 30.51
CA GLY A 734 2.97 14.24 31.33
C GLY A 734 3.07 13.89 32.79
N ALA A 735 3.95 12.96 33.16
CA ALA A 735 4.11 12.52 34.53
C ALA A 735 5.32 13.15 35.21
N LEU A 736 6.07 13.99 34.50
CA LEU A 736 7.33 14.48 35.03
C LEU A 736 7.15 15.39 36.25
N SER A 737 6.13 16.27 36.24
CA SER A 737 5.96 17.26 37.30
C SER A 737 5.17 16.74 38.51
N HIS A 738 4.73 15.49 38.49
CA HIS A 738 3.94 14.92 39.58
C HIS A 738 4.70 15.01 40.90
N ASN A 739 3.98 15.35 41.97
CA ASN A 739 4.55 15.42 43.32
C ASN A 739 5.71 16.40 43.37
N ASP A 740 5.48 17.62 42.87
CA ASP A 740 6.50 18.64 42.76
C ASP A 740 7.81 18.08 42.21
N TYR A 741 7.74 17.55 40.99
CA TYR A 741 8.91 17.13 40.22
C TYR A 741 9.72 16.03 40.92
N ARG A 742 9.14 15.38 41.94
CA ARG A 742 9.80 14.29 42.66
C ARG A 742 8.91 13.06 42.53
N ASN A 743 9.33 12.12 41.70
CA ASN A 743 8.58 10.91 41.43
C ASN A 743 9.48 9.98 40.63
N ASP A 744 8.99 8.78 40.34
CA ASP A 744 9.82 7.79 39.67
C ASP A 744 10.10 8.17 38.22
N VAL A 745 9.08 8.72 37.54
CA VAL A 745 9.27 9.12 36.16
C VAL A 745 10.30 10.25 36.06
N SER A 746 10.22 11.22 36.98
CA SER A 746 11.23 12.28 37.01
C SER A 746 12.63 11.73 37.28
N THR A 747 12.75 10.80 38.23
CA THR A 747 14.05 10.21 38.57
C THR A 747 14.67 9.50 37.37
N LEU A 748 13.85 8.78 36.60
CA LEU A 748 14.36 8.03 35.46
C LEU A 748 14.96 8.97 34.42
N LEU A 749 14.25 10.03 34.07
CA LEU A 749 14.77 10.95 33.06
C LEU A 749 16.04 11.63 33.57
N ARG A 750 16.07 11.99 34.85
CA ARG A 750 17.30 12.56 35.40
C ARG A 750 18.48 11.60 35.24
N ASN A 751 18.28 10.31 35.52
CA ASN A 751 19.35 9.33 35.33
C ASN A 751 19.81 9.30 33.88
N VAL A 752 18.87 9.38 32.93
CA VAL A 752 19.23 9.34 31.53
C VAL A 752 20.08 10.56 31.18
N LEU A 753 19.59 11.76 31.53
CA LEU A 753 20.31 12.98 31.13
C LEU A 753 21.66 13.14 31.83
N ILE A 754 21.80 12.66 33.08
CA ILE A 754 23.11 12.66 33.72
C ILE A 754 24.06 11.71 33.00
N ARG A 755 23.58 10.49 32.71
CA ARG A 755 24.39 9.52 32.01
C ARG A 755 24.80 10.04 30.63
N PHE A 756 23.84 10.58 29.87
CA PHE A 756 24.07 11.12 28.54
C PHE A 756 24.96 12.35 28.53
N SER A 757 25.39 12.86 29.68
CA SER A 757 26.14 14.10 29.71
C SER A 757 27.61 13.93 30.07
N ARG A 758 28.08 12.71 30.23
CA ARG A 758 29.51 12.47 30.41
C ARG A 758 30.20 12.16 29.07
N MET B 17 7.48 -41.52 0.24
CA MET B 17 7.31 -41.14 -1.18
C MET B 17 6.03 -41.61 -1.93
N ILE B 18 5.80 -40.99 -3.09
CA ILE B 18 4.55 -41.12 -3.84
C ILE B 18 4.76 -42.07 -5.02
N THR B 19 3.95 -43.14 -5.07
CA THR B 19 4.14 -44.19 -6.06
C THR B 19 3.88 -43.70 -7.47
N ILE B 20 2.74 -43.08 -7.72
CA ILE B 20 2.45 -42.55 -9.05
C ILE B 20 1.83 -41.17 -8.88
N THR B 21 2.32 -40.21 -9.67
CA THR B 21 1.78 -38.86 -9.68
C THR B 21 2.15 -38.20 -10.99
N GLY B 22 1.63 -37.00 -11.22
CA GLY B 22 1.96 -36.31 -12.46
C GLY B 22 1.22 -35.01 -12.61
N TYR B 23 1.26 -34.49 -13.84
CA TYR B 23 0.67 -33.21 -14.17
C TYR B 23 0.55 -33.13 -15.69
N SER B 24 -0.16 -32.11 -16.16
CA SER B 24 -0.36 -31.85 -17.59
C SER B 24 0.20 -30.48 -17.96
N ASP B 25 0.53 -30.32 -19.25
CA ASP B 25 1.05 -29.04 -19.73
C ASP B 25 -0.03 -27.95 -19.73
N VAL B 26 -1.30 -28.32 -19.94
CA VAL B 26 -2.40 -27.38 -19.90
C VAL B 26 -3.52 -28.02 -19.11
N LEU B 27 -4.48 -27.21 -18.67
CA LEU B 27 -5.58 -27.72 -17.88
C LEU B 27 -6.90 -27.70 -18.62
N SER B 28 -6.97 -27.11 -19.82
CA SER B 28 -8.19 -27.14 -20.60
C SER B 28 -7.86 -27.21 -22.10
N ALA B 29 -8.75 -27.85 -22.84
CA ALA B 29 -8.62 -27.93 -24.29
C ALA B 29 -9.99 -27.92 -24.92
N GLY B 30 -10.12 -27.18 -26.01
CA GLY B 30 -11.35 -27.19 -26.76
C GLY B 30 -11.33 -28.32 -27.78
N PRO B 31 -12.37 -28.41 -28.61
CA PRO B 31 -12.43 -29.47 -29.62
C PRO B 31 -11.20 -29.43 -30.54
N GLY B 32 -10.52 -30.57 -30.64
CA GLY B 32 -9.35 -30.66 -31.50
C GLY B 32 -8.03 -30.23 -30.90
N GLU B 33 -8.03 -29.74 -29.64
CA GLU B 33 -6.81 -29.36 -28.94
C GLU B 33 -6.29 -30.54 -28.11
N THR B 34 -5.01 -30.50 -27.75
CA THR B 34 -4.33 -31.63 -27.14
C THR B 34 -3.80 -31.33 -25.73
N VAL B 35 -4.00 -32.26 -24.81
CA VAL B 35 -3.42 -32.18 -23.47
C VAL B 35 -2.34 -33.26 -23.35
N GLU B 36 -1.13 -32.85 -22.95
CA GLU B 36 -0.01 -33.75 -22.74
C GLU B 36 0.15 -34.06 -21.25
N PHE B 37 0.17 -35.33 -20.90
CA PHE B 37 0.24 -35.77 -19.51
C PHE B 37 1.63 -36.31 -19.18
N LYS B 38 2.18 -35.88 -18.06
CA LYS B 38 3.54 -36.24 -17.67
C LYS B 38 3.49 -36.97 -16.32
N VAL B 39 3.87 -38.24 -16.32
CA VAL B 39 3.68 -39.15 -15.19
C VAL B 39 5.05 -39.58 -14.65
N SER B 40 5.12 -39.69 -13.32
CA SER B 40 6.28 -40.29 -12.66
C SER B 40 5.78 -41.48 -11.87
N SER B 41 6.30 -42.65 -12.20
CA SER B 41 5.89 -43.89 -11.57
C SER B 41 7.12 -44.55 -10.98
N LYS B 42 7.03 -44.96 -9.72
CA LYS B 42 8.14 -45.63 -9.07
C LYS B 42 7.98 -47.14 -9.09
N SER B 43 7.08 -47.63 -9.81
CA SER B 43 6.85 -49.07 -9.96
C SER B 43 7.69 -49.64 -11.09
N PRO B 44 8.01 -50.93 -11.01
CA PRO B 44 8.73 -51.59 -12.10
C PRO B 44 7.82 -52.06 -13.21
N HIS B 45 6.44 -52.18 -12.95
CA HIS B 45 5.37 -52.57 -13.87
C HIS B 45 4.82 -51.35 -14.61
N PRO B 46 4.31 -51.52 -15.82
CA PRO B 46 3.63 -50.42 -16.51
C PRO B 46 2.35 -50.01 -15.75
N PHE B 47 1.91 -48.77 -16.00
CA PHE B 47 0.68 -48.21 -15.42
C PHE B 47 -0.39 -48.04 -16.50
N THR B 48 -1.64 -47.91 -16.05
CA THR B 48 -2.78 -47.68 -16.92
C THR B 48 -3.31 -46.26 -16.71
N ALA B 49 -3.76 -45.65 -17.81
CA ALA B 49 -4.43 -44.36 -17.79
C ALA B 49 -5.82 -44.58 -18.36
N GLU B 50 -6.84 -44.08 -17.68
CA GLU B 50 -8.22 -44.21 -18.14
C GLU B 50 -8.95 -42.89 -17.96
N LEU B 51 -9.64 -42.41 -19.00
CA LEU B 51 -10.41 -41.16 -18.90
C LEU B 51 -11.66 -41.34 -18.04
N VAL B 52 -11.92 -40.37 -17.14
CA VAL B 52 -13.13 -40.31 -16.35
C VAL B 52 -13.72 -38.90 -16.40
N ARG B 53 -15.03 -38.81 -16.15
CA ARG B 53 -15.69 -37.55 -15.86
C ARG B 53 -15.92 -37.47 -14.35
N VAL B 54 -15.42 -36.40 -13.73
CA VAL B 54 -15.59 -36.21 -12.29
C VAL B 54 -16.97 -35.62 -12.01
N ILE B 55 -17.74 -36.28 -11.16
CA ILE B 55 -19.08 -35.84 -10.79
C ILE B 55 -19.10 -35.28 -9.37
N HIS B 56 -18.49 -35.98 -8.42
CA HIS B 56 -18.38 -35.48 -7.07
C HIS B 56 -17.02 -35.91 -6.54
N ALA B 57 -16.24 -34.99 -6.00
CA ALA B 57 -14.87 -35.29 -5.59
C ALA B 57 -14.68 -35.29 -4.07
N ASP B 58 -15.76 -35.18 -3.30
CA ASP B 58 -15.70 -35.10 -1.84
C ASP B 58 -15.90 -36.50 -1.25
N PRO B 59 -14.91 -37.07 -0.55
CA PRO B 59 -15.05 -38.44 -0.04
C PRO B 59 -15.75 -38.57 1.30
N ASN B 60 -16.40 -37.51 1.81
CA ASN B 60 -17.03 -37.58 3.13
C ASN B 60 -18.18 -38.59 3.10
N PRO B 61 -18.18 -39.58 3.98
CA PRO B 61 -19.32 -40.51 4.03
C PRO B 61 -20.64 -39.82 4.23
N ALA B 62 -20.66 -38.69 4.93
CA ALA B 62 -21.93 -38.03 5.22
C ALA B 62 -22.50 -37.28 4.03
N GLY B 63 -21.83 -37.33 2.87
CA GLY B 63 -22.30 -36.66 1.68
C GLY B 63 -22.18 -37.59 0.49
N PRO B 64 -22.56 -37.10 -0.69
CA PRO B 64 -22.66 -37.97 -1.88
C PRO B 64 -21.47 -38.90 -2.16
N GLY B 65 -20.29 -38.67 -1.56
CA GLY B 65 -19.14 -39.53 -1.80
C GLY B 65 -18.48 -39.32 -3.18
N MET B 66 -17.38 -40.03 -3.40
CA MET B 66 -16.68 -39.97 -4.68
C MET B 66 -17.57 -40.52 -5.78
N ARG B 67 -17.60 -39.84 -6.92
CA ARG B 67 -18.51 -40.20 -8.01
C ARG B 67 -17.87 -39.85 -9.35
N PHE B 68 -17.65 -40.85 -10.20
CA PHE B 68 -17.09 -40.68 -11.53
C PHE B 68 -17.96 -41.34 -12.58
N GLU B 69 -17.74 -40.96 -13.84
CA GLU B 69 -18.33 -41.66 -14.98
C GLU B 69 -17.18 -42.19 -15.81
N PRO B 70 -16.93 -43.49 -15.82
CA PRO B 70 -15.75 -44.01 -16.53
C PRO B 70 -15.95 -43.89 -18.04
N LEU B 71 -14.94 -43.37 -18.73
CA LEU B 71 -14.96 -43.23 -20.18
C LEU B 71 -13.71 -43.89 -20.80
N GLY B 72 -13.40 -45.10 -20.35
CA GLY B 72 -12.26 -45.83 -20.88
C GLY B 72 -12.41 -46.17 -22.35
N GLN B 73 -13.65 -46.23 -22.85
CA GLN B 73 -13.94 -46.48 -24.25
C GLN B 73 -13.61 -45.25 -25.10
N VAL B 74 -13.42 -44.09 -24.47
CA VAL B 74 -12.95 -42.89 -25.13
C VAL B 74 -11.43 -42.82 -25.13
N PHE B 75 -10.82 -43.10 -23.98
CA PHE B 75 -9.36 -43.16 -23.92
C PHE B 75 -8.92 -44.16 -22.84
N SER B 76 -8.08 -45.11 -23.23
CA SER B 76 -7.41 -46.02 -22.32
C SER B 76 -6.03 -46.29 -22.87
N GLY B 77 -5.10 -46.57 -21.98
CA GLY B 77 -3.75 -46.88 -22.43
C GLY B 77 -2.96 -47.52 -21.31
N THR B 78 -1.90 -48.21 -21.70
CA THR B 78 -0.94 -48.86 -20.81
C THR B 78 0.44 -48.31 -21.15
N PHE B 79 1.17 -47.81 -20.16
CA PHE B 79 2.41 -47.09 -20.43
C PHE B 79 3.52 -47.53 -19.49
N ALA B 80 4.75 -47.50 -20.01
CA ALA B 80 5.89 -47.89 -19.20
C ALA B 80 6.10 -46.87 -18.08
N SER B 81 6.40 -47.39 -16.89
CA SER B 81 6.62 -46.56 -15.71
C SER B 81 8.06 -46.07 -15.69
N PHE B 82 8.24 -44.76 -15.58
CA PHE B 82 9.57 -44.18 -15.41
C PHE B 82 9.57 -43.32 -14.15
N ASP B 83 10.64 -43.46 -13.37
CA ASP B 83 10.82 -42.62 -12.20
C ASP B 83 11.48 -41.32 -12.64
N LYS B 84 10.73 -40.20 -12.56
CA LYS B 84 11.22 -38.87 -12.96
C LYS B 84 11.38 -37.98 -11.74
N PRO B 85 12.48 -37.25 -11.63
CA PRO B 85 12.81 -36.56 -10.37
C PRO B 85 12.22 -35.16 -10.25
N LEU B 86 12.22 -34.67 -9.02
CA LEU B 86 11.85 -33.29 -8.69
C LEU B 86 13.04 -32.67 -7.96
N LEU B 87 13.64 -31.65 -8.55
CA LEU B 87 14.85 -31.05 -8.00
C LEU B 87 14.58 -29.59 -7.68
N PRO B 88 14.13 -29.28 -6.48
CA PRO B 88 13.88 -27.86 -6.12
C PRO B 88 15.18 -27.07 -6.04
N GLY B 89 15.03 -25.75 -6.16
CA GLY B 89 16.18 -24.88 -6.02
C GLY B 89 16.50 -24.12 -7.30
N SER B 90 16.52 -22.79 -7.23
CA SER B 90 16.71 -21.94 -8.39
C SER B 90 18.17 -21.56 -8.55
N PHE B 91 18.58 -21.29 -9.79
CA PHE B 91 19.95 -20.94 -10.16
C PHE B 91 19.95 -20.53 -11.63
N ALA B 92 21.09 -20.05 -12.11
CA ALA B 92 21.30 -19.73 -13.52
C ALA B 92 22.37 -20.65 -14.10
N ARG B 93 22.18 -21.07 -15.35
CA ARG B 93 23.17 -21.88 -16.07
C ARG B 93 23.68 -21.13 -17.31
N VAL B 94 25.00 -20.91 -17.37
CA VAL B 94 25.67 -20.41 -18.58
C VAL B 94 26.33 -21.59 -19.29
N SER B 95 25.77 -22.01 -20.44
CA SER B 95 26.26 -23.20 -21.11
C SER B 95 26.98 -22.84 -22.41
N GLY B 96 27.68 -23.81 -22.98
CA GLY B 96 28.46 -23.54 -24.17
C GLY B 96 29.61 -22.57 -24.00
N VAL B 97 30.30 -22.63 -22.85
CA VAL B 97 31.41 -21.71 -22.60
C VAL B 97 32.65 -22.51 -22.22
N PRO B 98 33.85 -22.00 -22.49
CA PRO B 98 35.06 -22.71 -22.08
C PRO B 98 35.30 -22.56 -20.57
N ALA B 99 36.26 -23.33 -20.08
CA ALA B 99 36.67 -23.17 -18.68
C ALA B 99 37.39 -21.84 -18.51
N ALA B 100 37.08 -21.16 -17.42
CA ALA B 100 37.61 -19.82 -17.18
C ALA B 100 39.01 -19.87 -16.58
N GLY B 101 39.79 -18.86 -16.91
CA GLY B 101 41.13 -18.75 -16.38
C GLY B 101 42.15 -18.60 -17.49
N SER B 102 43.34 -18.11 -17.15
CA SER B 102 44.45 -17.95 -18.07
C SER B 102 45.74 -18.28 -17.33
N ALA B 103 46.87 -18.13 -18.00
CA ALA B 103 48.13 -18.37 -17.29
C ALA B 103 48.40 -17.30 -16.25
N ALA B 104 47.76 -16.14 -16.35
CA ALA B 104 47.94 -15.10 -15.34
C ALA B 104 47.12 -15.38 -14.09
N GLY B 105 46.06 -16.18 -14.22
CA GLY B 105 45.25 -16.56 -13.09
C GLY B 105 43.77 -16.59 -13.40
N LEU B 106 42.96 -16.25 -12.40
CA LEU B 106 41.50 -16.25 -12.47
C LEU B 106 40.97 -15.35 -11.35
N VAL B 107 39.99 -14.51 -11.65
CA VAL B 107 39.29 -13.70 -10.64
C VAL B 107 37.79 -13.82 -10.88
N ALA B 108 37.01 -14.03 -9.80
CA ALA B 108 35.56 -14.04 -9.90
C ALA B 108 34.98 -13.42 -8.64
N GLY B 109 33.80 -12.81 -8.78
CA GLY B 109 33.14 -12.19 -7.64
C GLY B 109 31.73 -11.72 -7.98
N ALA B 110 31.06 -11.14 -6.99
CA ALA B 110 29.67 -10.73 -7.08
C ALA B 110 29.29 -9.94 -5.84
N ARG B 111 28.15 -9.26 -5.93
CA ARG B 111 27.49 -8.59 -4.81
C ARG B 111 26.33 -9.45 -4.34
N ILE B 112 26.31 -9.78 -3.04
CA ILE B 112 25.36 -10.76 -2.53
C ILE B 112 24.72 -10.24 -1.25
N ARG B 113 23.52 -10.76 -0.99
CA ARG B 113 22.77 -10.55 0.25
C ARG B 113 22.25 -11.91 0.66
N PRO B 114 23.00 -12.65 1.49
CA PRO B 114 22.55 -13.99 1.90
C PRO B 114 21.42 -13.89 2.91
N THR B 115 20.35 -14.62 2.68
CA THR B 115 19.18 -14.54 3.55
C THR B 115 18.99 -15.76 4.43
N ALA B 116 19.88 -16.75 4.38
CA ALA B 116 19.73 -17.96 5.19
C ALA B 116 21.02 -18.75 5.33
N LEU B 117 22.04 -18.18 5.97
CA LEU B 117 23.34 -18.84 5.95
C LEU B 117 23.39 -20.09 6.81
N ALA B 118 22.43 -20.31 7.70
CA ALA B 118 22.47 -21.52 8.52
C ALA B 118 22.05 -22.76 7.75
N ARG B 119 21.60 -22.61 6.49
CA ARG B 119 21.08 -23.74 5.74
C ARG B 119 22.18 -24.56 5.08
N GLY B 120 23.44 -24.15 5.19
CA GLY B 120 24.55 -24.96 4.70
C GLY B 120 25.36 -24.24 3.65
N ASP B 121 26.18 -25.02 2.95
CA ASP B 121 27.02 -24.46 1.91
C ASP B 121 26.15 -23.93 0.80
N GLN B 122 26.32 -22.65 0.45
CA GLN B 122 25.48 -22.00 -0.54
C GLN B 122 26.36 -21.33 -1.58
N CYS B 123 26.24 -21.77 -2.83
CA CYS B 123 27.19 -21.42 -3.87
C CYS B 123 26.80 -20.13 -4.58
N VAL B 124 27.73 -19.17 -4.63
CA VAL B 124 27.50 -17.94 -5.39
C VAL B 124 27.72 -18.17 -6.88
N MET B 125 28.89 -18.67 -7.24
CA MET B 125 29.33 -18.93 -8.60
C MET B 125 30.12 -20.23 -8.63
N SER B 126 29.94 -21.03 -9.67
CA SER B 126 30.71 -22.27 -9.76
C SER B 126 30.86 -22.66 -11.22
N GLN B 127 31.94 -23.40 -11.50
CA GLN B 127 32.17 -24.06 -12.79
C GLN B 127 32.97 -25.32 -12.51
N TRP B 128 32.41 -26.49 -12.80
CA TRP B 128 33.02 -27.73 -12.33
C TRP B 128 32.85 -28.84 -13.37
N ASN B 129 33.97 -29.19 -14.03
CA ASN B 129 34.05 -30.41 -14.83
C ASN B 129 34.28 -31.51 -13.82
N THR B 130 33.23 -32.28 -13.55
CA THR B 130 33.26 -33.20 -12.41
C THR B 130 34.23 -34.34 -12.66
N ALA B 131 34.37 -34.80 -13.91
CA ALA B 131 35.21 -35.96 -14.22
C ALA B 131 36.71 -35.63 -14.12
N ARG B 132 37.13 -34.51 -14.68
CA ARG B 132 38.53 -34.11 -14.68
C ARG B 132 38.96 -33.37 -13.40
N HIS B 133 38.10 -33.29 -12.38
CA HIS B 133 38.37 -32.57 -11.13
C HIS B 133 38.94 -31.17 -11.39
N ALA B 134 38.27 -30.40 -12.24
CA ALA B 134 38.77 -29.10 -12.65
C ALA B 134 37.68 -28.05 -12.58
N GLY B 135 37.96 -26.94 -11.90
CA GLY B 135 37.06 -25.82 -11.88
C GLY B 135 37.14 -25.07 -10.57
N PHE B 136 36.11 -24.27 -10.32
CA PHE B 136 36.08 -23.40 -9.15
C PHE B 136 34.66 -23.28 -8.62
N ALA B 137 34.56 -22.89 -7.36
CA ALA B 137 33.28 -22.65 -6.71
C ALA B 137 33.52 -21.74 -5.53
N LEU B 138 32.71 -20.68 -5.46
CA LEU B 138 32.73 -19.70 -4.37
C LEU B 138 31.44 -19.87 -3.57
N LEU B 139 31.59 -20.24 -2.29
CA LEU B 139 30.45 -20.60 -1.45
C LEU B 139 30.47 -19.79 -0.16
N VAL B 140 29.30 -19.62 0.44
CA VAL B 140 29.19 -18.96 1.72
C VAL B 140 28.45 -19.90 2.65
N SER B 141 28.63 -19.69 3.93
CA SER B 141 27.97 -20.47 4.98
C SER B 141 28.14 -19.71 6.28
N GLU B 142 27.71 -20.33 7.38
CA GLU B 142 27.92 -19.67 8.66
C GLU B 142 29.40 -19.62 9.04
N ARG B 143 30.27 -20.33 8.32
CA ARG B 143 31.69 -20.30 8.58
C ARG B 143 32.43 -19.19 7.85
N GLY B 144 31.82 -18.58 6.86
CA GLY B 144 32.50 -17.55 6.11
C GLY B 144 32.42 -17.78 4.62
N LEU B 145 33.44 -17.34 3.90
CA LEU B 145 33.47 -17.40 2.44
C LEU B 145 34.55 -18.39 2.00
N GLU B 146 34.19 -19.34 1.13
CA GLU B 146 35.07 -20.48 0.87
C GLU B 146 35.28 -20.65 -0.62
N LEU B 147 36.54 -20.80 -1.03
CA LEU B 147 36.89 -21.13 -2.40
C LEU B 147 37.27 -22.61 -2.49
N ARG B 148 36.70 -23.33 -3.46
CA ARG B 148 37.09 -24.70 -3.78
C ARG B 148 37.68 -24.71 -5.19
N LEU B 149 38.89 -25.23 -5.35
CA LEU B 149 39.56 -25.34 -6.65
C LEU B 149 39.76 -26.80 -7.01
N GLY B 150 39.45 -27.15 -8.25
CA GLY B 150 39.79 -28.49 -8.71
C GLY B 150 41.28 -28.71 -8.65
N ALA B 151 41.68 -29.97 -8.43
CA ALA B 151 43.09 -30.30 -8.24
C ALA B 151 43.60 -31.45 -9.10
N GLY B 152 42.81 -32.02 -9.99
CA GLY B 152 43.29 -33.08 -10.85
C GLY B 152 42.68 -34.43 -10.53
N THR B 153 43.01 -35.40 -11.39
CA THR B 153 42.36 -36.71 -11.37
C THR B 153 42.57 -37.48 -10.07
N GLY B 154 43.71 -37.27 -9.40
CA GLY B 154 43.98 -38.04 -8.20
C GLY B 154 44.24 -37.22 -6.95
N GLU B 155 43.51 -36.14 -6.78
CA GLU B 155 43.72 -35.27 -5.64
C GLU B 155 42.37 -34.73 -5.19
N PRO B 156 42.19 -34.53 -3.88
CA PRO B 156 41.01 -33.80 -3.41
C PRO B 156 41.13 -32.32 -3.74
N PRO B 157 40.01 -31.58 -3.74
CA PRO B 157 40.07 -30.17 -4.13
C PRO B 157 40.75 -29.31 -3.09
N VAL B 158 41.28 -28.19 -3.57
CA VAL B 158 41.80 -27.15 -2.68
C VAL B 158 40.62 -26.43 -2.03
N CYS B 159 40.78 -26.08 -0.76
CA CYS B 159 39.77 -25.27 -0.09
C CYS B 159 40.52 -24.15 0.63
N VAL B 160 40.09 -22.91 0.38
CA VAL B 160 40.60 -21.74 1.09
C VAL B 160 39.42 -21.04 1.75
N LEU B 161 39.49 -20.86 3.07
CA LEU B 161 38.38 -20.26 3.83
C LEU B 161 38.77 -18.89 4.40
N CYS B 162 37.88 -17.91 4.15
CA CYS B 162 37.92 -16.55 4.72
C CYS B 162 36.84 -16.50 5.80
N ALA B 163 37.24 -16.77 7.05
CA ALA B 163 36.30 -16.86 8.15
C ALA B 163 35.69 -15.49 8.44
N ALA B 164 34.38 -15.40 8.29
CA ALA B 164 33.65 -14.17 8.60
C ALA B 164 32.25 -14.53 9.05
N ARG B 165 31.70 -13.72 9.95
CA ARG B 165 30.33 -13.86 10.44
C ARG B 165 29.47 -12.90 9.60
N LEU B 166 28.86 -13.42 8.54
CA LEU B 166 28.08 -12.61 7.61
C LEU B 166 26.61 -12.51 8.03
N GLU B 167 26.03 -11.32 7.86
CA GLU B 167 24.62 -11.10 8.17
C GLU B 167 23.81 -10.87 6.87
N VAL B 168 22.53 -10.52 7.03
CA VAL B 168 21.66 -10.28 5.86
C VAL B 168 21.86 -8.82 5.47
N ARG B 169 22.96 -8.56 4.78
CA ARG B 169 23.35 -7.24 4.28
C ARG B 169 24.01 -7.45 2.92
N TRP B 170 24.28 -6.34 2.22
CA TRP B 170 24.99 -6.40 0.95
C TRP B 170 26.49 -6.53 1.18
N TYR B 171 27.09 -7.60 0.67
CA TYR B 171 28.54 -7.78 0.70
C TYR B 171 29.05 -7.91 -0.72
N ASP B 172 30.31 -7.51 -0.92
CA ASP B 172 31.08 -7.86 -2.11
C ASP B 172 31.97 -9.06 -1.79
N VAL B 173 31.89 -10.11 -2.59
CA VAL B 173 32.68 -11.33 -2.38
C VAL B 173 33.53 -11.58 -3.61
N TRP B 174 34.73 -12.11 -3.40
CA TRP B 174 35.62 -12.40 -4.52
C TRP B 174 36.66 -13.44 -4.14
N PHE B 175 37.24 -14.05 -5.17
CA PHE B 175 38.51 -14.74 -5.07
C PHE B 175 39.40 -14.32 -6.23
N ALA B 176 40.72 -14.40 -6.02
CA ALA B 176 41.69 -14.11 -7.07
C ALA B 176 42.86 -15.08 -6.95
N ILE B 177 43.18 -15.75 -8.05
CA ILE B 177 44.36 -16.59 -8.20
C ILE B 177 45.35 -15.80 -9.06
N ASP B 178 46.41 -15.26 -8.46
CA ASP B 178 47.41 -14.49 -9.19
C ASP B 178 48.66 -15.33 -9.30
N THR B 179 48.93 -15.88 -10.49
CA THR B 179 50.10 -16.74 -10.61
C THR B 179 51.40 -15.94 -10.48
N ALA B 180 51.40 -14.67 -10.91
CA ALA B 180 52.61 -13.87 -10.86
C ALA B 180 53.09 -13.64 -9.42
N SER B 181 52.17 -13.37 -8.49
CA SER B 181 52.52 -13.19 -7.09
C SER B 181 52.48 -14.47 -6.29
N ASN B 182 52.09 -15.58 -6.90
CA ASN B 182 52.02 -16.87 -6.21
C ASN B 182 51.11 -16.77 -4.99
N ARG B 183 49.93 -16.18 -5.21
CA ARG B 183 48.97 -15.91 -4.15
C ARG B 183 47.59 -16.34 -4.59
N ILE B 184 46.83 -16.90 -3.66
CA ILE B 184 45.38 -16.99 -3.72
C ILE B 184 44.83 -15.99 -2.70
N GLU B 185 43.76 -15.29 -3.07
CA GLU B 185 43.10 -14.36 -2.16
C GLU B 185 41.60 -14.65 -2.16
N VAL B 186 41.00 -14.68 -0.97
CA VAL B 186 39.54 -14.82 -0.80
C VAL B 186 39.10 -13.74 0.18
N GLY B 187 38.19 -12.86 -0.24
CA GLY B 187 37.81 -11.72 0.58
C GLY B 187 36.33 -11.36 0.53
N VAL B 188 35.88 -10.68 1.58
CA VAL B 188 34.50 -10.19 1.71
C VAL B 188 34.50 -8.82 2.40
N THR B 189 33.84 -7.84 1.78
CA THR B 189 33.68 -6.50 2.35
C THR B 189 32.22 -6.03 2.32
N GLU B 190 31.76 -5.49 3.45
CA GLU B 190 30.42 -4.91 3.56
C GLU B 190 30.31 -3.68 2.65
N VAL B 191 29.24 -3.63 1.84
CA VAL B 191 29.07 -2.56 0.85
C VAL B 191 28.85 -1.21 1.53
N ASP B 192 28.00 -1.19 2.55
CA ASP B 192 27.74 0.05 3.27
C ASP B 192 28.83 0.24 4.32
N GLY B 193 29.76 1.17 4.07
CA GLY B 193 30.80 1.41 5.06
C GLY B 193 30.40 2.29 6.21
N SER B 194 29.21 2.90 6.14
CA SER B 194 28.78 3.82 7.17
C SER B 194 28.27 3.13 8.43
N VAL B 195 28.14 1.79 8.40
CA VAL B 195 27.66 1.03 9.55
C VAL B 195 28.71 1.08 10.67
N ALA B 196 28.31 0.66 11.87
CA ALA B 196 29.20 0.81 13.02
C ALA B 196 30.48 -0.03 12.86
N ALA B 197 30.35 -1.33 12.56
CA ALA B 197 31.51 -2.23 12.42
C ALA B 197 31.50 -2.91 11.05
N PRO B 198 31.92 -2.21 9.99
CA PRO B 198 31.85 -2.83 8.65
C PRO B 198 32.79 -4.01 8.54
N VAL B 199 32.26 -5.11 8.00
CA VAL B 199 33.04 -6.34 7.81
C VAL B 199 34.04 -6.13 6.68
N ARG B 200 35.32 -6.38 6.95
CA ARG B 200 36.33 -6.41 5.88
C ARG B 200 37.34 -7.49 6.26
N HIS B 201 37.24 -8.66 5.63
CA HIS B 201 38.09 -9.79 5.91
C HIS B 201 38.69 -10.30 4.62
N ARG B 202 39.87 -10.92 4.72
CA ARG B 202 40.44 -11.60 3.58
C ARG B 202 41.41 -12.65 4.09
N THR B 203 41.68 -13.64 3.24
CA THR B 203 42.58 -14.74 3.55
C THR B 203 43.57 -14.85 2.40
N LEU B 204 44.86 -14.97 2.71
CA LEU B 204 45.93 -15.05 1.73
C LEU B 204 46.68 -16.38 1.88
N GLN B 205 46.73 -17.16 0.81
CA GLN B 205 47.47 -18.41 0.78
C GLN B 205 48.51 -18.36 -0.34
N MET B 206 49.59 -19.12 -0.19
CA MET B 206 50.55 -19.25 -1.27
C MET B 206 50.04 -20.26 -2.29
N LEU B 207 50.22 -19.94 -3.56
CA LEU B 207 49.64 -20.77 -4.62
C LEU B 207 50.42 -22.07 -4.78
N ASP B 208 51.75 -21.99 -4.83
CA ASP B 208 52.69 -23.14 -4.86
C ASP B 208 52.30 -24.19 -5.89
N ALA B 209 51.97 -23.74 -7.10
CA ALA B 209 51.59 -24.63 -8.19
C ALA B 209 50.46 -25.60 -7.79
N ARG B 210 49.54 -25.13 -6.93
CA ARG B 210 48.28 -25.83 -6.68
C ARG B 210 47.16 -25.45 -7.68
N TRP B 211 47.50 -24.71 -8.74
CA TRP B 211 46.60 -24.33 -9.83
C TRP B 211 47.45 -23.94 -11.04
N ARG B 212 47.08 -24.35 -12.27
CA ARG B 212 47.45 -23.52 -13.44
C ARG B 212 46.40 -23.56 -14.51
N ALA B 213 46.77 -22.85 -15.57
CA ALA B 213 45.87 -22.46 -16.61
C ALA B 213 45.05 -23.65 -17.08
N PRO B 214 43.76 -23.44 -17.31
CA PRO B 214 42.89 -24.54 -17.72
C PRO B 214 43.21 -25.03 -19.13
N HIS B 215 42.69 -26.21 -19.44
CA HIS B 215 42.87 -26.83 -20.74
C HIS B 215 41.51 -26.95 -21.41
N SER B 216 41.52 -27.02 -22.74
CA SER B 216 40.29 -27.05 -23.51
C SER B 216 39.27 -28.04 -22.96
N ASP B 217 39.72 -29.24 -22.57
CA ASP B 217 38.80 -30.28 -22.09
C ASP B 217 38.28 -30.05 -20.68
N ASP B 218 38.79 -29.05 -19.97
CA ASP B 218 38.28 -28.68 -18.65
C ASP B 218 36.95 -27.95 -18.71
N ALA B 219 36.46 -27.64 -19.91
CA ALA B 219 35.29 -26.80 -20.10
C ALA B 219 34.06 -27.43 -19.47
N ALA B 220 33.18 -26.57 -18.95
CA ALA B 220 31.95 -27.01 -18.30
C ALA B 220 31.05 -25.80 -18.12
N ASP B 221 29.79 -26.07 -17.82
CA ASP B 221 28.86 -24.99 -17.58
C ASP B 221 29.28 -24.16 -16.37
N LEU B 222 29.06 -22.86 -16.47
CA LEU B 222 29.21 -21.93 -15.35
C LEU B 222 27.84 -21.72 -14.73
N LEU B 223 27.75 -21.93 -13.41
CA LEU B 223 26.50 -21.78 -12.69
C LEU B 223 26.58 -20.57 -11.75
N ILE B 224 25.43 -19.94 -11.55
CA ILE B 224 25.27 -18.91 -10.53
C ILE B 224 24.16 -19.36 -9.60
N GLY B 225 24.48 -19.50 -8.32
CA GLY B 225 23.52 -19.94 -7.32
C GLY B 225 23.54 -21.41 -6.97
N ALA B 226 24.37 -22.23 -7.65
CA ALA B 226 24.38 -23.66 -7.38
C ALA B 226 25.70 -24.25 -7.86
N LEU B 227 25.93 -25.53 -7.51
CA LEU B 227 27.16 -26.23 -7.81
C LEU B 227 26.88 -27.62 -8.37
N GLU B 228 27.60 -28.00 -9.43
CA GLU B 228 27.38 -29.31 -10.04
C GLU B 228 28.68 -30.13 -10.06
N ASP B 229 28.85 -30.98 -9.04
CA ASP B 229 29.78 -32.10 -9.13
C ASP B 229 28.97 -33.38 -8.91
N ARG B 233 23.85 -31.78 -8.38
CA ARG B 233 23.49 -30.35 -8.32
C ARG B 233 23.06 -29.96 -6.91
N ARG B 234 23.87 -29.15 -6.24
CA ARG B 234 23.74 -28.94 -4.81
C ARG B 234 24.16 -27.52 -4.46
N ALA B 235 24.08 -27.20 -3.16
CA ALA B 235 24.48 -25.89 -2.60
C ALA B 235 23.71 -24.74 -3.23
N HIS B 236 22.39 -24.86 -3.26
CA HIS B 236 21.57 -23.79 -3.82
C HIS B 236 21.59 -22.55 -2.93
N PHE B 237 21.87 -21.40 -3.53
CA PHE B 237 22.05 -20.15 -2.79
C PHE B 237 20.71 -19.57 -2.36
N ASN B 238 20.68 -18.99 -1.15
CA ASN B 238 19.52 -18.31 -0.60
C ASN B 238 19.84 -16.83 -0.43
N GLY B 239 19.17 -15.99 -1.20
CA GLY B 239 19.37 -14.56 -1.12
C GLY B 239 19.51 -13.94 -2.50
N GLN B 240 20.07 -12.73 -2.52
CA GLN B 240 20.15 -11.92 -3.73
C GLN B 240 21.57 -11.94 -4.28
N ILE B 241 21.70 -12.16 -5.58
CA ILE B 241 22.97 -12.03 -6.27
C ILE B 241 22.84 -10.90 -7.27
N GLU B 242 23.91 -10.12 -7.43
CA GLU B 242 23.93 -8.93 -8.26
C GLU B 242 25.28 -8.81 -8.95
N ALA B 243 25.28 -8.62 -10.26
CA ALA B 243 26.48 -8.34 -11.05
C ALA B 243 27.65 -9.31 -10.82
N PRO B 244 27.45 -10.61 -11.04
CA PRO B 244 28.59 -11.53 -11.02
C PRO B 244 29.45 -11.31 -12.25
N PHE B 245 30.73 -11.65 -12.12
CA PHE B 245 31.68 -11.47 -13.22
C PHE B 245 32.84 -12.47 -13.08
N VAL B 246 33.49 -12.73 -14.20
CA VAL B 246 34.70 -13.53 -14.26
C VAL B 246 35.74 -12.76 -15.07
N ALA B 247 36.97 -12.73 -14.58
CA ALA B 247 38.08 -12.16 -15.33
C ALA B 247 39.24 -13.15 -15.32
N ASP B 248 40.00 -13.18 -16.42
CA ASP B 248 41.17 -14.06 -16.51
C ASP B 248 42.48 -13.28 -16.48
N ALA B 249 42.51 -12.18 -15.72
CA ALA B 249 43.69 -11.37 -15.54
C ALA B 249 43.47 -10.52 -14.30
N LEU B 250 44.48 -9.81 -13.89
CA LEU B 250 44.26 -8.91 -12.77
C LEU B 250 44.15 -7.46 -13.25
N PRO B 251 43.50 -6.58 -12.46
CA PRO B 251 43.28 -5.21 -12.95
C PRO B 251 44.56 -4.38 -13.06
N GLU B 261 44.59 -2.24 2.97
CA GLU B 261 43.97 -1.22 2.11
C GLU B 261 43.40 -1.89 0.85
N TYR B 262 43.22 -3.21 0.90
CA TYR B 262 42.57 -3.92 -0.20
C TYR B 262 41.11 -3.51 -0.36
N ALA B 263 40.62 -3.59 -1.60
CA ALA B 263 39.21 -3.43 -1.92
C ALA B 263 38.78 -4.58 -2.81
N ALA B 264 37.48 -4.78 -2.90
CA ALA B 264 36.95 -5.87 -3.69
C ALA B 264 37.10 -5.57 -5.18
N PRO B 265 37.65 -6.48 -5.97
CA PRO B 265 37.63 -6.28 -7.42
C PRO B 265 36.20 -6.40 -7.95
N ARG B 266 35.83 -5.48 -8.81
CA ARG B 266 34.53 -5.55 -9.48
C ARG B 266 34.76 -5.53 -10.98
N ALA B 267 33.69 -5.75 -11.74
CA ALA B 267 33.83 -5.83 -13.21
C ALA B 267 34.31 -4.50 -13.80
N SER B 268 33.97 -3.37 -13.19
CA SER B 268 34.42 -2.08 -13.70
C SER B 268 35.93 -1.92 -13.68
N ASP B 269 36.64 -2.72 -12.90
CA ASP B 269 38.09 -2.58 -12.73
C ASP B 269 38.91 -3.26 -13.83
N PHE B 270 38.28 -3.86 -14.84
CA PHE B 270 39.00 -4.74 -15.77
C PHE B 270 39.01 -4.21 -17.19
N SER B 271 40.07 -4.54 -17.93
CA SER B 271 40.10 -4.34 -19.38
C SER B 271 38.86 -4.95 -20.00
N THR B 272 38.46 -4.44 -21.17
CA THR B 272 37.51 -5.22 -21.95
C THR B 272 38.09 -6.60 -22.25
N ASP B 273 39.39 -6.64 -22.54
CA ASP B 273 40.07 -7.91 -22.81
C ASP B 273 39.94 -8.84 -21.60
N ALA B 274 40.28 -8.34 -20.40
CA ALA B 274 40.40 -9.22 -19.24
C ALA B 274 39.09 -9.83 -18.78
N LEU B 275 37.92 -9.35 -19.24
CA LEU B 275 36.64 -9.84 -18.75
C LEU B 275 36.20 -11.08 -19.53
N TYR B 276 36.00 -12.18 -18.80
CA TYR B 276 35.43 -13.40 -19.37
C TYR B 276 33.93 -13.27 -19.57
N ALA B 277 33.25 -12.55 -18.66
CA ALA B 277 31.81 -12.31 -18.64
C ALA B 277 31.47 -11.35 -17.51
N ALA B 278 30.39 -10.60 -17.69
CA ALA B 278 29.90 -9.73 -16.62
C ALA B 278 28.40 -9.59 -16.80
N TRP B 279 27.61 -10.24 -15.95
CA TRP B 279 26.17 -10.23 -16.12
C TRP B 279 25.53 -9.06 -15.40
N ASP B 280 24.54 -8.44 -16.05
CA ASP B 280 23.80 -7.33 -15.51
C ASP B 280 22.37 -7.83 -15.34
N PHE B 281 21.98 -8.06 -14.08
CA PHE B 281 20.68 -8.72 -13.91
C PHE B 281 19.52 -7.80 -14.21
N ALA B 282 19.79 -6.51 -14.44
CA ALA B 282 18.76 -5.52 -14.77
C ALA B 282 18.21 -5.69 -16.18
N ARG B 283 18.96 -6.33 -17.08
CA ARG B 283 18.49 -6.55 -18.43
C ARG B 283 17.57 -7.76 -18.50
N GLY B 284 16.32 -7.51 -18.88
CA GLY B 284 15.39 -8.58 -19.20
C GLY B 284 14.65 -9.09 -17.99
N ILE B 285 14.27 -8.16 -17.10
CA ILE B 285 13.68 -8.50 -15.81
C ILE B 285 12.44 -9.36 -15.96
N ASP B 286 11.69 -9.22 -17.05
CA ASP B 286 10.49 -10.01 -17.30
C ASP B 286 10.74 -11.26 -18.13
N THR B 287 11.99 -11.75 -18.16
CA THR B 287 12.39 -12.95 -18.88
C THR B 287 13.18 -13.87 -17.95
N LEU B 288 13.52 -15.05 -18.48
CA LEU B 288 14.39 -15.99 -17.78
C LEU B 288 15.83 -15.95 -18.28
N LYS B 289 16.23 -14.94 -19.07
CA LYS B 289 17.58 -14.88 -19.60
C LYS B 289 18.41 -13.91 -18.77
N ILE B 290 19.67 -14.28 -18.49
CA ILE B 290 20.60 -13.37 -17.83
C ILE B 290 21.65 -12.94 -18.86
N ALA B 291 21.81 -11.63 -18.99
CA ALA B 291 22.51 -11.04 -20.11
C ALA B 291 23.95 -10.73 -19.71
N ASP B 292 24.89 -11.18 -20.54
CA ASP B 292 26.30 -10.89 -20.38
C ASP B 292 26.61 -9.64 -21.19
N THR B 293 27.23 -8.66 -20.56
CA THR B 293 27.51 -7.41 -21.24
C THR B 293 28.86 -7.38 -21.94
N THR B 294 29.74 -8.36 -21.73
CA THR B 294 30.98 -8.32 -22.49
C THR B 294 30.73 -8.77 -23.91
N PRO B 295 31.63 -8.45 -24.84
CA PRO B 295 31.48 -8.95 -26.21
C PRO B 295 31.47 -10.47 -26.32
N HIS B 296 31.75 -11.21 -25.25
CA HIS B 296 31.67 -12.65 -25.36
C HIS B 296 30.23 -13.11 -25.48
N ALA B 297 29.28 -12.26 -25.04
CA ALA B 297 27.84 -12.53 -25.10
C ALA B 297 27.50 -13.89 -24.49
N ARG B 298 28.11 -14.20 -23.33
CA ARG B 298 27.91 -15.49 -22.67
C ARG B 298 26.68 -15.42 -21.76
N HIS B 299 25.52 -15.41 -22.41
CA HIS B 299 24.24 -15.31 -21.73
C HIS B 299 23.93 -16.62 -21.00
N GLY B 300 22.93 -16.57 -20.12
CA GLY B 300 22.57 -17.72 -19.34
C GLY B 300 21.06 -17.84 -19.19
N THR B 301 20.62 -18.94 -18.60
CA THR B 301 19.19 -19.18 -18.43
C THR B 301 18.85 -19.52 -16.99
N LEU B 302 17.82 -18.84 -16.45
CA LEU B 302 17.37 -19.08 -15.08
C LEU B 302 16.49 -20.32 -15.03
N GLN B 303 16.64 -21.10 -13.95
CA GLN B 303 15.93 -22.37 -13.74
C GLN B 303 15.13 -22.31 -12.45
N ASN B 304 13.97 -22.97 -12.46
CA ASN B 304 13.07 -23.00 -11.30
C ASN B 304 12.52 -21.62 -10.93
N LEU B 305 12.60 -20.65 -11.85
CA LEU B 305 11.96 -19.36 -11.70
C LEU B 305 12.34 -18.65 -10.39
N PRO B 306 13.60 -18.23 -10.24
CA PRO B 306 13.97 -17.35 -9.13
C PRO B 306 13.22 -16.03 -9.26
N THR B 307 13.25 -15.21 -8.22
CA THR B 307 12.40 -14.02 -8.19
C THR B 307 13.15 -12.82 -8.73
N ARG B 308 12.63 -12.23 -9.80
CA ARG B 308 13.23 -11.03 -10.36
C ARG B 308 12.40 -9.82 -9.95
N ALA B 309 12.84 -8.64 -10.38
CA ALA B 309 12.18 -7.39 -10.01
C ALA B 309 12.20 -7.22 -8.49
N VAL B 310 13.41 -7.27 -7.94
CA VAL B 310 13.65 -7.05 -6.53
C VAL B 310 14.70 -5.96 -6.36
N ARG B 311 14.72 -5.36 -5.18
CA ARG B 311 15.65 -4.25 -4.96
C ARG B 311 17.08 -4.75 -5.08
N SER B 312 17.94 -3.93 -5.69
CA SER B 312 19.36 -4.20 -5.78
C SER B 312 20.09 -3.22 -4.86
N SER B 313 21.42 -3.21 -4.92
CA SER B 313 22.15 -2.45 -3.89
C SER B 313 21.94 -0.96 -4.06
N ALA B 314 21.69 -0.49 -5.28
CA ALA B 314 21.57 0.94 -5.54
C ALA B 314 20.19 1.50 -5.22
N TRP B 315 19.18 0.65 -5.00
CA TRP B 315 17.85 1.11 -4.64
C TRP B 315 17.95 2.08 -3.46
N ASN B 316 17.35 3.26 -3.62
CA ASN B 316 17.45 4.31 -2.62
C ASN B 316 16.11 4.91 -2.22
N GLY B 317 15.01 4.46 -2.79
CA GLY B 317 13.69 4.93 -2.41
C GLY B 317 13.05 5.88 -3.42
N ARG B 318 13.84 6.49 -4.30
CA ARG B 318 13.28 7.43 -5.25
C ARG B 318 12.54 6.74 -6.39
N GLU B 319 12.84 5.49 -6.68
CA GLU B 319 12.16 4.73 -7.71
C GLU B 319 11.47 3.53 -7.09
N ARG B 320 10.25 3.24 -7.56
CA ARG B 320 9.47 2.13 -7.05
C ARG B 320 8.96 1.22 -8.16
N CYS B 321 9.33 1.49 -9.40
CA CYS B 321 8.87 0.73 -10.57
C CYS B 321 10.07 0.33 -11.43
N TRP B 322 10.30 -0.97 -11.57
CA TRP B 322 11.47 -1.46 -12.31
C TRP B 322 11.41 -1.13 -13.80
N ARG B 323 10.21 -0.85 -14.32
CA ARG B 323 10.09 -0.58 -15.75
C ARG B 323 10.76 0.75 -16.14
N THR B 324 10.84 1.72 -15.24
CA THR B 324 11.50 2.97 -15.58
C THR B 324 12.82 3.17 -14.85
N ALA B 325 13.22 2.26 -13.97
CA ALA B 325 14.45 2.41 -13.21
C ALA B 325 15.12 1.06 -13.00
N PRO B 326 15.50 0.39 -14.08
CA PRO B 326 16.05 -0.97 -13.95
C PRO B 326 17.32 -1.05 -13.13
N ALA B 327 18.09 0.03 -13.03
CA ALA B 327 19.33 -0.10 -12.28
C ALA B 327 19.10 -0.25 -10.77
N HIS B 328 17.89 0.06 -10.28
CA HIS B 328 17.59 -0.18 -8.89
C HIS B 328 17.05 -1.58 -8.63
N TYR B 329 16.90 -2.40 -9.68
CA TYR B 329 16.36 -3.75 -9.59
C TYR B 329 17.29 -4.73 -10.29
N ALA B 330 18.60 -4.53 -10.14
CA ALA B 330 19.62 -5.27 -10.87
C ALA B 330 20.12 -6.51 -10.12
N ALA B 331 19.23 -7.15 -9.36
CA ALA B 331 19.53 -8.30 -8.52
C ALA B 331 18.46 -9.38 -8.73
N ILE B 332 18.80 -10.62 -8.41
CA ILE B 332 17.86 -11.73 -8.48
C ILE B 332 17.86 -12.44 -7.14
N HIS B 333 16.67 -12.85 -6.68
CA HIS B 333 16.51 -13.56 -5.40
C HIS B 333 16.34 -15.08 -5.63
N PHE B 334 17.32 -15.86 -5.20
CA PHE B 334 17.29 -17.32 -5.34
C PHE B 334 16.81 -17.96 -4.05
N HIS B 335 16.10 -19.07 -4.18
CA HIS B 335 15.58 -19.82 -3.03
C HIS B 335 15.86 -21.30 -3.24
N ASP B 336 16.38 -21.97 -2.20
CA ASP B 336 16.66 -23.38 -2.41
C ASP B 336 15.38 -24.23 -2.53
N ASP B 337 14.20 -23.65 -2.41
CA ASP B 337 12.97 -24.41 -2.61
C ASP B 337 12.13 -23.91 -3.79
N ASP B 338 12.66 -23.02 -4.64
CA ASP B 338 11.92 -22.65 -5.85
C ASP B 338 11.65 -23.90 -6.71
N LEU B 339 10.41 -24.05 -7.17
CA LEU B 339 10.03 -25.17 -8.05
C LEU B 339 9.17 -24.68 -9.20
N HIS B 340 9.70 -24.73 -10.43
CA HIS B 340 8.90 -24.43 -11.62
C HIS B 340 9.35 -25.33 -12.77
N ASP B 341 8.42 -26.05 -13.37
CA ASP B 341 8.67 -26.91 -14.54
C ASP B 341 9.57 -28.09 -14.19
N ALA B 342 8.96 -29.24 -13.93
CA ALA B 342 9.71 -30.42 -13.61
C ALA B 342 10.45 -30.97 -14.84
N GLY B 343 10.05 -30.55 -16.05
CA GLY B 343 10.71 -31.00 -17.25
C GLY B 343 10.48 -32.45 -17.59
N TRP B 344 9.43 -33.07 -17.03
CA TRP B 344 9.12 -34.47 -17.29
C TRP B 344 8.66 -34.68 -18.72
N SER B 345 9.12 -35.80 -19.30
CA SER B 345 8.71 -36.19 -20.63
C SER B 345 7.24 -36.64 -20.64
N THR B 346 6.56 -36.35 -21.74
CA THR B 346 5.16 -36.71 -21.89
C THR B 346 4.99 -38.23 -22.05
N ASP B 347 4.25 -38.85 -21.15
CA ASP B 347 3.98 -40.27 -21.32
C ASP B 347 2.87 -40.51 -22.33
N PHE B 348 1.82 -39.68 -22.33
CA PHE B 348 0.76 -39.80 -23.32
C PHE B 348 0.08 -38.45 -23.55
N ALA B 349 -0.68 -38.38 -24.64
CA ALA B 349 -1.44 -37.18 -24.98
C ALA B 349 -2.87 -37.58 -25.29
N PHE B 350 -3.77 -36.62 -25.22
CA PHE B 350 -5.19 -36.81 -25.51
C PHE B 350 -5.64 -35.63 -26.34
N THR B 351 -6.27 -35.91 -27.48
CA THR B 351 -6.86 -34.87 -28.32
C THR B 351 -8.39 -34.94 -28.22
N VAL B 352 -9.02 -33.81 -27.92
CA VAL B 352 -10.44 -33.78 -27.59
C VAL B 352 -11.27 -34.02 -28.84
N PRO B 353 -12.02 -35.12 -28.91
CA PRO B 353 -12.93 -35.34 -30.04
C PRO B 353 -14.18 -34.48 -29.97
N ALA B 354 -14.73 -34.15 -31.14
CA ALA B 354 -15.93 -33.30 -31.19
C ALA B 354 -17.12 -33.91 -30.47
N THR B 355 -17.03 -35.15 -30.04
CA THR B 355 -18.15 -35.83 -29.39
C THR B 355 -18.05 -35.83 -27.87
N LEU B 356 -16.91 -35.43 -27.31
CA LEU B 356 -16.74 -35.33 -25.86
C LEU B 356 -17.30 -33.99 -25.39
N LYS B 357 -18.36 -34.03 -24.58
CA LYS B 357 -19.05 -32.80 -24.16
C LYS B 357 -18.24 -32.06 -23.12
N SER B 358 -18.38 -30.73 -23.14
CA SER B 358 -17.66 -29.87 -22.19
C SER B 358 -18.05 -30.21 -20.76
N GLY B 359 -17.03 -30.45 -19.93
CA GLY B 359 -17.23 -30.92 -18.57
C GLY B 359 -15.90 -30.97 -17.85
N ALA B 360 -15.97 -31.49 -16.62
CA ALA B 360 -14.79 -31.68 -15.76
C ALA B 360 -14.34 -33.14 -15.83
N TYR B 361 -13.08 -33.35 -16.26
CA TYR B 361 -12.55 -34.68 -16.52
C TYR B 361 -11.27 -34.92 -15.73
N ALA B 362 -10.80 -36.16 -15.79
CA ALA B 362 -9.53 -36.57 -15.18
C ALA B 362 -9.01 -37.79 -15.92
N MET B 363 -7.71 -37.99 -15.80
CA MET B 363 -7.04 -39.21 -16.22
C MET B 363 -6.78 -40.03 -14.96
N ARG B 364 -7.53 -41.12 -14.76
CA ARG B 364 -7.23 -42.03 -13.67
C ARG B 364 -5.96 -42.83 -13.97
N LEU B 365 -4.94 -42.67 -13.14
CA LEU B 365 -3.73 -43.47 -13.23
C LEU B 365 -3.76 -44.62 -12.23
N SER B 366 -3.16 -45.76 -12.61
CA SER B 366 -3.22 -46.96 -11.78
C SER B 366 -1.98 -47.80 -11.96
N VAL B 367 -1.39 -48.24 -10.85
CA VAL B 367 -0.24 -49.14 -10.86
C VAL B 367 -0.11 -49.72 -9.46
N ASP B 368 0.01 -51.06 -9.37
CA ASP B 368 0.35 -51.73 -8.12
C ASP B 368 -0.59 -51.37 -6.96
N GLY B 369 -1.87 -51.14 -7.24
CA GLY B 369 -2.79 -50.74 -6.19
C GLY B 369 -2.80 -49.27 -5.84
N ALA B 370 -1.92 -48.46 -6.45
CA ALA B 370 -1.89 -47.02 -6.22
C ALA B 370 -2.73 -46.30 -7.26
N THR B 371 -3.34 -45.19 -6.86
CA THR B 371 -4.19 -44.42 -7.75
C THR B 371 -3.83 -42.94 -7.67
N ASP B 372 -3.75 -42.28 -8.83
CA ASP B 372 -3.67 -40.83 -8.95
C ASP B 372 -4.71 -40.36 -9.95
N TYR B 373 -4.99 -39.07 -9.96
CA TYR B 373 -5.89 -38.48 -10.94
C TYR B 373 -5.21 -37.25 -11.53
N LEU B 374 -5.28 -37.12 -12.85
CA LEU B 374 -4.75 -35.95 -13.52
C LEU B 374 -5.95 -35.16 -14.05
N PRO B 375 -6.42 -34.15 -13.33
CA PRO B 375 -7.64 -33.45 -13.75
C PRO B 375 -7.36 -32.48 -14.87
N PHE B 376 -8.37 -32.30 -15.71
CA PHE B 376 -8.32 -31.32 -16.78
C PHE B 376 -9.76 -31.03 -17.21
N TYR B 377 -9.93 -30.02 -18.06
CA TYR B 377 -11.27 -29.58 -18.48
C TYR B 377 -11.40 -29.65 -19.99
N VAL B 378 -12.59 -30.01 -20.46
CA VAL B 378 -12.93 -29.94 -21.88
C VAL B 378 -13.78 -28.68 -22.08
N ARG B 379 -13.23 -27.71 -22.81
CA ARG B 379 -13.76 -26.37 -23.08
C ARG B 379 -14.66 -26.41 -24.32
N PRO B 380 -15.78 -25.71 -24.30
CA PRO B 380 -16.63 -25.68 -25.50
C PRO B 380 -15.96 -24.88 -26.59
N GLU B 381 -16.42 -25.08 -27.81
CA GLU B 381 -15.89 -24.29 -28.90
C GLU B 381 -16.39 -22.85 -28.78
N LEU B 382 -15.53 -21.89 -29.08
CA LEU B 382 -15.93 -20.49 -29.03
C LEU B 382 -17.14 -20.27 -29.91
N GLY B 383 -18.20 -19.70 -29.34
CA GLY B 383 -19.40 -19.40 -30.11
C GLY B 383 -20.41 -20.53 -30.23
N ARG B 384 -20.04 -21.76 -29.89
CA ARG B 384 -20.98 -22.88 -30.00
C ARG B 384 -21.21 -23.48 -28.63
N PRO B 385 -22.19 -23.01 -27.89
CA PRO B 385 -22.42 -23.55 -26.55
C PRO B 385 -23.16 -24.86 -26.65
N GLY B 386 -22.99 -25.69 -25.63
CA GLY B 386 -23.67 -26.97 -25.58
C GLY B 386 -24.67 -27.06 -24.45
N ALA B 387 -24.84 -25.96 -23.72
CA ALA B 387 -25.75 -25.91 -22.59
C ALA B 387 -26.11 -24.44 -22.35
N PRO B 388 -27.15 -24.16 -21.58
CA PRO B 388 -27.48 -22.76 -21.31
C PRO B 388 -26.58 -22.12 -20.26
N LEU B 389 -25.96 -22.91 -19.39
CA LEU B 389 -25.10 -22.40 -18.33
C LEU B 389 -23.64 -22.71 -18.61
N VAL B 390 -22.75 -21.85 -18.13
CA VAL B 390 -21.31 -22.11 -18.14
C VAL B 390 -20.77 -21.90 -16.73
N PHE B 391 -19.86 -22.76 -16.30
CA PHE B 391 -19.21 -22.67 -14.99
C PHE B 391 -17.76 -22.27 -15.20
N VAL B 392 -17.26 -21.37 -14.36
CA VAL B 392 -15.87 -20.92 -14.46
C VAL B 392 -15.06 -21.62 -13.38
N ALA B 393 -14.15 -22.50 -13.80
CA ALA B 393 -13.25 -23.17 -12.86
C ALA B 393 -12.14 -22.20 -12.46
N ALA B 394 -12.01 -21.92 -11.17
CA ALA B 394 -11.10 -20.89 -10.69
C ALA B 394 -9.63 -21.37 -10.67
N THR B 395 -9.09 -21.64 -11.87
CA THR B 395 -7.77 -22.28 -11.92
C THR B 395 -6.66 -21.33 -11.44
N TYR B 396 -6.82 -20.02 -11.61
CA TYR B 396 -5.85 -19.11 -11.01
C TYR B 396 -5.81 -19.26 -9.49
N THR B 397 -6.99 -19.48 -8.87
CA THR B 397 -7.05 -19.66 -7.42
C THR B 397 -6.50 -21.03 -6.99
N TYR B 398 -6.86 -22.11 -7.73
CA TYR B 398 -6.28 -23.42 -7.45
C TYR B 398 -4.76 -23.35 -7.44
N GLN B 399 -4.19 -22.69 -8.44
CA GLN B 399 -2.73 -22.60 -8.58
C GLN B 399 -2.11 -21.75 -7.46
N ALA B 400 -2.78 -20.68 -7.06
CA ALA B 400 -2.20 -19.85 -6.01
C ALA B 400 -2.12 -20.62 -4.70
N TYR B 401 -3.07 -21.53 -4.47
CA TYR B 401 -3.10 -22.41 -3.30
C TYR B 401 -2.36 -23.74 -3.51
N ALA B 402 -1.88 -24.04 -4.72
CA ALA B 402 -1.37 -25.37 -5.05
C ALA B 402 -0.26 -25.78 -4.09
N ASN B 403 -0.42 -26.95 -3.47
CA ASN B 403 0.58 -27.56 -2.57
C ASN B 403 0.84 -26.71 -1.32
N TYR B 404 -0.20 -26.02 -0.85
CA TYR B 404 -0.15 -25.28 0.41
C TYR B 404 0.08 -26.24 1.57
N ALA B 405 1.30 -26.26 2.09
CA ALA B 405 1.66 -27.05 3.27
C ALA B 405 1.21 -26.29 4.51
N ARG B 406 0.07 -26.68 5.07
CA ARG B 406 -0.53 -25.90 6.16
C ARG B 406 0.00 -26.28 7.55
N GLY B 407 0.84 -27.30 7.66
CA GLY B 407 1.28 -27.78 8.96
C GLY B 407 0.16 -28.34 9.81
N ASN B 408 -0.93 -28.81 9.20
CA ASN B 408 -2.10 -29.29 9.92
C ASN B 408 -2.35 -30.79 9.72
N PHE B 409 -1.43 -31.48 9.04
CA PHE B 409 -1.60 -32.90 8.73
C PHE B 409 -1.08 -33.75 9.90
N ASP B 410 -1.85 -33.73 10.98
CA ASP B 410 -1.49 -34.42 12.21
C ASP B 410 -2.03 -35.84 12.21
N ALA B 411 -1.88 -36.54 13.34
CA ALA B 411 -2.34 -37.91 13.43
C ALA B 411 -3.84 -38.00 13.15
N ALA B 412 -4.63 -37.04 13.66
CA ALA B 412 -6.08 -37.13 13.53
C ALA B 412 -6.52 -36.99 12.08
N LEU B 413 -5.88 -36.08 11.32
CA LEU B 413 -6.24 -35.91 9.92
C LEU B 413 -5.80 -37.11 9.10
N ARG B 414 -4.59 -37.61 9.34
CA ARG B 414 -4.11 -38.77 8.61
C ARG B 414 -5.03 -39.97 8.83
N ASP B 415 -5.49 -40.15 10.07
CA ASP B 415 -6.48 -41.17 10.39
C ASP B 415 -7.77 -40.94 9.61
N LYS B 416 -8.30 -39.70 9.63
CA LYS B 416 -9.53 -39.38 8.90
C LYS B 416 -9.39 -39.66 7.41
N VAL B 417 -8.22 -39.32 6.86
CA VAL B 417 -7.98 -39.57 5.44
C VAL B 417 -8.07 -41.07 5.17
N GLY B 418 -7.55 -41.88 6.09
CA GLY B 418 -7.67 -43.33 5.92
C GLY B 418 -9.11 -43.80 5.92
N ARG B 419 -9.86 -43.46 6.98
CA ARG B 419 -11.22 -43.95 7.11
C ARG B 419 -12.07 -43.59 5.90
N TRP B 420 -11.87 -42.40 5.34
CA TRP B 420 -12.74 -41.91 4.27
C TRP B 420 -12.32 -42.39 2.89
N GLY B 421 -11.12 -42.95 2.74
CA GLY B 421 -10.64 -43.33 1.42
C GLY B 421 -10.38 -42.11 0.58
N ALA B 422 -9.69 -41.14 1.16
CA ALA B 422 -9.40 -39.85 0.56
C ALA B 422 -7.99 -39.85 0.01
N TYR B 423 -7.66 -38.84 -0.81
CA TYR B 423 -6.35 -38.80 -1.43
C TYR B 423 -5.25 -38.92 -0.37
N PRO B 424 -4.36 -39.92 -0.47
CA PRO B 424 -3.47 -40.26 0.64
C PRO B 424 -2.27 -39.37 0.85
N HIS B 425 -1.95 -38.43 -0.04
CA HIS B 425 -0.75 -37.63 0.16
C HIS B 425 -1.06 -36.14 0.29
N ASN B 426 -0.37 -35.54 1.26
CA ASN B 426 -0.54 -34.18 1.70
C ASN B 426 0.77 -33.45 1.48
N PRO B 427 0.70 -32.18 1.05
CA PRO B 427 1.94 -31.39 0.87
C PRO B 427 2.82 -31.35 2.11
N ASP B 428 2.22 -31.46 3.30
CA ASP B 428 2.99 -31.41 4.54
C ASP B 428 4.00 -32.55 4.62
N ASP B 429 3.65 -33.72 4.09
CA ASP B 429 4.52 -34.88 4.17
C ASP B 429 5.34 -35.10 2.91
N HIS B 430 5.05 -34.38 1.84
CA HIS B 430 5.65 -34.70 0.56
C HIS B 430 6.14 -33.33 0.01
N PRO B 431 7.20 -32.74 0.64
CA PRO B 431 7.73 -31.41 0.21
C PRO B 431 8.50 -31.35 -1.11
N GLU B 432 8.75 -32.47 -1.77
CA GLU B 432 9.44 -32.40 -3.05
C GLU B 432 8.58 -31.67 -4.09
N VAL B 433 7.27 -31.57 -3.87
CA VAL B 433 6.37 -30.91 -4.80
C VAL B 433 6.32 -29.40 -4.62
N GLY B 434 7.15 -28.84 -3.72
CA GLY B 434 7.27 -27.39 -3.63
C GLY B 434 6.11 -26.73 -2.89
N LEU B 435 6.07 -25.39 -2.94
CA LEU B 435 5.24 -24.59 -2.05
C LEU B 435 4.10 -23.86 -2.77
N ALA B 436 3.21 -23.27 -1.97
CA ALA B 436 2.12 -22.43 -2.44
C ALA B 436 2.42 -20.94 -2.19
N THR B 437 1.64 -20.05 -2.83
CA THR B 437 1.92 -18.63 -2.62
C THR B 437 1.51 -18.16 -1.23
N TYR B 438 0.92 -19.04 -0.43
CA TYR B 438 0.61 -18.82 0.98
C TYR B 438 1.72 -19.30 1.93
N ASN B 439 2.76 -19.96 1.43
CA ASN B 439 3.87 -20.39 2.26
C ASN B 439 4.95 -19.32 2.25
N LEU B 440 5.88 -19.43 3.20
CA LEU B 440 7.15 -18.72 3.14
C LEU B 440 8.25 -19.65 2.60
N HIS B 441 9.22 -19.07 1.90
CA HIS B 441 10.40 -19.82 1.52
C HIS B 441 11.22 -20.19 2.76
N SER B 442 12.24 -21.01 2.54
CA SER B 442 13.11 -21.41 3.64
C SER B 442 13.81 -20.21 4.26
N ASP B 443 14.09 -19.15 3.48
CA ASP B 443 14.77 -17.99 4.04
C ASP B 443 13.81 -16.99 4.65
N GLY B 444 12.52 -17.29 4.69
CA GLY B 444 11.54 -16.43 5.32
C GLY B 444 10.81 -15.49 4.38
N SER B 445 11.25 -15.37 3.13
CA SER B 445 10.56 -14.51 2.19
C SER B 445 9.28 -15.17 1.68
N GLY B 446 8.35 -14.34 1.23
CA GLY B 446 7.09 -14.85 0.71
C GLY B 446 7.26 -15.55 -0.63
N VAL B 447 6.50 -16.62 -0.81
CA VAL B 447 6.50 -17.35 -2.08
C VAL B 447 5.67 -16.56 -3.09
N MET B 448 6.34 -15.92 -4.06
CA MET B 448 5.67 -15.12 -5.07
C MET B 448 5.24 -15.92 -6.29
N PHE B 449 5.71 -17.14 -6.49
CA PHE B 449 5.42 -17.88 -7.70
C PHE B 449 4.78 -19.22 -7.38
N SER B 450 3.86 -19.64 -8.24
CA SER B 450 3.31 -20.97 -8.18
C SER B 450 3.27 -21.56 -9.59
N SER B 451 3.86 -22.75 -9.76
CA SER B 451 3.90 -23.43 -11.04
C SER B 451 2.74 -24.41 -11.15
N ARG B 452 2.22 -24.58 -12.38
CA ARG B 452 1.31 -25.69 -12.66
C ARG B 452 2.02 -26.84 -13.37
N LEU B 453 3.31 -26.67 -13.68
CA LEU B 453 4.12 -27.73 -14.30
C LEU B 453 4.84 -28.55 -13.22
N ARG B 454 4.02 -29.07 -12.31
CA ARG B 454 4.46 -29.89 -11.20
C ARG B 454 3.24 -30.61 -10.66
N PRO B 455 3.42 -31.72 -9.92
CA PRO B 455 2.26 -32.37 -9.31
C PRO B 455 1.55 -31.44 -8.33
N MET B 456 0.23 -31.32 -8.48
CA MET B 456 -0.54 -30.43 -7.61
C MET B 456 -1.46 -31.29 -6.76
N LEU B 457 -0.90 -31.78 -5.63
CA LEU B 457 -1.64 -32.69 -4.75
C LEU B 457 -2.96 -32.07 -4.26
N THR B 458 -3.03 -30.75 -4.16
CA THR B 458 -4.22 -30.08 -3.65
C THR B 458 -5.33 -29.96 -4.70
N MET B 459 -5.08 -30.40 -5.94
CA MET B 459 -6.12 -30.41 -6.95
C MET B 459 -6.55 -31.84 -7.29
N ARG B 460 -6.29 -32.79 -6.41
CA ARG B 460 -6.71 -34.15 -6.70
C ARG B 460 -8.11 -34.39 -6.18
N PRO B 461 -8.99 -35.03 -6.93
CA PRO B 461 -10.23 -35.55 -6.32
C PRO B 461 -9.91 -36.34 -5.06
N GLY B 462 -10.67 -36.09 -4.01
CA GLY B 462 -10.46 -36.75 -2.73
C GLY B 462 -9.60 -36.00 -1.73
N PHE B 463 -8.97 -34.89 -2.10
CA PHE B 463 -8.06 -34.18 -1.19
C PHE B 463 -8.82 -33.45 -0.11
N LEU B 464 -8.47 -33.68 1.15
CA LEU B 464 -9.05 -32.96 2.27
C LEU B 464 -8.05 -31.93 2.74
N THR B 465 -8.50 -30.70 2.98
CA THR B 465 -7.63 -29.63 3.43
C THR B 465 -7.65 -29.46 4.94
N PHE B 466 -8.83 -29.52 5.53
CA PHE B 466 -9.01 -29.23 6.94
C PHE B 466 -9.59 -30.46 7.64
N ASP B 467 -9.16 -30.67 8.89
CA ASP B 467 -9.86 -31.58 9.80
C ASP B 467 -11.12 -30.86 10.28
N ASP B 468 -12.19 -31.02 9.52
CA ASP B 468 -13.44 -30.30 9.77
C ASP B 468 -14.30 -31.12 10.72
N SER B 469 -14.58 -30.57 11.90
CA SER B 469 -15.45 -31.22 12.87
C SER B 469 -16.90 -31.28 12.41
N ARG B 470 -17.32 -30.43 11.46
CA ARG B 470 -18.71 -30.38 11.02
C ARG B 470 -18.87 -30.64 9.52
N GLY B 471 -17.89 -31.26 8.87
CA GLY B 471 -18.02 -31.59 7.46
C GLY B 471 -16.73 -32.19 6.89
N SER B 472 -16.56 -32.02 5.57
CA SER B 472 -15.48 -32.68 4.85
C SER B 472 -14.14 -31.98 4.99
N GLY B 473 -14.15 -30.66 5.16
CA GLY B 473 -12.89 -29.91 5.18
C GLY B 473 -12.33 -29.68 3.81
N CYS B 474 -13.21 -29.43 2.83
CA CYS B 474 -12.83 -29.44 1.43
C CYS B 474 -12.81 -28.04 0.83
N ARG B 475 -11.85 -27.82 -0.07
CA ARG B 475 -11.63 -26.52 -0.70
C ARG B 475 -11.44 -26.66 -2.20
N HIS B 476 -11.61 -25.52 -2.86
CA HIS B 476 -11.26 -25.29 -4.25
C HIS B 476 -11.75 -26.37 -5.20
N TYR B 477 -10.84 -27.09 -5.87
CA TYR B 477 -11.27 -28.06 -6.88
C TYR B 477 -12.32 -29.00 -6.30
N ILE B 478 -12.06 -29.50 -5.09
CA ILE B 478 -12.95 -30.49 -4.50
C ILE B 478 -14.26 -29.84 -4.08
N ALA B 479 -14.19 -28.70 -3.38
CA ALA B 479 -15.41 -28.03 -2.94
C ALA B 479 -16.26 -27.57 -4.13
N ASP B 480 -15.63 -27.11 -5.21
CA ASP B 480 -16.42 -26.76 -6.38
C ASP B 480 -17.21 -27.95 -6.93
N SER B 481 -16.80 -29.19 -6.63
CA SER B 481 -17.53 -30.35 -7.13
C SER B 481 -18.86 -30.56 -6.42
N HIS B 482 -19.04 -30.02 -5.20
CA HIS B 482 -20.37 -29.92 -4.59
C HIS B 482 -21.36 -29.29 -5.56
N LEU B 483 -20.94 -28.18 -6.16
CA LEU B 483 -21.81 -27.46 -7.08
C LEU B 483 -21.99 -28.24 -8.37
N LEU B 484 -20.91 -28.84 -8.87
CA LEU B 484 -21.02 -29.59 -10.13
C LEU B 484 -21.92 -30.82 -9.95
N ASP B 485 -21.77 -31.54 -8.83
CA ASP B 485 -22.64 -32.69 -8.57
C ASP B 485 -24.11 -32.28 -8.37
N TRP B 486 -24.35 -31.13 -7.73
CA TRP B 486 -25.73 -30.65 -7.58
C TRP B 486 -26.33 -30.28 -8.93
N LEU B 487 -25.58 -29.60 -9.78
CA LEU B 487 -26.13 -29.21 -11.08
C LEU B 487 -26.59 -30.43 -11.86
N GLU B 488 -25.79 -31.51 -11.85
CA GLU B 488 -26.17 -32.71 -12.57
C GLU B 488 -27.43 -33.29 -11.97
N HIS B 489 -27.47 -33.41 -10.64
CA HIS B 489 -28.60 -34.04 -9.96
C HIS B 489 -29.89 -33.27 -10.18
N GLU B 490 -29.82 -31.95 -10.32
CA GLU B 490 -31.00 -31.14 -10.54
C GLU B 490 -31.33 -30.99 -12.03
N GLY B 491 -30.63 -31.71 -12.90
CA GLY B 491 -30.95 -31.65 -14.32
C GLY B 491 -30.51 -30.44 -15.09
N PHE B 492 -29.55 -29.66 -14.59
CA PHE B 492 -29.01 -28.50 -15.31
C PHE B 492 -27.77 -28.92 -16.09
N SER B 493 -27.82 -28.82 -17.41
CA SER B 493 -26.62 -29.06 -18.20
C SER B 493 -25.76 -27.80 -18.13
N PHE B 494 -24.44 -27.98 -18.10
CA PHE B 494 -23.54 -26.85 -18.03
C PHE B 494 -22.29 -27.13 -18.84
N ASP B 495 -21.71 -26.07 -19.41
CA ASP B 495 -20.37 -26.13 -19.98
C ASP B 495 -19.37 -25.64 -18.93
N VAL B 496 -18.09 -25.94 -19.18
CA VAL B 496 -17.02 -25.51 -18.29
C VAL B 496 -15.96 -24.76 -19.09
N VAL B 497 -15.51 -23.64 -18.53
CA VAL B 497 -14.33 -22.92 -18.98
C VAL B 497 -13.50 -22.63 -17.74
N THR B 498 -12.22 -22.36 -17.94
CA THR B 498 -11.33 -22.01 -16.85
C THR B 498 -11.00 -20.54 -16.91
N ASP B 499 -10.31 -20.06 -15.85
CA ASP B 499 -9.74 -18.72 -15.85
C ASP B 499 -8.81 -18.52 -17.05
N ASP B 500 -7.96 -19.52 -17.34
CA ASP B 500 -7.04 -19.42 -18.46
C ASP B 500 -7.79 -19.25 -19.78
N ASP B 501 -8.94 -19.92 -19.92
CA ASP B 501 -9.74 -19.73 -21.13
C ASP B 501 -10.24 -18.30 -21.25
N LEU B 502 -10.68 -17.71 -20.12
CA LEU B 502 -11.13 -16.31 -20.14
C LEU B 502 -9.97 -15.39 -20.47
N GLU B 503 -8.78 -15.72 -19.99
CA GLU B 503 -7.60 -14.95 -20.35
C GLU B 503 -7.36 -15.00 -21.86
N ARG B 504 -7.59 -16.15 -22.47
CA ARG B 504 -7.29 -16.28 -23.88
C ARG B 504 -8.40 -15.70 -24.75
N PHE B 505 -9.66 -15.85 -24.35
CA PHE B 505 -10.79 -15.63 -25.23
C PHE B 505 -11.62 -14.41 -24.87
N GLY B 506 -11.63 -14.00 -23.60
CA GLY B 506 -12.34 -12.83 -23.17
C GLY B 506 -13.84 -13.02 -23.02
N ALA B 507 -14.55 -11.90 -22.87
CA ALA B 507 -16.00 -11.94 -22.73
C ALA B 507 -16.68 -12.66 -23.90
N ALA B 508 -16.08 -12.68 -25.09
CA ALA B 508 -16.75 -13.34 -26.21
C ALA B 508 -17.04 -14.81 -25.88
N LEU B 509 -16.16 -15.45 -25.11
CA LEU B 509 -16.38 -16.84 -24.72
C LEU B 509 -17.60 -17.01 -23.81
N LEU B 510 -17.92 -16.01 -23.00
CA LEU B 510 -19.03 -16.10 -22.06
C LEU B 510 -20.35 -15.72 -22.68
N GLU B 511 -20.34 -14.74 -23.59
CA GLU B 511 -21.54 -14.15 -24.19
C GLU B 511 -22.64 -15.15 -24.59
N PRO B 512 -22.35 -16.30 -25.21
CA PRO B 512 -23.45 -17.18 -25.65
C PRO B 512 -24.29 -17.78 -24.53
N TYR B 513 -23.83 -17.77 -23.28
CA TYR B 513 -24.51 -18.49 -22.21
C TYR B 513 -25.51 -17.58 -21.49
N ALA B 514 -26.56 -18.20 -20.98
CA ALA B 514 -27.59 -17.48 -20.25
C ALA B 514 -27.16 -17.12 -18.82
N ALA B 515 -26.18 -17.82 -18.26
CA ALA B 515 -25.70 -17.51 -16.93
C ALA B 515 -24.27 -17.99 -16.81
N VAL B 516 -23.45 -17.21 -16.13
CA VAL B 516 -22.11 -17.61 -15.75
C VAL B 516 -22.15 -17.87 -14.25
N LEU B 517 -21.64 -19.03 -13.84
CA LEU B 517 -21.57 -19.43 -12.44
C LEU B 517 -20.11 -19.51 -12.01
N THR B 518 -19.78 -18.90 -10.88
CA THR B 518 -18.45 -19.01 -10.30
C THR B 518 -18.39 -20.23 -9.40
N GLY B 519 -17.19 -20.53 -8.90
CA GLY B 519 -16.99 -21.53 -7.87
C GLY B 519 -17.16 -20.98 -6.47
N THR B 520 -16.60 -21.70 -5.50
CA THR B 520 -16.72 -21.30 -4.11
C THR B 520 -15.75 -20.20 -3.71
N HIS B 521 -14.68 -19.96 -4.49
CA HIS B 521 -13.63 -19.05 -4.07
C HIS B 521 -12.91 -18.49 -5.28
N PRO B 522 -13.58 -17.67 -6.09
CA PRO B 522 -12.87 -17.08 -7.26
C PRO B 522 -11.98 -15.89 -6.91
N GLU B 523 -10.94 -16.15 -6.13
CA GLU B 523 -10.22 -15.09 -5.44
C GLU B 523 -9.20 -14.38 -6.33
N TYR B 524 -8.52 -15.10 -7.24
CA TYR B 524 -7.35 -14.56 -7.93
C TYR B 524 -7.68 -14.27 -9.39
N HIS B 525 -7.36 -13.06 -9.84
CA HIS B 525 -7.79 -12.64 -11.17
C HIS B 525 -6.78 -11.71 -11.80
N THR B 526 -6.78 -11.67 -13.13
CA THR B 526 -6.06 -10.68 -13.92
C THR B 526 -7.00 -9.59 -14.44
N ALA B 527 -6.42 -8.54 -15.03
CA ALA B 527 -7.29 -7.55 -15.66
C ALA B 527 -8.09 -8.15 -16.81
N ALA B 528 -7.55 -9.19 -17.48
CA ALA B 528 -8.29 -9.77 -18.61
C ALA B 528 -9.47 -10.62 -18.13
N THR B 529 -9.30 -11.37 -17.03
CA THR B 529 -10.41 -12.18 -16.53
C THR B 529 -11.49 -11.30 -15.90
N LEU B 530 -11.11 -10.30 -15.11
CA LEU B 530 -12.09 -9.35 -14.60
C LEU B 530 -12.84 -8.70 -15.76
N ASP B 531 -12.14 -8.35 -16.85
CA ASP B 531 -12.82 -7.75 -17.99
C ASP B 531 -13.77 -8.72 -18.68
N ALA B 532 -13.40 -10.00 -18.79
CA ALA B 532 -14.33 -10.93 -19.43
C ALA B 532 -15.65 -10.97 -18.68
N LEU B 533 -15.61 -10.94 -17.34
CA LEU B 533 -16.83 -10.99 -16.56
C LEU B 533 -17.59 -9.66 -16.64
N ALA B 534 -16.89 -8.53 -16.56
CA ALA B 534 -17.57 -7.26 -16.71
C ALA B 534 -18.17 -7.11 -18.11
N GLY B 535 -17.42 -7.50 -19.14
CA GLY B 535 -17.95 -7.43 -20.49
C GLY B 535 -19.18 -8.29 -20.67
N TYR B 536 -19.19 -9.46 -20.03
CA TYR B 536 -20.33 -10.36 -20.10
C TYR B 536 -21.58 -9.73 -19.48
N LYS B 537 -21.44 -9.04 -18.33
CA LYS B 537 -22.55 -8.27 -17.76
C LYS B 537 -23.09 -7.24 -18.75
N ARG B 538 -22.18 -6.48 -19.38
CA ARG B 538 -22.58 -5.45 -20.34
C ARG B 538 -23.25 -6.04 -21.56
N SER B 539 -23.00 -7.30 -21.88
CA SER B 539 -23.68 -7.95 -22.99
C SER B 539 -25.12 -8.34 -22.70
N GLY B 540 -25.58 -8.21 -21.45
CA GLY B 540 -26.92 -8.59 -21.06
C GLY B 540 -27.03 -9.85 -20.23
N GLY B 541 -25.91 -10.51 -19.89
CA GLY B 541 -25.95 -11.79 -19.22
C GLY B 541 -26.31 -11.73 -17.74
N ASN B 542 -26.46 -12.92 -17.17
CA ASN B 542 -26.71 -13.12 -15.74
C ASN B 542 -25.47 -13.75 -15.11
N LEU B 543 -25.14 -13.32 -13.89
CA LEU B 543 -23.92 -13.73 -13.22
C LEU B 543 -24.27 -14.28 -11.84
N ALA B 544 -23.91 -15.53 -11.59
CA ALA B 544 -24.17 -16.18 -10.30
C ALA B 544 -22.83 -16.27 -9.54
N TYR B 545 -22.62 -15.33 -8.62
CA TYR B 545 -21.46 -15.36 -7.72
C TYR B 545 -21.84 -16.27 -6.55
N LEU B 546 -21.37 -17.52 -6.63
CA LEU B 546 -21.73 -18.57 -5.69
C LEU B 546 -20.63 -18.84 -4.66
N GLY B 547 -19.73 -17.88 -4.47
CA GLY B 547 -18.69 -18.03 -3.48
C GLY B 547 -18.48 -16.84 -2.56
N GLY B 548 -17.30 -16.79 -1.94
CA GLY B 548 -16.93 -15.69 -1.09
C GLY B 548 -15.46 -15.34 -1.31
N ASN B 549 -15.14 -14.08 -0.98
CA ASN B 549 -13.78 -13.58 -1.05
C ASN B 549 -13.26 -13.56 -2.49
N GLY B 550 -14.17 -13.42 -3.47
CA GLY B 550 -13.77 -13.40 -4.86
C GLY B 550 -13.17 -12.07 -5.26
N PHE B 551 -12.43 -12.09 -6.39
CA PHE B 551 -11.98 -10.86 -7.05
C PHE B 551 -11.15 -9.99 -6.10
N TYR B 552 -10.28 -10.64 -5.34
CA TYR B 552 -9.58 -9.99 -4.24
C TYR B 552 -8.11 -9.74 -4.54
N TRP B 553 -7.40 -10.70 -5.08
CA TRP B 553 -5.97 -10.54 -5.32
C TRP B 553 -5.73 -10.47 -6.82
N ARG B 554 -4.71 -9.70 -7.21
CA ARG B 554 -4.26 -9.71 -8.59
C ARG B 554 -3.19 -10.77 -8.79
N VAL B 555 -3.22 -11.38 -9.96
CA VAL B 555 -2.22 -12.35 -10.39
C VAL B 555 -1.49 -11.81 -11.62
N GLY B 556 -0.18 -12.11 -11.72
CA GLY B 556 0.61 -11.79 -12.90
C GLY B 556 1.00 -13.03 -13.68
N ARG B 557 1.17 -12.87 -15.00
CA ARG B 557 1.41 -14.00 -15.88
C ARG B 557 1.95 -13.48 -17.21
N SER B 558 2.57 -14.36 -17.98
CA SER B 558 3.07 -13.96 -19.29
C SER B 558 3.14 -15.17 -20.20
N GLU B 559 2.99 -14.92 -21.50
CA GLU B 559 3.16 -16.02 -22.43
C GLU B 559 4.61 -16.44 -22.53
N ARG B 560 5.53 -15.62 -22.03
CA ARG B 560 6.95 -15.96 -22.05
C ARG B 560 7.31 -17.04 -21.05
N VAL B 561 6.58 -17.13 -19.93
CA VAL B 561 6.79 -18.16 -18.91
C VAL B 561 5.46 -18.88 -18.68
N PRO B 562 5.02 -19.70 -19.62
CA PRO B 562 3.72 -20.35 -19.45
C PRO B 562 3.70 -21.27 -18.23
N GLY B 563 2.54 -21.36 -17.59
CA GLY B 563 2.47 -22.27 -16.47
C GLY B 563 2.94 -21.70 -15.16
N ALA B 564 3.22 -20.41 -15.08
CA ALA B 564 3.57 -19.76 -13.82
C ALA B 564 2.58 -18.64 -13.53
N LEU B 565 2.22 -18.50 -12.26
CA LEU B 565 1.49 -17.34 -11.74
C LEU B 565 2.38 -16.63 -10.72
N GLU B 566 2.28 -15.31 -10.70
CA GLU B 566 2.99 -14.47 -9.76
C GLU B 566 1.97 -13.74 -8.88
N VAL B 567 2.22 -13.70 -7.57
CA VAL B 567 1.38 -12.97 -6.61
C VAL B 567 2.28 -12.13 -5.73
N ARG B 568 1.99 -10.84 -5.64
CA ARG B 568 2.73 -9.91 -4.80
C ARG B 568 1.75 -9.28 -3.82
N ARG B 569 1.90 -9.58 -2.53
CA ARG B 569 0.92 -9.19 -1.51
C ARG B 569 1.27 -7.81 -0.96
N THR B 570 0.89 -6.77 -1.72
CA THR B 570 1.29 -5.39 -1.46
C THR B 570 0.31 -4.67 -0.54
N GLU B 571 0.81 -3.64 0.14
CA GLU B 571 0.01 -2.64 0.86
C GLU B 571 -0.67 -3.17 2.12
N GLY B 572 -1.59 -4.10 2.00
CA GLY B 572 -2.33 -4.55 3.17
C GLY B 572 -3.30 -5.68 2.88
N GLY B 573 -4.47 -5.62 3.51
CA GLY B 573 -5.42 -6.70 3.40
C GLY B 573 -5.03 -7.86 4.30
N VAL B 574 -5.84 -8.92 4.21
CA VAL B 574 -5.54 -10.17 4.90
C VAL B 574 -4.49 -10.90 4.06
N ARG B 575 -3.27 -11.00 4.56
CA ARG B 575 -2.21 -11.54 3.71
C ARG B 575 -1.27 -12.45 4.49
N ALA B 576 -0.82 -13.53 3.82
CA ALA B 576 0.06 -14.53 4.43
C ALA B 576 1.49 -14.03 4.62
N TRP B 577 1.91 -13.03 3.84
CA TRP B 577 3.20 -12.37 4.00
C TRP B 577 3.04 -10.97 3.41
N ALA B 578 4.04 -10.10 3.62
CA ALA B 578 3.95 -8.72 3.14
C ALA B 578 5.10 -8.43 2.19
N ALA B 579 4.78 -8.02 0.96
CA ALA B 579 5.80 -7.62 0.01
C ALA B 579 6.62 -6.47 0.59
N GLU B 580 7.87 -6.34 0.14
CA GLU B 580 8.75 -5.26 0.59
C GLU B 580 8.48 -3.96 -0.17
N ALA B 581 8.81 -2.83 0.46
CA ALA B 581 8.70 -1.54 -0.21
C ALA B 581 9.48 -1.55 -1.52
N GLY B 582 8.87 -1.00 -2.56
CA GLY B 582 9.52 -0.88 -3.86
C GLY B 582 9.42 -2.09 -4.77
N GLU B 583 8.87 -3.20 -4.30
CA GLU B 583 8.78 -4.42 -5.10
C GLU B 583 7.32 -4.78 -5.39
N TYR B 584 6.52 -3.78 -5.69
CA TYR B 584 5.08 -3.99 -5.84
C TYR B 584 4.65 -4.37 -7.24
N PHE B 585 5.52 -4.15 -8.23
CA PHE B 585 5.24 -4.47 -9.64
C PHE B 585 5.69 -5.88 -10.00
N HIS B 586 4.84 -6.60 -10.75
CA HIS B 586 5.16 -7.95 -11.19
C HIS B 586 6.40 -7.98 -12.09
N ALA B 587 7.17 -9.05 -11.96
CA ALA B 587 8.21 -9.25 -12.95
C ALA B 587 7.66 -9.84 -14.24
N LEU B 588 6.60 -10.64 -14.16
CA LEU B 588 6.13 -11.35 -15.34
C LEU B 588 5.45 -10.44 -16.35
N ASP B 589 4.66 -9.45 -15.87
CA ASP B 589 3.90 -8.59 -16.76
C ASP B 589 3.99 -7.11 -16.39
N GLY B 590 4.80 -6.76 -15.41
CA GLY B 590 5.00 -5.36 -15.11
C GLY B 590 3.81 -4.65 -14.49
N GLU B 591 2.74 -5.34 -14.14
CA GLU B 591 1.61 -4.62 -13.56
C GLU B 591 1.76 -4.43 -12.06
N TYR B 592 1.07 -3.41 -11.54
CA TYR B 592 0.97 -3.18 -10.10
C TYR B 592 0.20 -4.33 -9.47
N GLY B 593 0.85 -5.04 -8.56
CA GLY B 593 0.26 -6.20 -7.95
C GLY B 593 -0.47 -5.90 -6.66
N GLY B 594 -1.05 -6.95 -6.11
CA GLY B 594 -1.68 -6.87 -4.81
C GLY B 594 -3.18 -6.96 -4.89
N LEU B 595 -3.85 -6.32 -3.94
CA LEU B 595 -5.31 -6.28 -3.89
C LEU B 595 -5.87 -5.55 -5.09
N TRP B 596 -6.99 -6.05 -5.62
CA TRP B 596 -7.67 -5.35 -6.70
C TRP B 596 -8.21 -4.02 -6.22
N ARG B 597 -8.58 -3.93 -4.94
CA ARG B 597 -8.81 -2.62 -4.35
C ARG B 597 -7.70 -1.64 -4.70
N SER B 598 -6.44 -2.06 -4.57
CA SER B 598 -5.31 -1.18 -4.79
C SER B 598 -5.06 -0.89 -6.25
N SER B 599 -5.83 -1.50 -7.15
CA SER B 599 -5.85 -1.19 -8.57
C SER B 599 -7.23 -0.70 -8.99
N ALA B 600 -7.95 -0.11 -8.03
CA ALA B 600 -9.16 0.66 -8.29
C ALA B 600 -10.33 -0.20 -8.77
N ARG B 601 -10.36 -1.49 -8.43
CA ARG B 601 -11.48 -2.36 -8.79
C ARG B 601 -11.91 -3.16 -7.58
N THR B 602 -13.03 -2.72 -6.89
CA THR B 602 -13.40 -3.52 -5.71
C THR B 602 -14.35 -4.66 -6.10
N PRO B 603 -14.38 -5.75 -5.32
CA PRO B 603 -15.36 -6.81 -5.61
C PRO B 603 -16.80 -6.31 -5.76
N GLN B 604 -17.19 -5.29 -4.96
CA GLN B 604 -18.55 -4.76 -4.99
C GLN B 604 -18.92 -4.18 -6.34
N GLN B 605 -17.95 -3.65 -7.08
CA GLN B 605 -18.33 -3.09 -8.37
C GLN B 605 -18.68 -4.19 -9.35
N LEU B 606 -18.22 -5.41 -9.10
CA LEU B 606 -18.53 -6.52 -10.00
C LEU B 606 -19.77 -7.30 -9.58
N VAL B 607 -19.94 -7.59 -8.28
CA VAL B 607 -20.95 -8.55 -7.85
C VAL B 607 -21.76 -8.01 -6.68
N GLY B 608 -21.57 -6.72 -6.35
CA GLY B 608 -22.38 -6.04 -5.35
C GLY B 608 -22.00 -6.25 -3.88
N VAL B 609 -21.15 -7.23 -3.58
CA VAL B 609 -20.67 -7.47 -2.22
C VAL B 609 -19.16 -7.63 -2.29
N GLY B 610 -18.49 -7.43 -1.16
CA GLY B 610 -17.05 -7.56 -1.12
C GLY B 610 -16.58 -8.12 0.20
N PHE B 611 -15.51 -8.90 0.15
CA PHE B 611 -14.89 -9.55 1.30
C PHE B 611 -14.86 -8.63 2.52
N SER B 612 -15.50 -9.08 3.60
CA SER B 612 -15.55 -8.30 4.84
C SER B 612 -15.18 -9.06 6.11
N SER B 613 -15.28 -10.39 6.16
CA SER B 613 -14.92 -11.07 7.39
C SER B 613 -14.31 -12.44 7.10
N GLN B 614 -13.44 -12.90 7.99
CA GLN B 614 -12.87 -14.25 7.89
C GLN B 614 -12.71 -14.83 9.28
N GLY B 615 -12.99 -16.11 9.39
CA GLY B 615 -12.82 -16.84 10.61
C GLY B 615 -12.31 -18.22 10.32
N PRO B 616 -12.46 -19.13 11.26
CA PRO B 616 -12.05 -20.53 11.01
C PRO B 616 -12.96 -21.19 10.00
N PHE B 617 -12.70 -22.45 9.62
CA PHE B 617 -13.55 -23.18 8.68
C PHE B 617 -14.78 -23.68 9.44
N GLU B 618 -15.73 -22.76 9.64
CA GLU B 618 -16.99 -22.96 10.35
C GLU B 618 -18.09 -22.21 9.62
N GLY B 619 -19.29 -22.80 9.59
CA GLY B 619 -20.40 -22.12 8.93
C GLY B 619 -21.58 -21.85 9.86
N SER B 620 -22.44 -20.91 9.49
CA SER B 620 -23.64 -20.55 10.26
C SER B 620 -24.79 -20.29 9.30
N HIS B 621 -25.92 -19.87 9.84
CA HIS B 621 -27.13 -19.77 9.04
C HIS B 621 -27.45 -18.31 8.66
N TYR B 622 -28.26 -18.17 7.61
CA TYR B 622 -28.77 -16.91 7.10
C TYR B 622 -30.12 -16.59 7.75
N ARG B 623 -30.48 -15.31 7.74
CA ARG B 623 -31.82 -14.88 8.15
C ARG B 623 -32.44 -14.09 7.03
N VAL B 624 -33.66 -14.45 6.64
CA VAL B 624 -34.38 -13.75 5.60
C VAL B 624 -34.65 -12.33 6.04
N LEU B 625 -34.41 -11.37 5.16
CA LEU B 625 -34.88 -9.99 5.33
C LEU B 625 -36.27 -9.96 4.70
N ASP B 626 -37.31 -10.05 5.53
CA ASP B 626 -38.64 -10.28 4.98
C ASP B 626 -39.16 -9.07 4.20
N ALA B 627 -38.55 -7.89 4.40
CA ALA B 627 -38.78 -6.79 3.47
C ALA B 627 -38.48 -7.17 2.02
N ALA B 628 -37.68 -8.22 1.80
CA ALA B 628 -37.21 -8.57 0.45
C ALA B 628 -38.28 -9.21 -0.41
N ARG B 629 -39.13 -10.07 0.18
CA ARG B 629 -40.07 -10.87 -0.60
C ARG B 629 -40.95 -10.04 -1.52
N SER B 630 -41.22 -8.77 -1.19
CA SER B 630 -42.05 -7.92 -2.04
C SER B 630 -41.26 -7.13 -3.08
N GLN B 631 -39.94 -7.04 -2.92
CA GLN B 631 -39.06 -6.28 -3.81
C GLN B 631 -38.74 -7.07 -5.08
N PRO B 632 -38.09 -6.43 -6.05
CA PRO B 632 -37.66 -7.15 -7.27
C PRO B 632 -36.75 -8.35 -6.98
N GLY B 633 -37.14 -9.52 -7.48
CA GLY B 633 -36.32 -10.67 -7.20
C GLY B 633 -36.57 -11.32 -5.85
N GLY B 634 -37.60 -10.89 -5.12
CA GLY B 634 -37.94 -11.60 -3.90
C GLY B 634 -38.64 -12.92 -4.16
N SER B 635 -39.13 -13.12 -5.39
CA SER B 635 -39.65 -14.42 -5.81
C SER B 635 -38.58 -15.49 -5.73
N LEU B 636 -37.30 -15.13 -5.74
CA LEU B 636 -36.28 -16.13 -5.51
C LEU B 636 -36.40 -16.75 -4.13
N LEU B 637 -37.03 -16.05 -3.19
CA LEU B 637 -37.15 -16.55 -1.83
C LEU B 637 -38.34 -17.50 -1.64
N LYS B 638 -39.08 -17.75 -2.73
CA LYS B 638 -40.24 -18.62 -2.70
C LYS B 638 -39.88 -20.03 -2.23
N ASP B 639 -40.77 -20.62 -1.44
CA ASP B 639 -40.64 -21.95 -0.84
C ASP B 639 -39.51 -22.05 0.17
N ILE B 640 -39.05 -20.92 0.72
CA ILE B 640 -38.16 -20.91 1.87
C ILE B 640 -38.94 -20.32 3.05
N ALA B 641 -39.24 -21.16 4.03
CA ALA B 641 -40.08 -20.75 5.16
C ALA B 641 -39.43 -19.62 5.95
N GLY B 642 -38.24 -19.86 6.48
CA GLY B 642 -37.55 -18.86 7.24
C GLY B 642 -38.04 -18.80 8.67
N PRO B 643 -37.59 -17.79 9.42
CA PRO B 643 -36.72 -16.70 8.98
C PRO B 643 -35.25 -17.16 8.90
N LEU B 644 -34.85 -18.23 9.58
CA LEU B 644 -33.53 -18.76 9.37
C LEU B 644 -33.54 -19.84 8.28
N PHE B 645 -32.35 -20.11 7.72
CA PHE B 645 -32.12 -21.24 6.80
C PHE B 645 -30.62 -21.44 6.61
N GLY B 646 -30.27 -22.63 6.13
CA GLY B 646 -28.90 -22.93 5.77
C GLY B 646 -27.99 -23.36 6.90
N GLY B 647 -28.52 -23.68 8.07
CA GLY B 647 -27.69 -24.08 9.20
C GLY B 647 -27.19 -25.50 9.15
N TYR B 648 -26.60 -25.86 8.01
CA TYR B 648 -26.12 -27.21 7.72
C TYR B 648 -25.09 -27.10 6.60
N GLY B 649 -24.28 -28.15 6.44
CA GLY B 649 -23.46 -28.19 5.24
C GLY B 649 -22.22 -29.03 5.40
N LEU B 650 -21.69 -29.46 4.24
CA LEU B 650 -20.47 -30.26 4.20
C LEU B 650 -19.21 -29.41 4.42
N SER B 651 -19.29 -28.09 4.22
CA SER B 651 -18.20 -27.16 4.52
C SER B 651 -18.54 -26.46 5.83
N GLY B 652 -18.02 -26.99 6.94
CA GLY B 652 -18.15 -26.34 8.23
C GLY B 652 -19.56 -26.23 8.78
N GLY B 653 -20.48 -27.07 8.34
CA GLY B 653 -21.77 -27.19 9.01
C GLY B 653 -22.69 -26.02 8.87
N GLY B 654 -22.44 -25.11 7.93
CA GLY B 654 -23.31 -23.98 7.72
C GLY B 654 -23.11 -23.30 6.38
N ALA B 655 -24.20 -22.82 5.77
CA ALA B 655 -24.14 -22.26 4.43
C ALA B 655 -23.52 -20.87 4.38
N ALA B 656 -23.28 -20.22 5.52
CA ALA B 656 -22.59 -18.93 5.59
C ALA B 656 -21.39 -19.11 6.51
N GLY B 657 -20.18 -19.15 5.95
CA GLY B 657 -19.05 -19.43 6.80
C GLY B 657 -17.73 -19.28 6.08
N PHE B 658 -16.66 -19.27 6.90
CA PHE B 658 -15.25 -19.19 6.51
C PHE B 658 -14.84 -17.78 6.09
N GLU B 659 -15.29 -17.33 4.92
CA GLU B 659 -14.99 -15.98 4.46
C GLU B 659 -16.26 -15.42 3.86
N LEU B 660 -16.67 -14.25 4.35
CA LEU B 660 -17.98 -13.68 4.08
C LEU B 660 -17.81 -12.36 3.36
N ASP B 661 -18.75 -12.07 2.46
CA ASP B 661 -18.85 -10.81 1.73
C ASP B 661 -20.14 -10.09 2.11
N SER B 662 -20.06 -8.76 2.28
CA SER B 662 -21.24 -7.96 2.59
C SER B 662 -21.22 -6.69 1.73
N THR B 663 -22.29 -5.90 1.83
CA THR B 663 -22.45 -4.74 0.96
C THR B 663 -21.76 -3.51 1.52
N GLU B 664 -21.28 -2.67 0.60
CA GLU B 664 -20.67 -1.37 0.91
C GLU B 664 -20.99 -0.42 -0.25
N ALA B 665 -21.91 0.55 -0.03
CA ALA B 665 -22.23 1.52 -1.09
C ALA B 665 -21.02 2.37 -1.44
N ALA B 666 -20.20 2.71 -0.43
CA ALA B 666 -18.98 3.49 -0.67
C ALA B 666 -17.99 2.72 -1.55
N ASP B 667 -17.90 1.40 -1.38
CA ASP B 667 -17.03 0.57 -2.22
C ASP B 667 -17.66 0.15 -3.56
N GLY B 668 -18.80 0.71 -3.96
CA GLY B 668 -19.30 0.51 -5.31
C GLY B 668 -20.59 -0.26 -5.47
N THR B 669 -21.23 -0.71 -4.38
CA THR B 669 -22.48 -1.46 -4.48
C THR B 669 -23.55 -0.65 -5.20
N PRO B 670 -24.22 -1.23 -6.20
CA PRO B 670 -25.30 -0.50 -6.89
C PRO B 670 -26.41 -0.11 -5.93
N ALA B 671 -27.05 1.03 -6.22
CA ALA B 671 -28.10 1.51 -5.33
C ALA B 671 -29.34 0.64 -5.35
N ASN B 672 -29.55 -0.13 -6.40
CA ASN B 672 -30.71 -0.99 -6.48
C ASN B 672 -30.46 -2.39 -5.92
N VAL B 673 -29.37 -2.57 -5.17
CA VAL B 673 -29.10 -3.87 -4.57
C VAL B 673 -30.24 -4.23 -3.64
N ILE B 674 -30.64 -5.50 -3.66
CA ILE B 674 -31.68 -6.04 -2.79
C ILE B 674 -31.06 -7.11 -1.91
N ILE B 675 -31.03 -6.87 -0.60
CA ILE B 675 -30.50 -7.84 0.35
C ILE B 675 -31.61 -8.85 0.68
N LEU B 676 -31.43 -10.11 0.22
CA LEU B 676 -32.40 -11.15 0.51
C LEU B 676 -32.17 -11.82 1.85
N ALA B 677 -30.92 -11.90 2.30
CA ALA B 677 -30.66 -12.56 3.56
C ALA B 677 -29.33 -12.07 4.13
N ARG B 678 -29.14 -12.32 5.42
CA ARG B 678 -27.97 -11.84 6.12
C ARG B 678 -27.61 -12.86 7.17
N SER B 679 -26.36 -13.30 7.16
CA SER B 679 -25.98 -14.32 8.11
C SER B 679 -25.86 -13.69 9.50
N GLU B 680 -25.71 -14.56 10.49
CA GLU B 680 -25.66 -14.16 11.90
C GLU B 680 -25.15 -15.34 12.70
N SER B 681 -24.73 -15.05 13.93
CA SER B 681 -24.32 -16.05 14.91
C SER B 681 -22.96 -16.68 14.57
N HIS B 682 -22.06 -15.93 13.96
CA HIS B 682 -20.71 -16.45 13.74
C HIS B 682 -19.90 -16.41 15.05
N SER B 683 -18.96 -17.34 15.16
CA SER B 683 -18.19 -17.50 16.39
C SER B 683 -17.35 -16.25 16.66
N ALA B 684 -16.85 -16.17 17.90
CA ALA B 684 -16.01 -15.04 18.28
C ALA B 684 -14.69 -14.99 17.52
N ALA B 685 -14.25 -16.10 16.94
CA ALA B 685 -13.01 -16.11 16.17
C ALA B 685 -13.11 -15.38 14.83
N PHE B 686 -14.32 -15.00 14.40
CA PHE B 686 -14.49 -14.27 13.15
C PHE B 686 -14.14 -12.81 13.32
N GLY B 687 -13.26 -12.31 12.46
CA GLY B 687 -12.81 -10.94 12.53
C GLY B 687 -12.96 -10.21 11.22
N PRO B 688 -12.56 -8.94 11.20
CA PRO B 688 -12.72 -8.09 10.02
C PRO B 688 -11.56 -8.17 9.05
N ALA B 689 -11.88 -7.93 7.78
CA ALA B 689 -10.86 -7.85 6.73
C ALA B 689 -10.08 -6.55 6.85
N LEU B 690 -8.74 -6.66 6.93
CA LEU B 690 -7.90 -5.52 7.29
C LEU B 690 -8.05 -4.36 6.31
N ASP B 691 -8.16 -4.65 4.99
CA ASP B 691 -8.22 -3.57 4.01
C ASP B 691 -9.53 -2.77 4.09
N ALA B 692 -10.51 -3.23 4.88
CA ALA B 692 -11.71 -2.47 5.14
C ALA B 692 -11.60 -1.56 6.37
N LEU B 693 -10.40 -1.37 6.94
CA LEU B 693 -10.22 -0.69 8.22
C LEU B 693 -9.33 0.54 8.10
N LEU B 694 -9.80 1.65 8.67
CA LEU B 694 -8.96 2.82 8.89
C LEU B 694 -8.24 2.77 10.23
N SER B 695 -8.90 2.20 11.24
CA SER B 695 -8.28 1.91 12.52
C SER B 695 -8.92 0.63 13.05
N HIS B 696 -8.52 0.23 14.25
CA HIS B 696 -9.15 -0.93 14.86
C HIS B 696 -10.55 -0.64 15.35
N THR B 697 -11.03 0.60 15.25
CA THR B 697 -12.37 0.95 15.67
C THR B 697 -13.21 1.59 14.57
N ALA B 698 -12.71 1.64 13.33
CA ALA B 698 -13.46 2.31 12.27
C ALA B 698 -13.17 1.70 10.90
N THR B 699 -14.23 1.37 10.17
CA THR B 699 -14.11 0.92 8.79
C THR B 699 -13.91 2.12 7.86
N ARG B 700 -13.73 1.83 6.56
CA ARG B 700 -13.59 2.89 5.56
C ARG B 700 -14.86 3.74 5.48
N ALA B 701 -16.01 3.14 5.78
CA ALA B 701 -17.28 3.85 5.83
C ALA B 701 -17.53 4.47 7.19
N ARG B 702 -16.54 4.43 8.08
CA ARG B 702 -16.63 5.01 9.42
C ARG B 702 -17.73 4.39 10.27
N LYS B 703 -18.01 3.09 10.09
CA LYS B 703 -18.85 2.33 11.01
C LYS B 703 -17.96 1.51 11.93
N THR B 704 -18.59 0.88 12.93
CA THR B 704 -17.75 0.05 13.78
C THR B 704 -17.45 -1.28 13.10
N PRO B 705 -16.35 -1.93 13.47
CA PRO B 705 -15.94 -3.16 12.75
C PRO B 705 -16.90 -4.33 12.85
N ASP B 706 -17.69 -4.43 13.92
CA ASP B 706 -18.63 -5.56 14.06
C ASP B 706 -19.68 -5.58 12.96
N THR B 707 -19.95 -4.44 12.30
CA THR B 707 -20.86 -4.45 11.16
C THR B 707 -20.31 -5.26 10.00
N LEU B 708 -19.05 -5.69 10.06
CA LEU B 708 -18.45 -6.45 8.98
C LEU B 708 -18.67 -7.95 9.10
N ILE B 709 -18.91 -8.48 10.31
CA ILE B 709 -19.01 -9.91 10.48
C ILE B 709 -20.39 -10.35 10.03
N ARG B 710 -20.56 -10.51 8.71
CA ARG B 710 -21.84 -10.88 8.13
C ARG B 710 -21.65 -11.23 6.66
N SER B 711 -22.39 -12.23 6.20
CA SER B 711 -22.53 -12.52 4.78
C SER B 711 -23.91 -12.08 4.35
N GLU B 712 -23.99 -11.40 3.21
CA GLU B 712 -25.25 -10.91 2.69
C GLU B 712 -25.48 -11.47 1.30
N ILE B 713 -26.64 -12.12 1.11
CA ILE B 713 -27.05 -12.63 -0.19
C ILE B 713 -27.85 -11.52 -0.87
N VAL B 714 -27.42 -11.13 -2.08
CA VAL B 714 -28.00 -10.00 -2.78
C VAL B 714 -28.42 -10.41 -4.18
N TYR B 715 -29.33 -9.64 -4.75
CA TYR B 715 -29.78 -9.74 -6.12
C TYR B 715 -29.94 -8.31 -6.61
N TYR B 716 -29.61 -8.05 -7.86
CA TYR B 716 -29.84 -6.73 -8.44
C TYR B 716 -29.76 -6.83 -9.95
N GLU B 717 -30.29 -5.83 -10.63
CA GLU B 717 -30.24 -5.77 -12.08
C GLU B 717 -29.08 -4.91 -12.54
N THR B 718 -28.45 -5.32 -13.64
CA THR B 718 -27.27 -4.62 -14.13
C THR B 718 -27.63 -3.34 -14.86
N GLY B 719 -28.82 -3.25 -15.42
CA GLY B 719 -29.12 -2.18 -16.34
C GLY B 719 -28.75 -2.47 -17.78
N TYR B 720 -28.12 -3.61 -18.05
CA TYR B 720 -27.83 -4.01 -19.40
C TYR B 720 -28.76 -5.10 -19.89
N GLY B 721 -29.72 -5.54 -19.07
CA GLY B 721 -30.64 -6.59 -19.44
C GLY B 721 -30.56 -7.81 -18.56
N GLY B 722 -29.44 -8.05 -17.88
CA GLY B 722 -29.29 -9.17 -16.99
C GLY B 722 -29.30 -8.77 -15.52
N ALA B 723 -28.96 -9.75 -14.68
CA ALA B 723 -28.95 -9.56 -13.24
C ALA B 723 -27.72 -10.24 -12.66
N VAL B 724 -27.48 -9.98 -11.38
CA VAL B 724 -26.38 -10.56 -10.61
C VAL B 724 -26.96 -11.24 -9.38
N PHE B 725 -26.48 -12.44 -9.05
CA PHE B 725 -26.87 -13.11 -7.80
C PHE B 725 -25.61 -13.46 -7.04
N SER B 726 -25.47 -12.96 -5.81
CA SER B 726 -24.24 -13.11 -5.05
C SER B 726 -24.55 -13.62 -3.66
N VAL B 727 -23.80 -14.63 -3.19
CA VAL B 727 -24.08 -15.24 -1.89
C VAL B 727 -23.06 -14.75 -0.86
N GLY B 728 -21.89 -14.34 -1.31
CA GLY B 728 -20.87 -13.85 -0.40
C GLY B 728 -20.51 -14.83 0.70
N SER B 729 -20.32 -16.10 0.37
CA SER B 729 -19.93 -17.08 1.38
C SER B 729 -19.21 -18.25 0.70
N ILE B 730 -18.07 -18.64 1.26
CA ILE B 730 -17.32 -19.72 0.65
C ILE B 730 -18.03 -21.06 0.81
N THR B 731 -18.73 -21.27 1.92
CA THR B 731 -19.30 -22.57 2.26
C THR B 731 -20.69 -22.79 1.69
N PHE B 732 -21.21 -21.83 0.93
CA PHE B 732 -22.61 -21.88 0.49
C PHE B 732 -22.93 -23.19 -0.22
N CYS B 733 -22.12 -23.56 -1.21
CA CYS B 733 -22.39 -24.77 -1.98
C CYS B 733 -22.20 -26.04 -1.17
N GLY B 734 -21.52 -25.98 -0.02
CA GLY B 734 -21.41 -27.15 0.85
C GLY B 734 -22.75 -27.62 1.41
N ALA B 735 -23.79 -26.82 1.28
CA ALA B 735 -25.11 -27.12 1.79
C ALA B 735 -26.09 -27.57 0.71
N LEU B 736 -25.67 -27.62 -0.56
CA LEU B 736 -26.63 -27.90 -1.63
C LEU B 736 -27.14 -29.33 -1.58
N SER B 737 -26.28 -30.28 -1.21
CA SER B 737 -26.66 -31.69 -1.26
C SER B 737 -27.35 -32.16 0.01
N HIS B 738 -27.51 -31.26 0.99
CA HIS B 738 -28.07 -31.65 2.27
C HIS B 738 -29.46 -32.27 2.12
N ASN B 739 -29.67 -33.39 2.85
CA ASN B 739 -30.97 -34.05 2.93
C ASN B 739 -31.48 -34.45 1.53
N ASP B 740 -30.65 -35.22 0.82
CA ASP B 740 -30.90 -35.63 -0.56
C ASP B 740 -31.35 -34.42 -1.40
N TYR B 741 -30.47 -33.43 -1.50
CA TYR B 741 -30.64 -32.32 -2.43
C TYR B 741 -31.97 -31.57 -2.25
N ARG B 742 -32.67 -31.79 -1.13
CA ARG B 742 -33.96 -31.14 -0.88
C ARG B 742 -33.80 -30.31 0.39
N ASN B 743 -33.62 -29.01 0.22
CA ASN B 743 -33.36 -28.11 1.34
C ASN B 743 -33.47 -26.68 0.83
N ASP B 744 -33.29 -25.73 1.76
CA ASP B 744 -33.50 -24.33 1.42
C ASP B 744 -32.43 -23.80 0.47
N VAL B 745 -31.15 -24.14 0.71
CA VAL B 745 -30.09 -23.66 -0.19
C VAL B 745 -30.28 -24.23 -1.57
N SER B 746 -30.59 -25.53 -1.66
CA SER B 746 -30.89 -26.14 -2.95
C SER B 746 -32.09 -25.44 -3.60
N THR B 747 -33.13 -25.18 -2.81
CA THR B 747 -34.31 -24.46 -3.31
C THR B 747 -33.94 -23.09 -3.83
N LEU B 748 -33.04 -22.39 -3.11
CA LEU B 748 -32.64 -21.03 -3.49
C LEU B 748 -31.88 -21.01 -4.80
N LEU B 749 -30.85 -21.85 -4.93
CA LEU B 749 -30.08 -21.86 -6.17
C LEU B 749 -30.93 -22.34 -7.33
N ARG B 750 -31.77 -23.35 -7.10
CA ARG B 750 -32.66 -23.81 -8.17
C ARG B 750 -33.54 -22.67 -8.66
N ASN B 751 -34.08 -21.87 -7.74
CA ASN B 751 -34.91 -20.72 -8.13
C ASN B 751 -34.13 -19.73 -8.99
N VAL B 752 -32.88 -19.45 -8.60
CA VAL B 752 -32.07 -18.49 -9.34
C VAL B 752 -31.83 -18.98 -10.77
N LEU B 753 -31.34 -20.21 -10.91
CA LEU B 753 -30.98 -20.72 -12.24
C LEU B 753 -32.19 -20.88 -13.15
N ILE B 754 -33.37 -21.21 -12.58
CA ILE B 754 -34.59 -21.23 -13.39
C ILE B 754 -34.89 -19.84 -13.91
N ARG B 755 -34.83 -18.85 -13.01
CA ARG B 755 -35.11 -17.47 -13.38
C ARG B 755 -34.13 -16.97 -14.44
N PHE B 756 -32.83 -17.25 -14.24
CA PHE B 756 -31.76 -16.85 -15.16
C PHE B 756 -31.85 -17.55 -16.53
N SER B 757 -32.77 -18.49 -16.74
CA SER B 757 -32.76 -19.33 -17.93
C SER B 757 -33.88 -19.08 -18.94
N ARG B 758 -34.72 -18.05 -18.76
CA ARG B 758 -35.67 -17.70 -19.82
C ARG B 758 -35.23 -16.56 -20.74
#